data_7RSX
#
_entry.id   7RSX
#
_cell.length_a   71.812
_cell.length_b   120.661
_cell.length_c   195.247
_cell.angle_alpha   90.000
_cell.angle_beta   90.000
_cell.angle_gamma   90.000
#
_symmetry.space_group_name_H-M   'P 21 21 21'
#
loop_
_entity.id
_entity.type
_entity.pdbx_description
1 polymer 'ENVELOPE GLYCOPROTEIN GP120'
2 non-polymer 2-acetamido-2-deoxy-beta-D-glucopyranose
3 non-polymer N~1~-{(1R,2R,3S)-2-(carbamimidamidomethyl)-3-[(3S)-3,4-dihydroxybutyl]-5-[(methylamino)methyl]-2,3-dihydro-1H-inden-1-yl}-N~2~-(4-chloro-3-fluorophenyl)ethanediamide
4 water water
#
_entity_poly.entity_id   1
_entity_poly.type   'polypeptide(L)'
_entity_poly.pdbx_seq_one_letter_code
;VWKEAKTTLFCASDAKAYEKEVHNVWATHACVPTDPNPQEMVLANVTENFNMWKNDMVEQMHEDIISLWDESLKPCVKLT
GGSAITQACPKVSFDPIPLHYCAPAGFAILKCNNKTFNGTGPCRNVSTVQCTHGIKPVVSTQLLLNGSLAEEEIIIRSEN
LTNNAKTIIVHLNESVNIVCTRPNNGGSGSGGNIRQAHCNINESKWNNTLQKVGEELAKHFPSKTIKFEPSSGGDLEITT
HSFNCRGEFFYCNTSDLFNGTYRNGTYNHTGRSSNGTITLQCKIKQIINMWQEVGRAIYAPPIEGEITCNSNITGLLLLR
DGGNDDNDTETFRPGGGDMRDNWRSELYKYKVVEIKHHHHHH
;
_entity_poly.pdbx_strand_id   C,B,A,D
#
loop_
_chem_comp.id
_chem_comp.type
_chem_comp.name
_chem_comp.formula
7IT non-polymer N~1~-{(1R,2R,3S)-2-(carbamimidamidomethyl)-3-[(3S)-3,4-dihydroxybutyl]-5-[(methylamino)methyl]-2,3-dihydro-1H-inden-1-yl}-N~2~-(4-chloro-3-fluorophenyl)ethanediamide 'C25 H32 Cl F N6 O4'
NAG D-saccharide, beta linking 2-acetamido-2-deoxy-beta-D-glucopyranose 'C8 H15 N O6'
#
# COMPACT_ATOMS: atom_id res chain seq x y z
N LYS A 6 -0.59 6.35 -8.03
CA LYS A 6 -0.21 5.02 -7.58
C LYS A 6 -1.37 4.04 -7.67
N THR A 7 -1.23 3.04 -8.54
CA THR A 7 -2.22 1.98 -8.69
C THR A 7 -1.54 0.80 -9.37
N THR A 8 -2.30 -0.27 -9.59
CA THR A 8 -1.81 -1.46 -10.26
C THR A 8 -2.35 -1.48 -11.69
N LEU A 9 -1.47 -1.26 -12.66
CA LEU A 9 -1.87 -1.25 -14.06
C LEU A 9 -1.93 -2.68 -14.60
N PHE A 10 -2.55 -2.82 -15.77
CA PHE A 10 -2.57 -4.10 -16.46
C PHE A 10 -2.08 -3.92 -17.89
N CYS A 11 -1.51 -4.97 -18.44
CA CYS A 11 -0.99 -4.94 -19.79
C CYS A 11 -2.04 -5.44 -20.77
N ALA A 12 -1.91 -4.97 -22.01
CA ALA A 12 -2.68 -5.44 -23.14
C ALA A 12 -1.73 -5.72 -24.29
N SER A 13 -2.06 -6.74 -25.08
CA SER A 13 -1.23 -7.10 -26.21
C SER A 13 -2.10 -7.80 -27.25
N ASP A 14 -1.54 -7.96 -28.44
CA ASP A 14 -2.13 -8.80 -29.47
C ASP A 14 -1.34 -10.09 -29.63
N ALA A 15 -0.80 -10.61 -28.53
CA ALA A 15 -0.17 -11.91 -28.55
C ALA A 15 -1.17 -12.97 -28.98
N LYS A 16 -0.70 -13.95 -29.74
CA LYS A 16 -1.55 -15.00 -30.27
C LYS A 16 -1.20 -16.32 -29.58
N ALA A 17 -2.23 -17.00 -29.07
CA ALA A 17 -2.03 -18.18 -28.25
C ALA A 17 -1.33 -19.31 -29.00
N TYR A 18 -1.38 -19.31 -30.34
CA TYR A 18 -0.76 -20.40 -31.09
C TYR A 18 0.75 -20.24 -31.23
N GLU A 19 1.32 -19.10 -30.84
CA GLU A 19 2.73 -18.84 -31.06
C GLU A 19 3.58 -19.51 -29.98
N LYS A 20 4.65 -20.19 -30.42
CA LYS A 20 5.64 -20.74 -29.52
C LYS A 20 6.61 -19.67 -29.00
N GLU A 21 6.58 -18.48 -29.58
CA GLU A 21 7.47 -17.41 -29.16
C GLU A 21 7.15 -16.97 -27.74
N VAL A 22 8.20 -16.80 -26.92
CA VAL A 22 8.02 -16.72 -25.48
C VAL A 22 7.32 -15.43 -25.05
N HIS A 23 7.53 -14.33 -25.76
CA HIS A 23 6.80 -13.10 -25.43
C HIS A 23 5.29 -13.32 -25.59
N ASN A 24 4.89 -13.98 -26.68
CA ASN A 24 3.50 -14.34 -26.87
C ASN A 24 2.99 -15.24 -25.75
N VAL A 25 3.79 -16.26 -25.40
CA VAL A 25 3.38 -17.22 -24.38
C VAL A 25 3.16 -16.52 -23.05
N TRP A 26 4.02 -15.55 -22.73
CA TRP A 26 3.87 -14.83 -21.47
C TRP A 26 2.67 -13.89 -21.51
N ALA A 27 2.50 -13.16 -22.62
CA ALA A 27 1.44 -12.15 -22.69
C ALA A 27 0.06 -12.79 -22.71
N THR A 28 -0.09 -13.93 -23.39
CA THR A 28 -1.39 -14.60 -23.41
C THR A 28 -1.84 -15.02 -22.02
N HIS A 29 -0.89 -15.34 -21.14
CA HIS A 29 -1.21 -15.71 -19.77
C HIS A 29 -1.22 -14.52 -18.82
N ALA A 30 -0.65 -13.37 -19.21
CA ALA A 30 -0.46 -12.26 -18.30
C ALA A 30 -1.14 -10.96 -18.73
N CYS A 31 -1.65 -10.87 -19.96
CA CYS A 31 -2.23 -9.62 -20.45
C CYS A 31 -3.57 -9.90 -21.12
N VAL A 32 -4.30 -8.81 -21.37
CA VAL A 32 -5.66 -8.84 -21.89
C VAL A 32 -5.60 -8.44 -23.37
N PRO A 33 -6.45 -8.98 -24.24
CA PRO A 33 -6.45 -8.56 -25.64
C PRO A 33 -6.52 -7.04 -25.78
N THR A 34 -5.81 -6.50 -26.77
CA THR A 34 -5.79 -5.06 -26.95
C THR A 34 -7.16 -4.58 -27.41
N ASP A 35 -7.58 -3.45 -26.88
CA ASP A 35 -8.90 -2.88 -27.17
C ASP A 35 -8.81 -2.02 -28.43
N PRO A 36 -9.69 -2.23 -29.43
CA PRO A 36 -9.43 -1.65 -30.75
C PRO A 36 -10.17 -0.37 -31.15
N ASN A 37 -10.77 0.39 -30.23
CA ASN A 37 -11.15 1.78 -30.54
C ASN A 37 -10.77 2.65 -29.36
N PRO A 38 -9.54 3.18 -29.37
CA PRO A 38 -9.06 4.02 -28.28
C PRO A 38 -9.56 5.44 -28.44
N GLN A 39 -10.10 6.01 -27.37
CA GLN A 39 -10.62 7.38 -27.38
C GLN A 39 -9.60 8.28 -26.70
N GLU A 40 -8.81 8.99 -27.50
CA GLU A 40 -7.88 9.98 -26.98
C GLU A 40 -8.65 11.26 -26.74
N MET A 41 -9.16 11.42 -25.52
CA MET A 41 -9.89 12.63 -25.14
C MET A 41 -8.89 13.77 -24.98
N VAL A 42 -8.75 14.58 -26.03
CA VAL A 42 -7.79 15.67 -26.03
C VAL A 42 -8.31 16.82 -25.17
N LEU A 43 -7.39 17.58 -24.57
CA LEU A 43 -7.71 18.74 -23.76
C LEU A 43 -6.72 19.85 -24.04
N ALA A 44 -7.09 21.09 -23.68
CA ALA A 44 -6.25 22.23 -24.04
C ALA A 44 -6.37 23.46 -23.14
N ASN A 45 -6.51 23.26 -21.83
CA ASN A 45 -6.06 24.26 -20.85
C ASN A 45 -5.74 23.46 -19.59
N VAL A 46 -4.45 23.33 -19.30
CA VAL A 46 -3.94 22.06 -18.81
C VAL A 46 -2.80 22.22 -17.80
N THR A 47 -1.63 22.66 -18.30
CA THR A 47 -0.32 22.15 -17.92
C THR A 47 -0.33 21.28 -16.68
N GLU A 48 0.10 20.04 -16.81
CA GLU A 48 0.47 19.34 -15.60
C GLU A 48 1.95 18.98 -15.67
N ASN A 49 2.53 18.79 -14.49
CA ASN A 49 3.95 18.51 -14.41
C ASN A 49 4.19 17.02 -14.55
N PHE A 50 5.28 16.67 -15.24
CA PHE A 50 5.68 15.30 -15.42
C PHE A 50 7.11 15.14 -14.94
N ASN A 51 7.46 13.92 -14.56
CA ASN A 51 8.84 13.59 -14.19
C ASN A 51 9.08 12.14 -14.61
N MET A 52 9.63 11.98 -15.81
CA MET A 52 9.96 10.65 -16.32
C MET A 52 10.96 9.91 -15.43
N TRP A 53 11.63 10.61 -14.51
CA TRP A 53 12.63 10.00 -13.65
C TRP A 53 12.10 9.59 -12.29
N LYS A 54 10.85 9.95 -11.97
CA LYS A 54 10.14 9.42 -10.80
C LYS A 54 8.77 8.98 -11.30
N ASN A 55 8.67 7.73 -11.77
CA ASN A 55 7.45 7.24 -12.41
C ASN A 55 7.20 5.80 -12.01
N ASP A 56 6.11 5.57 -11.28
CA ASP A 56 5.75 4.22 -10.88
C ASP A 56 5.44 3.33 -12.08
N MET A 57 4.99 3.92 -13.18
CA MET A 57 4.78 3.15 -14.42
C MET A 57 6.04 2.38 -14.80
N VAL A 58 7.19 3.03 -14.69
CA VAL A 58 8.46 2.40 -15.07
C VAL A 58 8.76 1.21 -14.18
N GLU A 59 8.50 1.33 -12.87
CA GLU A 59 8.80 0.22 -11.96
C GLU A 59 7.86 -0.95 -12.20
N GLN A 60 6.57 -0.68 -12.47
CA GLN A 60 5.66 -1.78 -12.73
C GLN A 60 6.02 -2.50 -14.02
N MET A 61 6.37 -1.75 -15.08
CA MET A 61 6.85 -2.38 -16.30
C MET A 61 8.13 -3.18 -16.06
N HIS A 62 9.03 -2.63 -15.25
CA HIS A 62 10.27 -3.30 -14.89
C HIS A 62 10.01 -4.66 -14.26
N GLU A 63 9.11 -4.68 -13.27
CA GLU A 63 8.78 -5.94 -12.59
C GLU A 63 8.17 -6.94 -13.57
N ASP A 64 7.27 -6.47 -14.44
CA ASP A 64 6.64 -7.39 -15.39
C ASP A 64 7.66 -7.97 -16.37
N ILE A 65 8.64 -7.17 -16.78
CA ILE A 65 9.65 -7.68 -17.72
C ILE A 65 10.59 -8.64 -17.01
N ILE A 66 10.92 -8.37 -15.74
CA ILE A 66 11.68 -9.34 -14.95
C ILE A 66 10.95 -10.67 -14.91
N SER A 67 9.65 -10.63 -14.65
CA SER A 67 8.85 -11.84 -14.60
C SER A 67 8.86 -12.56 -15.95
N LEU A 68 8.69 -11.80 -17.04
CA LEU A 68 8.72 -12.38 -18.38
C LEU A 68 10.03 -13.11 -18.63
N TRP A 69 11.15 -12.49 -18.25
CA TRP A 69 12.45 -13.10 -18.50
C TRP A 69 12.68 -14.32 -17.61
N ASP A 70 12.16 -14.30 -16.39
CA ASP A 70 12.33 -15.45 -15.51
C ASP A 70 11.48 -16.63 -15.94
N GLU A 71 10.32 -16.37 -16.56
CA GLU A 71 9.49 -17.46 -17.05
C GLU A 71 9.86 -17.91 -18.46
N SER A 72 10.59 -17.09 -19.22
CA SER A 72 10.84 -17.34 -20.63
C SER A 72 12.28 -17.72 -20.94
N LEU A 73 13.24 -16.93 -20.50
CA LEU A 73 14.65 -17.18 -20.81
C LEU A 73 15.33 -17.86 -19.61
N LYS A 74 14.90 -19.08 -19.36
CA LYS A 74 15.40 -19.85 -18.22
C LYS A 74 16.86 -20.22 -18.43
N PRO A 75 17.78 -19.81 -17.56
CA PRO A 75 19.18 -20.22 -17.71
C PRO A 75 19.43 -21.63 -17.18
N CYS A 76 20.43 -22.28 -17.77
CA CYS A 76 20.86 -23.58 -17.24
C CYS A 76 21.21 -23.47 -15.77
N VAL A 77 22.02 -22.47 -15.42
CA VAL A 77 22.34 -22.22 -14.02
C VAL A 77 22.01 -20.77 -13.69
N LYS A 78 21.59 -20.55 -12.45
CA LYS A 78 21.43 -19.21 -11.89
C LYS A 78 22.13 -19.20 -10.55
N LEU A 79 23.19 -18.39 -10.44
CA LEU A 79 23.93 -18.24 -9.21
C LEU A 79 23.58 -16.88 -8.61
N THR A 80 23.05 -16.91 -7.39
CA THR A 80 22.53 -15.76 -6.67
C THR A 80 23.05 -15.89 -5.23
N GLY A 81 23.95 -14.98 -4.84
CA GLY A 81 24.53 -15.02 -3.50
C GLY A 81 25.15 -16.35 -3.13
N GLY A 82 26.04 -16.85 -3.99
CA GLY A 82 26.63 -18.16 -3.78
C GLY A 82 25.67 -19.33 -3.87
N SER A 83 24.37 -19.08 -3.96
CA SER A 83 23.37 -20.13 -4.06
C SER A 83 23.09 -20.43 -5.52
N ALA A 84 23.26 -21.67 -5.94
CA ALA A 84 23.16 -22.06 -7.33
C ALA A 84 21.95 -22.94 -7.55
N ILE A 85 21.03 -22.49 -8.39
CA ILE A 85 19.87 -23.29 -8.79
C ILE A 85 19.95 -23.57 -10.28
N THR A 86 19.82 -24.84 -10.65
CA THR A 86 19.87 -25.25 -12.04
C THR A 86 18.49 -25.72 -12.49
N GLN A 87 18.26 -25.66 -13.80
CA GLN A 87 16.99 -26.07 -14.38
C GLN A 87 17.20 -26.28 -15.87
N ALA A 88 16.13 -26.68 -16.56
CA ALA A 88 16.20 -26.95 -17.99
C ALA A 88 16.36 -25.66 -18.77
N CYS A 89 17.26 -25.65 -19.74
CA CYS A 89 17.56 -24.45 -20.53
C CYS A 89 17.37 -24.73 -22.02
N PRO A 90 16.10 -24.92 -22.44
CA PRO A 90 15.85 -25.12 -23.88
C PRO A 90 16.04 -23.82 -24.65
N LYS A 91 16.46 -23.96 -25.89
CA LYS A 91 16.50 -22.82 -26.80
C LYS A 91 15.09 -22.51 -27.29
N VAL A 92 14.72 -21.23 -27.23
CA VAL A 92 13.35 -20.82 -27.46
C VAL A 92 13.31 -19.82 -28.61
N SER A 93 12.11 -19.67 -29.17
CA SER A 93 11.86 -18.64 -30.17
C SER A 93 11.58 -17.32 -29.46
N PHE A 94 12.42 -16.33 -29.69
CA PHE A 94 12.48 -15.12 -28.87
C PHE A 94 12.49 -13.89 -29.78
N ASP A 95 11.40 -13.14 -29.77
CA ASP A 95 11.29 -11.90 -30.52
C ASP A 95 10.29 -10.98 -29.81
N PRO A 96 10.76 -9.86 -29.23
CA PRO A 96 9.89 -9.05 -28.38
C PRO A 96 8.66 -8.52 -29.12
N ILE A 97 7.57 -8.42 -28.37
CA ILE A 97 6.29 -7.96 -28.92
C ILE A 97 5.88 -6.71 -28.14
N PRO A 98 5.05 -5.85 -28.73
CA PRO A 98 4.61 -4.65 -28.02
C PRO A 98 3.67 -4.97 -26.87
N LEU A 99 3.78 -4.18 -25.80
CA LEU A 99 2.89 -4.27 -24.65
C LEU A 99 2.35 -2.88 -24.38
N HIS A 100 1.02 -2.74 -24.41
CA HIS A 100 0.37 -1.54 -23.94
C HIS A 100 0.15 -1.63 -22.44
N TYR A 101 0.35 -0.53 -21.73
CA TYR A 101 0.08 -0.48 -20.31
C TYR A 101 -1.15 0.40 -20.05
N CYS A 102 -2.01 -0.05 -19.14
CA CYS A 102 -3.36 0.49 -19.00
C CYS A 102 -3.76 0.68 -17.54
N ALA A 103 -4.44 1.80 -17.28
CA ALA A 103 -5.01 2.15 -15.98
C ALA A 103 -6.36 1.47 -15.80
N PRO A 104 -6.66 0.96 -14.60
CA PRO A 104 -7.90 0.21 -14.38
C PRO A 104 -9.15 1.08 -14.36
N ALA A 105 -10.25 0.50 -13.89
CA ALA A 105 -11.53 1.21 -13.87
C ALA A 105 -11.46 2.44 -12.99
N GLY A 106 -11.80 3.59 -13.56
CA GLY A 106 -11.85 4.83 -12.81
C GLY A 106 -10.57 5.63 -12.82
N PHE A 107 -9.45 5.05 -13.25
CA PHE A 107 -8.18 5.75 -13.34
C PHE A 107 -7.82 5.94 -14.80
N ALA A 108 -7.03 6.97 -15.10
CA ALA A 108 -6.74 7.37 -16.48
C ALA A 108 -5.24 7.50 -16.68
N ILE A 109 -4.84 7.57 -17.95
CA ILE A 109 -3.46 7.84 -18.34
C ILE A 109 -3.46 9.13 -19.13
N LEU A 110 -3.00 10.22 -18.52
CA LEU A 110 -2.82 11.45 -19.27
C LEU A 110 -1.50 11.40 -20.03
N LYS A 111 -1.44 12.08 -21.16
CA LYS A 111 -0.30 11.95 -22.06
C LYS A 111 0.11 13.32 -22.56
N CYS A 112 1.41 13.62 -22.49
CA CYS A 112 1.92 14.87 -23.03
C CYS A 112 2.21 14.70 -24.52
N ASN A 113 1.73 15.64 -25.34
CA ASN A 113 1.92 15.59 -26.78
C ASN A 113 2.84 16.67 -27.30
N ASN A 114 3.40 17.51 -26.44
CA ASN A 114 4.46 18.42 -26.87
C ASN A 114 5.66 17.59 -27.28
N LYS A 115 5.95 17.56 -28.58
CA LYS A 115 6.97 16.65 -29.09
C LYS A 115 8.38 17.23 -29.01
N THR A 116 8.55 18.35 -28.30
CA THR A 116 9.85 18.79 -27.83
C THR A 116 10.02 18.54 -26.34
N PHE A 117 9.03 17.90 -25.70
CA PHE A 117 9.02 17.75 -24.25
C PHE A 117 10.20 16.89 -23.79
N ASN A 118 10.94 17.42 -22.83
CA ASN A 118 12.16 16.78 -22.34
C ASN A 118 11.88 15.57 -21.47
N GLY A 119 10.82 15.61 -20.66
CA GLY A 119 10.55 14.54 -19.73
C GLY A 119 10.26 14.99 -18.31
N THR A 120 10.85 16.13 -17.90
CA THR A 120 10.60 16.71 -16.58
C THR A 120 10.15 18.14 -16.74
N GLY A 121 9.04 18.49 -16.09
CA GLY A 121 8.54 19.85 -16.10
C GLY A 121 7.10 19.93 -16.55
N PRO A 122 6.63 21.15 -16.80
CA PRO A 122 5.23 21.35 -17.19
C PRO A 122 4.98 21.00 -18.65
N CYS A 123 3.77 20.49 -18.93
CA CYS A 123 3.39 20.21 -20.31
C CYS A 123 1.96 20.65 -20.58
N ARG A 124 1.74 21.01 -21.85
CA ARG A 124 0.74 21.98 -22.29
C ARG A 124 -0.24 21.48 -23.34
N ASN A 125 0.03 20.38 -24.02
CA ASN A 125 -0.88 19.80 -25.00
C ASN A 125 -1.03 18.33 -24.62
N VAL A 126 -1.82 18.09 -23.56
CA VAL A 126 -1.95 16.76 -22.99
C VAL A 126 -3.34 16.22 -23.30
N SER A 127 -3.38 14.95 -23.66
CA SER A 127 -4.61 14.21 -23.92
C SER A 127 -4.82 13.19 -22.81
N THR A 128 -5.91 12.43 -22.93
CA THR A 128 -6.22 11.37 -21.97
C THR A 128 -6.55 10.11 -22.73
N VAL A 129 -5.96 8.99 -22.31
CA VAL A 129 -6.25 7.67 -22.85
C VAL A 129 -6.37 6.70 -21.68
N GLN A 130 -6.67 5.44 -22.00
CA GLN A 130 -6.66 4.38 -21.00
C GLN A 130 -5.46 3.46 -21.11
N CYS A 131 -4.78 3.43 -22.27
CA CYS A 131 -3.61 2.60 -22.49
C CYS A 131 -2.55 3.38 -23.28
N THR A 132 -1.29 3.09 -22.97
CA THR A 132 -0.17 3.63 -23.73
C THR A 132 -0.10 2.97 -25.10
N HIS A 133 0.84 3.44 -25.92
CA HIS A 133 1.12 2.80 -27.20
C HIS A 133 1.83 1.46 -26.97
N GLY A 134 2.02 0.73 -28.06
CA GLY A 134 2.70 -0.55 -27.99
C GLY A 134 4.18 -0.36 -27.71
N ILE A 135 4.68 -0.97 -26.64
CA ILE A 135 6.06 -0.82 -26.20
C ILE A 135 6.71 -2.19 -26.19
N LYS A 136 7.72 -2.37 -27.04
CA LYS A 136 8.45 -3.63 -27.02
C LYS A 136 9.51 -3.59 -25.92
N PRO A 137 9.54 -4.58 -25.02
CA PRO A 137 10.55 -4.60 -23.95
C PRO A 137 11.91 -5.10 -24.43
N VAL A 138 12.65 -4.22 -25.10
CA VAL A 138 13.95 -4.55 -25.63
C VAL A 138 15.01 -4.27 -24.56
N VAL A 139 15.70 -5.31 -24.14
CA VAL A 139 16.75 -5.21 -23.12
C VAL A 139 18.07 -5.02 -23.83
N SER A 140 18.77 -3.92 -23.53
CA SER A 140 20.04 -3.62 -24.17
C SER A 140 20.73 -2.51 -23.39
N THR A 141 22.00 -2.30 -23.73
CA THR A 141 22.79 -1.21 -23.18
C THR A 141 23.31 -0.33 -24.30
N GLN A 142 23.72 0.89 -23.92
CA GLN A 142 24.36 1.85 -24.82
C GLN A 142 23.42 2.35 -25.91
N LEU A 143 22.96 1.47 -26.79
CA LEU A 143 22.04 1.84 -27.86
C LEU A 143 20.64 1.31 -27.55
N LEU A 144 19.64 2.17 -27.68
CA LEU A 144 18.24 1.76 -27.55
C LEU A 144 17.70 1.36 -28.91
N LEU A 145 17.02 0.22 -28.96
CA LEU A 145 16.61 -0.40 -30.22
C LEU A 145 15.09 -0.49 -30.32
N ASN A 146 14.58 -0.26 -31.53
CA ASN A 146 13.18 -0.48 -31.88
C ASN A 146 12.21 0.37 -31.07
N GLY A 147 12.64 1.53 -30.60
CA GLY A 147 11.76 2.39 -29.84
C GLY A 147 10.88 3.24 -30.73
N SER A 148 10.26 4.24 -30.13
CA SER A 148 9.59 5.29 -30.87
C SER A 148 10.56 6.43 -31.11
N LEU A 149 10.51 6.99 -32.31
CA LEU A 149 11.36 8.13 -32.63
C LEU A 149 10.68 9.43 -32.23
N ALA A 150 11.49 10.42 -31.89
CA ALA A 150 10.97 11.77 -31.76
C ALA A 150 10.45 12.23 -33.12
N GLU A 151 9.33 12.96 -33.11
CA GLU A 151 8.81 13.44 -34.39
C GLU A 151 9.61 14.64 -34.87
N GLU A 152 9.65 15.72 -34.10
CA GLU A 152 10.33 16.92 -34.54
C GLU A 152 11.84 16.71 -34.45
N GLU A 153 12.48 17.19 -33.38
CA GLU A 153 13.92 17.19 -33.26
C GLU A 153 14.38 16.22 -32.18
N ILE A 154 15.61 15.71 -32.33
CA ILE A 154 16.28 14.92 -31.31
C ILE A 154 16.20 15.65 -29.97
N ILE A 155 15.86 14.90 -28.92
CA ILE A 155 15.64 15.49 -27.60
C ILE A 155 16.66 14.90 -26.63
N ILE A 156 17.15 15.73 -25.71
CA ILE A 156 18.05 15.30 -24.65
C ILE A 156 17.27 15.25 -23.35
N ARG A 157 17.27 14.10 -22.69
CA ARG A 157 16.55 13.86 -21.46
C ARG A 157 17.53 13.50 -20.35
N SER A 158 17.32 14.07 -19.17
CA SER A 158 18.21 13.82 -18.05
C SER A 158 17.51 14.22 -16.76
N GLU A 159 17.70 13.42 -15.72
CA GLU A 159 17.22 13.80 -14.40
C GLU A 159 17.90 15.09 -13.93
N ASN A 160 19.17 15.24 -14.24
CA ASN A 160 19.89 16.50 -14.01
C ASN A 160 21.10 16.52 -14.94
N LEU A 161 21.06 17.37 -15.96
CA LEU A 161 22.12 17.40 -16.95
C LEU A 161 23.46 17.86 -16.40
N THR A 162 23.50 18.44 -15.19
CA THR A 162 24.76 18.86 -14.61
C THR A 162 25.40 17.78 -13.74
N ASN A 163 24.62 16.87 -13.17
CA ASN A 163 25.19 15.73 -12.47
C ASN A 163 25.68 14.73 -13.51
N ASN A 164 27.01 14.60 -13.62
CA ASN A 164 27.60 13.69 -14.59
C ASN A 164 27.18 12.25 -14.33
N ALA A 165 26.82 11.91 -13.09
CA ALA A 165 26.46 10.55 -12.74
C ALA A 165 25.05 10.17 -13.15
N LYS A 166 24.22 11.13 -13.56
CA LYS A 166 22.88 10.83 -14.01
C LYS A 166 22.89 10.43 -15.48
N THR A 167 22.25 9.31 -15.79
CA THR A 167 22.22 8.80 -17.16
C THR A 167 21.51 9.79 -18.08
N ILE A 168 22.07 9.99 -19.27
CA ILE A 168 21.49 10.85 -20.30
C ILE A 168 20.83 9.97 -21.35
N ILE A 169 19.58 10.27 -21.68
CA ILE A 169 18.87 9.61 -22.77
C ILE A 169 18.83 10.58 -23.95
N VAL A 170 19.25 10.10 -25.12
CA VAL A 170 19.18 10.88 -26.35
C VAL A 170 18.09 10.24 -27.19
N HIS A 171 16.94 10.92 -27.30
CA HIS A 171 15.82 10.44 -28.09
C HIS A 171 16.03 10.89 -29.52
N LEU A 172 16.40 9.94 -30.38
CA LEU A 172 16.75 10.21 -31.76
C LEU A 172 15.50 10.53 -32.58
N ASN A 173 15.71 10.72 -33.87
CA ASN A 173 14.72 11.33 -34.74
C ASN A 173 14.48 10.45 -35.96
N GLU A 174 15.56 9.96 -36.57
CA GLU A 174 15.50 8.98 -37.64
C GLU A 174 16.36 7.80 -37.24
N SER A 175 15.80 6.61 -37.34
CA SER A 175 16.50 5.42 -36.88
C SER A 175 17.75 5.16 -37.70
N VAL A 176 18.79 4.68 -37.03
CA VAL A 176 20.01 4.23 -37.71
C VAL A 176 19.97 2.71 -37.74
N ASN A 177 19.88 2.12 -38.92
CA ASN A 177 19.83 0.68 -39.02
C ASN A 177 21.16 0.07 -38.60
N ILE A 178 21.10 -0.90 -37.69
CA ILE A 178 22.26 -1.68 -37.28
C ILE A 178 21.93 -3.15 -37.51
N VAL A 179 22.80 -3.86 -38.21
CA VAL A 179 22.54 -5.26 -38.54
C VAL A 179 23.58 -6.13 -37.87
N CYS A 180 23.12 -7.05 -37.02
CA CYS A 180 23.98 -7.87 -36.18
C CYS A 180 23.85 -9.34 -36.55
N THR A 181 24.99 -9.99 -36.82
CA THR A 181 24.94 -11.37 -37.27
C THR A 181 26.15 -12.16 -36.79
N ARG A 182 25.90 -13.43 -36.50
CA ARG A 182 26.92 -14.47 -36.52
C ARG A 182 26.64 -15.37 -37.71
N PRO A 183 27.60 -15.53 -38.61
CA PRO A 183 27.37 -16.28 -39.85
C PRO A 183 27.37 -17.79 -39.60
N ASN A 184 27.04 -18.53 -40.66
CA ASN A 184 26.94 -19.98 -40.59
C ASN A 184 28.32 -20.62 -40.49
N ASN A 193 35.35 -20.11 -35.17
CA ASN A 193 34.75 -19.83 -33.86
C ASN A 193 33.23 -19.69 -33.99
N ILE A 194 32.51 -20.44 -33.15
CA ILE A 194 31.04 -20.41 -33.19
C ILE A 194 30.44 -19.26 -32.41
N ARG A 195 31.24 -18.54 -31.61
CA ARG A 195 30.74 -17.46 -30.78
C ARG A 195 31.15 -16.09 -31.31
N GLN A 196 31.71 -16.02 -32.51
CA GLN A 196 32.22 -14.78 -33.08
C GLN A 196 31.19 -14.19 -34.03
N ALA A 197 30.90 -12.90 -33.86
CA ALA A 197 29.87 -12.23 -34.64
C ALA A 197 30.29 -10.78 -34.89
N HIS A 198 29.46 -10.05 -35.63
CA HIS A 198 29.79 -8.68 -36.02
C HIS A 198 28.53 -7.95 -36.45
N CYS A 199 28.60 -6.62 -36.44
CA CYS A 199 27.46 -5.78 -36.77
C CYS A 199 27.87 -4.63 -37.68
N ASN A 200 27.04 -4.37 -38.70
CA ASN A 200 27.30 -3.31 -39.68
C ASN A 200 26.40 -2.12 -39.42
N ILE A 201 26.99 -0.92 -39.52
CA ILE A 201 26.31 0.36 -39.42
C ILE A 201 26.80 1.24 -40.58
N ASN A 202 25.87 1.94 -41.22
CA ASN A 202 26.24 2.88 -42.26
C ASN A 202 26.93 4.08 -41.63
N GLU A 203 28.17 4.35 -42.04
CA GLU A 203 28.96 5.37 -41.38
C GLU A 203 28.46 6.78 -41.67
N SER A 204 27.87 7.01 -42.84
CA SER A 204 27.38 8.35 -43.17
C SER A 204 26.20 8.74 -42.29
N LYS A 205 25.25 7.82 -42.09
CA LYS A 205 24.11 8.13 -41.23
C LYS A 205 24.56 8.26 -39.78
N TRP A 206 25.52 7.46 -39.34
CA TRP A 206 26.04 7.61 -37.98
C TRP A 206 26.71 8.97 -37.82
N ASN A 207 27.48 9.40 -38.81
CA ASN A 207 28.09 10.73 -38.79
C ASN A 207 27.03 11.81 -38.68
N ASN A 208 25.96 11.70 -39.47
CA ASN A 208 24.88 12.67 -39.44
C ASN A 208 24.22 12.72 -38.06
N THR A 209 23.82 11.56 -37.54
CA THR A 209 23.16 11.51 -36.24
C THR A 209 24.04 12.04 -35.13
N LEU A 210 25.33 11.70 -35.18
CA LEU A 210 26.23 12.20 -34.13
C LEU A 210 26.47 13.69 -34.28
N GLN A 211 26.41 14.22 -35.51
CA GLN A 211 26.48 15.67 -35.65
C GLN A 211 25.27 16.35 -35.02
N LYS A 212 24.08 15.78 -35.23
CA LYS A 212 22.88 16.39 -34.63
C LYS A 212 22.90 16.27 -33.11
N VAL A 213 23.33 15.12 -32.58
CA VAL A 213 23.40 14.94 -31.14
C VAL A 213 24.44 15.89 -30.55
N GLY A 214 25.59 16.04 -31.21
CA GLY A 214 26.57 17.00 -30.76
C GLY A 214 26.06 18.42 -30.81
N GLU A 215 25.27 18.75 -31.84
CA GLU A 215 24.66 20.07 -31.94
C GLU A 215 23.78 20.36 -30.73
N GLU A 216 22.88 19.44 -30.39
CA GLU A 216 21.97 19.74 -29.29
C GLU A 216 22.65 19.66 -27.92
N LEU A 217 23.58 18.73 -27.74
CA LEU A 217 24.38 18.74 -26.52
C LEU A 217 25.26 19.98 -26.41
N ALA A 218 25.61 20.59 -27.55
CA ALA A 218 26.35 21.85 -27.54
C ALA A 218 25.45 23.01 -27.16
N LYS A 219 24.19 22.98 -27.57
CA LYS A 219 23.28 24.01 -27.09
C LYS A 219 22.99 23.83 -25.60
N HIS A 220 23.12 22.60 -25.08
CA HIS A 220 22.97 22.41 -23.64
C HIS A 220 24.26 22.63 -22.86
N PHE A 221 25.43 22.57 -23.52
CA PHE A 221 26.71 22.83 -22.85
C PHE A 221 27.43 23.95 -23.61
N PRO A 222 27.76 25.08 -22.93
CA PRO A 222 27.98 26.36 -23.62
C PRO A 222 28.47 26.23 -25.06
N SER A 223 29.79 26.10 -25.21
CA SER A 223 30.35 25.59 -26.46
C SER A 223 31.80 25.18 -26.26
N LYS A 224 32.03 24.19 -25.40
CA LYS A 224 33.27 23.44 -25.41
C LYS A 224 33.19 22.35 -26.48
N THR A 225 34.36 21.96 -26.97
CA THR A 225 34.41 20.82 -27.87
C THR A 225 33.78 19.61 -27.19
N ILE A 226 33.06 18.80 -27.96
CA ILE A 226 32.22 17.74 -27.41
C ILE A 226 32.70 16.41 -27.97
N LYS A 227 33.39 15.62 -27.15
CA LYS A 227 34.01 14.39 -27.61
C LYS A 227 33.17 13.18 -27.22
N PHE A 228 33.09 12.22 -28.14
CA PHE A 228 32.47 10.92 -27.91
C PHE A 228 33.57 9.88 -27.80
N GLU A 229 33.59 9.13 -26.70
CA GLU A 229 34.60 8.13 -26.43
C GLU A 229 33.93 6.85 -25.94
N PRO A 230 34.63 5.72 -26.00
CA PRO A 230 34.03 4.46 -25.54
C PRO A 230 33.91 4.40 -24.03
N SER A 231 33.13 3.43 -23.57
CA SER A 231 32.82 3.29 -22.15
C SER A 231 34.07 3.06 -21.33
N SER A 232 34.14 3.73 -20.17
CA SER A 232 35.29 3.65 -19.27
C SER A 232 35.61 2.21 -18.90
N GLY A 233 34.87 1.65 -17.95
CA GLY A 233 35.11 0.30 -17.53
C GLY A 233 33.90 -0.27 -16.80
N GLY A 234 34.10 -1.44 -16.20
CA GLY A 234 33.03 -2.12 -15.51
C GLY A 234 32.72 -3.46 -16.14
N ASP A 235 31.53 -3.99 -15.87
CA ASP A 235 31.14 -5.28 -16.45
C ASP A 235 30.91 -5.15 -17.95
N LEU A 236 31.18 -6.24 -18.66
CA LEU A 236 31.10 -6.21 -20.12
C LEU A 236 29.72 -5.80 -20.61
N GLU A 237 28.68 -6.11 -19.83
CA GLU A 237 27.32 -5.77 -20.24
C GLU A 237 27.17 -4.28 -20.48
N ILE A 238 27.90 -3.45 -19.75
CA ILE A 238 27.80 -1.99 -19.93
C ILE A 238 28.98 -1.40 -20.70
N THR A 239 30.15 -2.05 -20.69
CA THR A 239 31.27 -1.54 -21.49
C THR A 239 31.07 -1.79 -22.97
N THR A 240 30.23 -2.75 -23.34
CA THR A 240 29.89 -3.02 -24.72
C THR A 240 28.41 -2.80 -24.93
N HIS A 241 28.02 -2.64 -26.19
CA HIS A 241 26.62 -2.73 -26.59
C HIS A 241 26.19 -4.18 -26.43
N SER A 242 25.51 -4.50 -25.34
CA SER A 242 25.04 -5.85 -25.09
C SER A 242 23.53 -5.91 -25.29
N PHE A 243 23.07 -6.98 -25.91
CA PHE A 243 21.65 -7.15 -26.20
C PHE A 243 21.38 -8.64 -26.40
N ASN A 244 20.12 -8.97 -26.63
CA ASN A 244 19.69 -10.34 -26.87
C ASN A 244 19.03 -10.43 -28.24
N CYS A 245 19.46 -11.41 -29.02
CA CYS A 245 18.95 -11.63 -30.38
C CYS A 245 18.63 -13.11 -30.53
N ARG A 246 17.36 -13.43 -30.76
CA ARG A 246 16.89 -14.81 -30.93
C ARG A 246 17.35 -15.70 -29.77
N GLY A 247 17.40 -15.12 -28.57
CA GLY A 247 17.78 -15.83 -27.38
C GLY A 247 19.25 -15.74 -27.03
N GLU A 248 20.12 -15.50 -28.02
CA GLU A 248 21.54 -15.48 -27.75
C GLU A 248 21.98 -14.11 -27.27
N PHE A 249 22.97 -14.09 -26.38
CA PHE A 249 23.43 -12.88 -25.73
C PHE A 249 24.65 -12.33 -26.47
N PHE A 250 24.44 -11.22 -27.19
CA PHE A 250 25.46 -10.56 -27.97
C PHE A 250 26.12 -9.46 -27.15
N TYR A 251 27.45 -9.46 -27.13
CA TYR A 251 28.26 -8.37 -26.55
C TYR A 251 29.10 -7.79 -27.68
N CYS A 252 28.80 -6.57 -28.09
CA CYS A 252 29.36 -5.95 -29.28
C CYS A 252 30.19 -4.73 -28.92
N ASN A 253 31.38 -4.64 -29.51
CA ASN A 253 32.36 -3.61 -29.17
C ASN A 253 32.03 -2.30 -29.87
N THR A 254 31.90 -1.22 -29.11
CA THR A 254 31.55 0.09 -29.65
C THR A 254 32.70 1.08 -29.63
N SER A 255 33.95 0.61 -29.57
CA SER A 255 35.08 1.54 -29.50
C SER A 255 35.24 2.31 -30.80
N ASP A 256 34.90 1.70 -31.94
CA ASP A 256 34.92 2.39 -33.23
C ASP A 256 33.61 3.06 -33.56
N LEU A 257 32.74 3.26 -32.57
CA LEU A 257 31.40 3.80 -32.83
C LEU A 257 31.14 5.05 -32.01
N PHE A 258 31.37 4.97 -30.70
CA PHE A 258 31.33 6.15 -29.83
C PHE A 258 32.74 6.72 -29.81
N ASN A 259 33.03 7.54 -30.82
CA ASN A 259 34.40 7.94 -31.09
C ASN A 259 34.44 9.09 -32.09
N GLY A 260 34.41 10.31 -31.59
CA GLY A 260 34.45 11.46 -32.48
C GLY A 260 34.65 12.72 -31.68
N THR A 261 34.76 13.83 -32.41
CA THR A 261 34.94 15.14 -31.79
C THR A 261 34.04 16.14 -32.50
N TYR A 262 33.18 16.81 -31.75
CA TYR A 262 32.33 17.87 -32.27
C TYR A 262 33.01 19.19 -31.95
N ARG A 263 33.55 19.82 -32.98
CA ARG A 263 34.28 21.07 -32.90
C ARG A 263 33.87 21.90 -34.10
N ASN A 264 33.94 23.22 -33.97
CA ASN A 264 33.65 24.16 -35.05
C ASN A 264 32.20 24.13 -35.51
N GLY A 265 31.31 23.48 -34.76
CA GLY A 265 29.97 23.23 -35.25
C GLY A 265 29.88 22.10 -36.26
N THR A 266 30.91 21.27 -36.37
CA THR A 266 30.92 20.10 -37.22
C THR A 266 31.41 18.89 -36.42
N TYR A 267 30.96 17.72 -36.84
CA TYR A 267 31.31 16.47 -36.17
C TYR A 267 32.33 15.69 -37.00
N ASN A 268 33.44 15.33 -36.37
CA ASN A 268 34.52 14.57 -36.99
C ASN A 268 34.55 13.18 -36.36
N HIS A 269 34.17 12.17 -37.12
CA HIS A 269 34.25 10.79 -36.65
C HIS A 269 35.66 10.26 -36.90
N THR A 270 36.26 9.66 -35.85
CA THR A 270 37.62 9.15 -35.96
C THR A 270 37.70 7.69 -35.54
N GLY A 271 36.59 6.95 -35.67
CA GLY A 271 36.63 5.50 -35.55
C GLY A 271 36.90 4.84 -36.89
N ARG A 272 37.39 3.61 -36.84
CA ARG A 272 37.80 2.93 -38.06
C ARG A 272 36.58 2.51 -38.88
N SER A 273 36.62 2.81 -40.17
CA SER A 273 35.60 2.40 -41.12
C SER A 273 36.27 1.70 -42.30
N SER A 274 35.44 1.17 -43.20
CA SER A 274 35.93 0.55 -44.42
C SER A 274 34.76 0.41 -45.38
N ASN A 275 34.99 0.79 -46.64
CA ASN A 275 33.96 0.76 -47.68
C ASN A 275 32.70 1.53 -47.27
N GLY A 276 32.83 2.47 -46.33
CA GLY A 276 31.72 3.26 -45.87
C GLY A 276 30.87 2.63 -44.77
N THR A 277 31.42 1.65 -44.05
CA THR A 277 30.65 0.91 -43.06
C THR A 277 31.50 0.70 -41.81
N ILE A 278 30.91 0.93 -40.64
CA ILE A 278 31.53 0.58 -39.37
C ILE A 278 31.02 -0.79 -38.95
N THR A 279 31.95 -1.70 -38.65
CA THR A 279 31.58 -3.04 -38.21
C THR A 279 32.13 -3.26 -36.80
N LEU A 280 31.24 -3.61 -35.88
CA LEU A 280 31.61 -3.91 -34.51
C LEU A 280 31.87 -5.41 -34.36
N GLN A 281 32.90 -5.74 -33.60
CA GLN A 281 33.25 -7.13 -33.29
C GLN A 281 32.51 -7.56 -32.03
N CYS A 282 31.90 -8.75 -32.07
CA CYS A 282 31.01 -9.21 -31.01
C CYS A 282 31.32 -10.64 -30.62
N LYS A 283 31.08 -10.92 -29.34
CA LYS A 283 31.13 -12.27 -28.81
C LYS A 283 29.74 -12.64 -28.29
N ILE A 284 29.33 -13.88 -28.54
CA ILE A 284 28.13 -14.43 -27.93
C ILE A 284 28.54 -15.12 -26.64
N LYS A 285 27.93 -14.72 -25.54
CA LYS A 285 28.35 -15.20 -24.23
C LYS A 285 27.29 -16.13 -23.64
N GLN A 286 27.76 -17.01 -22.75
CA GLN A 286 26.90 -17.89 -21.96
C GLN A 286 26.79 -17.46 -20.50
N ILE A 287 27.89 -16.99 -19.91
CA ILE A 287 27.85 -16.42 -18.57
C ILE A 287 27.48 -14.95 -18.69
N ILE A 288 26.39 -14.56 -18.03
CA ILE A 288 25.81 -13.22 -18.16
C ILE A 288 25.63 -12.64 -16.76
N ASN A 289 26.10 -11.42 -16.57
CA ASN A 289 25.70 -10.65 -15.40
C ASN A 289 24.26 -10.19 -15.59
N MET A 290 23.37 -10.65 -14.72
CA MET A 290 21.95 -10.36 -14.89
C MET A 290 21.67 -8.87 -14.72
N TRP A 291 20.60 -8.41 -15.36
CA TRP A 291 20.07 -7.07 -15.14
C TRP A 291 18.90 -7.06 -14.18
N GLN A 292 18.17 -8.17 -14.07
CA GLN A 292 17.04 -8.24 -13.16
C GLN A 292 17.50 -8.21 -11.70
N GLU A 293 18.66 -8.82 -11.42
CA GLU A 293 19.13 -9.02 -10.06
C GLU A 293 20.65 -8.95 -10.08
N VAL A 294 21.25 -8.93 -8.88
CA VAL A 294 22.69 -9.03 -8.74
C VAL A 294 23.02 -10.51 -8.70
N GLY A 295 23.49 -11.05 -9.82
CA GLY A 295 23.82 -12.45 -9.91
C GLY A 295 24.22 -12.79 -11.32
N ARG A 296 24.54 -14.07 -11.52
CA ARG A 296 25.02 -14.52 -12.81
C ARG A 296 24.15 -15.66 -13.32
N ALA A 297 23.93 -15.67 -14.63
CA ALA A 297 23.17 -16.71 -15.30
C ALA A 297 24.06 -17.41 -16.31
N ILE A 298 23.93 -18.73 -16.42
CA ILE A 298 24.68 -19.50 -17.40
C ILE A 298 23.70 -20.18 -18.33
N TYR A 299 23.86 -19.90 -19.62
CA TYR A 299 23.05 -20.41 -20.71
C TYR A 299 23.82 -21.44 -21.51
N ALA A 300 23.15 -22.04 -22.47
CA ALA A 300 23.73 -23.11 -23.27
C ALA A 300 24.49 -22.53 -24.46
N PRO A 301 25.42 -23.31 -25.02
CA PRO A 301 26.12 -22.87 -26.23
C PRO A 301 25.15 -22.39 -27.29
N PRO A 302 25.58 -21.49 -28.15
CA PRO A 302 24.66 -20.89 -29.13
C PRO A 302 24.12 -21.92 -30.11
N ILE A 303 23.01 -21.57 -30.76
CA ILE A 303 22.36 -22.47 -31.70
C ILE A 303 23.18 -22.55 -32.97
N GLU A 304 22.83 -23.51 -33.83
CA GLU A 304 23.46 -23.60 -35.14
C GLU A 304 22.72 -22.69 -36.12
N GLY A 305 23.44 -22.30 -37.17
CA GLY A 305 22.86 -21.51 -38.24
C GLY A 305 23.32 -20.06 -38.21
N GLU A 306 22.66 -19.25 -39.02
CA GLU A 306 22.98 -17.83 -39.15
C GLU A 306 22.06 -17.03 -38.22
N ILE A 307 22.64 -16.45 -37.18
CA ILE A 307 21.88 -15.76 -36.14
C ILE A 307 22.02 -14.26 -36.37
N THR A 308 20.96 -13.58 -36.82
CA THR A 308 21.07 -12.15 -37.06
C THR A 308 19.77 -11.41 -36.78
N CYS A 309 19.92 -10.23 -36.20
CA CYS A 309 18.83 -9.29 -35.99
C CYS A 309 19.11 -8.00 -36.76
N ASN A 310 18.05 -7.46 -37.36
CA ASN A 310 18.09 -6.26 -38.18
C ASN A 310 17.33 -5.18 -37.40
N SER A 311 18.04 -4.33 -36.66
CA SER A 311 17.40 -3.47 -35.69
C SER A 311 17.55 -2.00 -36.05
N ASN A 312 16.67 -1.18 -35.48
CA ASN A 312 16.69 0.27 -35.64
C ASN A 312 17.21 0.89 -34.35
N ILE A 313 18.38 1.54 -34.42
CA ILE A 313 18.81 2.39 -33.32
C ILE A 313 17.88 3.61 -33.29
N THR A 314 17.21 3.80 -32.16
CA THR A 314 16.27 4.89 -31.98
C THR A 314 16.62 5.82 -30.83
N GLY A 315 17.68 5.51 -30.08
CA GLY A 315 18.06 6.32 -28.95
C GLY A 315 19.42 5.92 -28.42
N LEU A 316 19.93 6.75 -27.52
CA LEU A 316 21.27 6.59 -26.97
C LEU A 316 21.24 6.74 -25.45
N LEU A 317 22.12 6.00 -24.77
CA LEU A 317 22.31 6.10 -23.32
C LEU A 317 23.74 6.52 -23.06
N LEU A 318 23.92 7.76 -22.57
CA LEU A 318 25.25 8.34 -22.42
C LEU A 318 25.52 8.75 -20.98
N LEU A 319 26.81 8.94 -20.70
CA LEU A 319 27.31 9.38 -19.40
C LEU A 319 28.44 10.37 -19.64
N ARG A 320 28.35 11.52 -18.98
CA ARG A 320 29.37 12.56 -19.07
C ARG A 320 30.32 12.43 -17.89
N ASP A 321 31.55 12.87 -18.07
CA ASP A 321 32.56 12.74 -17.02
C ASP A 321 32.48 13.89 -16.01
N ASP A 328 37.58 22.76 -20.26
CA ASP A 328 38.01 22.86 -21.65
C ASP A 328 37.03 22.18 -22.61
N THR A 329 36.52 21.01 -22.21
CA THR A 329 35.72 20.20 -23.11
C THR A 329 35.05 19.08 -22.33
N GLU A 330 33.93 18.59 -22.86
CA GLU A 330 33.10 17.58 -22.21
C GLU A 330 33.08 16.32 -23.05
N THR A 331 33.25 15.17 -22.40
CA THR A 331 33.30 13.87 -23.07
C THR A 331 32.09 13.03 -22.67
N PHE A 332 31.44 12.44 -23.67
CA PHE A 332 30.29 11.57 -23.47
C PHE A 332 30.63 10.15 -23.87
N ARG A 333 30.20 9.19 -23.04
CA ARG A 333 30.50 7.79 -23.27
C ARG A 333 29.23 6.97 -23.21
N PRO A 334 29.19 5.81 -23.87
CA PRO A 334 27.99 4.97 -23.83
C PRO A 334 27.76 4.43 -22.43
N GLY A 335 26.53 4.61 -21.94
CA GLY A 335 26.15 4.11 -20.63
C GLY A 335 25.20 2.94 -20.73
N GLY A 336 24.23 2.88 -19.83
CA GLY A 336 23.29 1.79 -19.75
C GLY A 336 23.55 0.91 -18.53
N GLY A 337 22.72 -0.12 -18.41
CA GLY A 337 22.82 -1.04 -17.30
C GLY A 337 21.50 -1.19 -16.54
N ASP A 338 20.87 -0.06 -16.23
CA ASP A 338 19.58 -0.04 -15.56
C ASP A 338 18.50 -0.05 -16.63
N MET A 339 17.89 -1.22 -16.88
CA MET A 339 16.85 -1.35 -17.89
C MET A 339 15.64 -0.46 -17.61
N ARG A 340 15.51 0.03 -16.37
CA ARG A 340 14.46 1.00 -16.08
C ARG A 340 14.58 2.22 -16.96
N ASP A 341 15.82 2.64 -17.30
CA ASP A 341 15.99 3.75 -18.21
C ASP A 341 15.54 3.38 -19.62
N ASN A 342 15.79 2.14 -20.03
CA ASN A 342 15.22 1.65 -21.29
C ASN A 342 13.71 1.79 -21.29
N TRP A 343 13.07 1.55 -20.15
CA TRP A 343 11.62 1.72 -20.10
C TRP A 343 11.22 3.20 -20.09
N ARG A 344 11.96 4.03 -19.36
CA ARG A 344 11.68 5.47 -19.33
C ARG A 344 11.76 6.08 -20.73
N SER A 345 12.67 5.57 -21.57
CA SER A 345 12.84 6.16 -22.89
C SER A 345 11.56 6.08 -23.72
N GLU A 346 10.72 5.07 -23.48
CA GLU A 346 9.43 4.99 -24.14
C GLU A 346 8.27 5.41 -23.23
N LEU A 347 8.52 5.53 -21.93
CA LEU A 347 7.56 6.10 -20.99
C LEU A 347 8.06 7.44 -20.44
N TYR A 348 8.75 8.24 -21.26
CA TYR A 348 9.08 9.59 -20.85
C TYR A 348 7.81 10.37 -20.55
N LYS A 349 6.73 10.04 -21.26
CA LYS A 349 5.52 9.50 -20.63
C LYS A 349 4.18 9.95 -21.20
N TYR A 350 3.33 10.41 -20.28
CA TYR A 350 2.02 9.85 -19.99
C TYR A 350 1.88 10.20 -18.52
N LYS A 351 1.10 9.43 -17.75
CA LYS A 351 1.03 9.51 -16.30
C LYS A 351 -0.28 8.90 -15.80
N VAL A 352 -0.21 8.15 -14.70
CA VAL A 352 -1.40 7.61 -14.07
C VAL A 352 -2.05 8.70 -13.22
N VAL A 353 -3.34 8.92 -13.44
CA VAL A 353 -4.07 10.05 -12.88
C VAL A 353 -5.45 9.54 -12.45
N GLU A 354 -6.04 10.23 -11.48
CA GLU A 354 -7.44 10.00 -11.16
C GLU A 354 -8.16 11.31 -10.92
N LYS B 6 -8.64 -12.41 -1.83
CA LYS B 6 -8.87 -10.98 -1.71
C LYS B 6 -8.24 -10.22 -2.87
N THR B 7 -9.08 -9.52 -3.63
CA THR B 7 -8.62 -8.76 -4.79
C THR B 7 -9.41 -7.46 -4.87
N THR B 8 -8.98 -6.59 -5.79
CA THR B 8 -9.67 -5.33 -6.04
C THR B 8 -10.64 -5.55 -7.20
N LEU B 9 -11.93 -5.53 -6.91
CA LEU B 9 -12.92 -5.69 -7.96
C LEU B 9 -13.18 -4.35 -8.64
N PHE B 10 -13.83 -4.42 -9.80
CA PHE B 10 -14.23 -3.22 -10.53
C PHE B 10 -15.70 -3.34 -10.89
N CYS B 11 -16.35 -2.21 -11.07
CA CYS B 11 -17.77 -2.18 -11.33
C CYS B 11 -18.05 -1.96 -12.81
N ALA B 12 -19.25 -2.35 -13.22
CA ALA B 12 -19.71 -2.24 -14.59
C ALA B 12 -21.18 -1.85 -14.57
N SER B 13 -21.54 -0.85 -15.38
CA SER B 13 -22.91 -0.35 -15.35
C SER B 13 -23.33 0.09 -16.76
N ASP B 14 -24.64 0.23 -16.94
CA ASP B 14 -25.21 0.79 -18.15
C ASP B 14 -25.40 2.30 -18.05
N ALA B 15 -24.53 2.98 -17.31
CA ALA B 15 -24.67 4.42 -17.13
C ALA B 15 -24.49 5.14 -18.45
N LYS B 16 -25.25 6.20 -18.65
CA LYS B 16 -25.23 6.99 -19.87
C LYS B 16 -24.39 8.24 -19.66
N ALA B 17 -23.55 8.55 -20.66
CA ALA B 17 -22.67 9.71 -20.55
C ALA B 17 -23.47 11.01 -20.52
N TYR B 18 -24.67 11.01 -21.09
CA TYR B 18 -25.48 12.22 -21.22
C TYR B 18 -26.40 12.48 -20.04
N GLU B 19 -26.44 11.58 -19.06
CA GLU B 19 -27.39 11.68 -17.97
C GLU B 19 -26.83 12.53 -16.84
N LYS B 20 -27.60 13.54 -16.42
CA LYS B 20 -27.19 14.35 -15.29
C LYS B 20 -27.43 13.66 -13.95
N GLU B 21 -28.18 12.56 -13.94
CA GLU B 21 -28.40 11.82 -12.71
C GLU B 21 -27.09 11.34 -12.13
N VAL B 22 -26.96 11.45 -10.80
CA VAL B 22 -25.64 11.38 -10.17
C VAL B 22 -25.07 9.97 -10.22
N HIS B 23 -25.91 8.94 -10.14
CA HIS B 23 -25.41 7.58 -10.27
C HIS B 23 -24.75 7.37 -11.63
N ASN B 24 -25.41 7.85 -12.69
CA ASN B 24 -24.84 7.75 -14.04
C ASN B 24 -23.52 8.51 -14.13
N VAL B 25 -23.46 9.70 -13.54
CA VAL B 25 -22.25 10.51 -13.62
C VAL B 25 -21.10 9.82 -12.92
N TRP B 26 -21.34 9.27 -11.73
CA TRP B 26 -20.28 8.60 -11.00
C TRP B 26 -19.87 7.31 -11.69
N ALA B 27 -20.81 6.60 -12.32
CA ALA B 27 -20.46 5.35 -12.98
C ALA B 27 -19.72 5.56 -14.30
N THR B 28 -20.00 6.67 -15.00
CA THR B 28 -19.23 6.97 -16.21
C THR B 28 -17.76 7.18 -15.89
N HIS B 29 -17.46 7.63 -14.67
CA HIS B 29 -16.09 7.91 -14.26
C HIS B 29 -15.46 6.81 -13.42
N ALA B 30 -16.24 5.88 -12.88
CA ALA B 30 -15.72 4.87 -11.98
C ALA B 30 -15.91 3.43 -12.44
N CYS B 31 -16.87 3.17 -13.34
CA CYS B 31 -17.17 1.81 -13.77
C CYS B 31 -17.06 1.73 -15.29
N VAL B 32 -16.95 0.50 -15.79
CA VAL B 32 -16.82 0.25 -17.23
C VAL B 32 -18.20 -0.09 -17.78
N PRO B 33 -18.41 -0.05 -19.10
CA PRO B 33 -19.67 -0.53 -19.66
C PRO B 33 -19.84 -2.02 -19.41
N THR B 34 -21.09 -2.44 -19.22
CA THR B 34 -21.36 -3.84 -18.97
C THR B 34 -21.08 -4.68 -20.22
N ASP B 35 -20.42 -5.80 -20.01
CA ASP B 35 -20.15 -6.75 -21.09
C ASP B 35 -21.47 -7.20 -21.72
N PRO B 36 -21.69 -6.95 -23.00
CA PRO B 36 -22.91 -7.45 -23.66
C PRO B 36 -22.84 -8.92 -24.02
N ASN B 37 -21.76 -9.61 -23.65
CA ASN B 37 -21.59 -11.04 -23.89
C ASN B 37 -21.13 -11.71 -22.60
N PRO B 38 -22.01 -11.81 -21.61
CA PRO B 38 -21.62 -12.45 -20.35
C PRO B 38 -21.40 -13.95 -20.55
N GLN B 39 -20.44 -14.48 -19.81
CA GLN B 39 -20.13 -15.90 -19.84
C GLN B 39 -20.38 -16.50 -18.46
N GLU B 40 -21.07 -17.64 -18.43
CA GLU B 40 -21.37 -18.33 -17.18
C GLU B 40 -21.21 -19.83 -17.42
N MET B 41 -20.41 -20.49 -16.58
CA MET B 41 -20.12 -21.90 -16.71
C MET B 41 -20.60 -22.64 -15.46
N VAL B 42 -21.41 -23.68 -15.65
CA VAL B 42 -22.05 -24.37 -14.53
C VAL B 42 -21.14 -25.49 -14.04
N LEU B 43 -21.12 -25.71 -12.71
CA LEU B 43 -20.34 -26.78 -12.08
C LEU B 43 -21.29 -27.47 -11.08
N ALA B 44 -22.09 -28.41 -11.58
CA ALA B 44 -23.16 -28.98 -10.77
C ALA B 44 -22.64 -30.01 -9.77
N ASN B 45 -21.53 -30.68 -10.08
CA ASN B 45 -20.95 -31.62 -9.11
C ASN B 45 -20.10 -30.90 -8.08
N VAL B 46 -19.52 -29.75 -8.43
CA VAL B 46 -18.68 -29.00 -7.51
C VAL B 46 -19.53 -28.39 -6.41
N THR B 47 -19.03 -28.47 -5.18
CA THR B 47 -19.67 -27.87 -4.02
C THR B 47 -18.67 -26.95 -3.32
N GLU B 48 -19.14 -25.76 -2.95
CA GLU B 48 -18.25 -24.77 -2.35
C GLU B 48 -18.94 -24.11 -1.16
N ASN B 49 -18.14 -23.57 -0.25
CA ASN B 49 -18.62 -22.97 0.97
C ASN B 49 -18.77 -21.47 0.80
N PHE B 50 -19.93 -20.94 1.16
CA PHE B 50 -20.17 -19.50 1.13
C PHE B 50 -20.48 -19.01 2.54
N ASN B 51 -20.11 -17.76 2.82
CA ASN B 51 -20.52 -17.09 4.04
C ASN B 51 -20.79 -15.63 3.68
N MET B 52 -22.07 -15.27 3.58
CA MET B 52 -22.48 -13.93 3.21
C MET B 52 -22.14 -12.89 4.26
N TRP B 53 -21.75 -13.28 5.47
CA TRP B 53 -21.52 -12.34 6.56
C TRP B 53 -20.04 -12.01 6.77
N LYS B 54 -19.15 -12.60 5.99
CA LYS B 54 -17.74 -12.23 5.97
C LYS B 54 -17.26 -12.21 4.51
N ASN B 55 -17.84 -11.30 3.74
CA ASN B 55 -17.67 -11.24 2.29
C ASN B 55 -17.06 -9.89 1.93
N ASP B 56 -15.80 -9.91 1.49
CA ASP B 56 -15.08 -8.68 1.17
C ASP B 56 -15.73 -7.88 0.04
N MET B 57 -16.47 -8.56 -0.84
CA MET B 57 -17.26 -7.85 -1.84
C MET B 57 -18.16 -6.80 -1.20
N VAL B 58 -18.65 -7.09 0.00
CA VAL B 58 -19.53 -6.14 0.69
C VAL B 58 -18.77 -4.89 1.09
N GLU B 59 -17.57 -5.05 1.65
CA GLU B 59 -16.77 -3.89 2.01
C GLU B 59 -16.44 -3.05 0.79
N GLN B 60 -16.13 -3.72 -0.33
CA GLN B 60 -15.82 -2.98 -1.56
C GLN B 60 -17.02 -2.17 -2.04
N MET B 61 -18.20 -2.81 -2.14
CA MET B 61 -19.38 -2.09 -2.56
C MET B 61 -19.73 -0.97 -1.57
N HIS B 62 -19.52 -1.22 -0.28
CA HIS B 62 -19.80 -0.21 0.73
C HIS B 62 -18.97 1.05 0.48
N GLU B 63 -17.67 0.88 0.26
CA GLU B 63 -16.83 2.05 0.01
C GLU B 63 -17.19 2.73 -1.30
N ASP B 64 -17.50 1.95 -2.34
CA ASP B 64 -17.93 2.54 -3.60
C ASP B 64 -19.15 3.42 -3.40
N ILE B 65 -20.13 2.95 -2.63
CA ILE B 65 -21.36 3.73 -2.43
C ILE B 65 -21.10 4.92 -1.52
N ILE B 66 -20.18 4.78 -0.55
CA ILE B 66 -19.83 5.90 0.31
C ILE B 66 -19.28 7.05 -0.53
N SER B 67 -18.36 6.73 -1.46
CA SER B 67 -17.79 7.79 -2.28
C SER B 67 -18.78 8.27 -3.35
N LEU B 68 -19.67 7.40 -3.82
CA LEU B 68 -20.78 7.83 -4.66
C LEU B 68 -21.57 8.94 -3.98
N TRP B 69 -21.99 8.68 -2.73
CA TRP B 69 -22.77 9.66 -1.99
C TRP B 69 -21.95 10.90 -1.65
N ASP B 70 -20.64 10.73 -1.42
CA ASP B 70 -19.81 11.88 -1.09
C ASP B 70 -19.63 12.80 -2.29
N GLU B 71 -19.43 12.24 -3.48
CA GLU B 71 -19.28 13.04 -4.69
C GLU B 71 -20.61 13.54 -5.23
N SER B 72 -21.72 12.92 -4.85
CA SER B 72 -23.03 13.24 -5.42
C SER B 72 -23.91 14.04 -4.46
N LEU B 73 -24.24 13.47 -3.30
CA LEU B 73 -25.18 14.11 -2.37
C LEU B 73 -24.42 14.95 -1.34
N LYS B 74 -23.83 16.03 -1.83
CA LYS B 74 -23.12 16.94 -0.94
C LYS B 74 -24.11 17.70 -0.08
N PRO B 75 -23.95 17.68 1.24
CA PRO B 75 -24.82 18.48 2.11
C PRO B 75 -24.35 19.91 2.24
N CYS B 76 -25.31 20.80 2.52
CA CYS B 76 -24.99 22.19 2.80
C CYS B 76 -24.02 22.27 3.97
N VAL B 77 -24.34 21.57 5.06
CA VAL B 77 -23.44 21.51 6.22
C VAL B 77 -23.17 20.05 6.52
N LYS B 78 -21.95 19.76 6.97
CA LYS B 78 -21.60 18.43 7.44
C LYS B 78 -20.89 18.62 8.78
N LEU B 79 -21.48 18.07 9.84
CA LEU B 79 -21.01 18.28 11.20
C LEU B 79 -20.42 16.98 11.72
N THR B 80 -19.11 17.00 12.00
CA THR B 80 -18.39 15.89 12.61
C THR B 80 -17.78 16.41 13.91
N GLY B 81 -18.41 16.08 15.03
CA GLY B 81 -17.94 16.44 16.36
C GLY B 81 -17.35 17.82 16.49
N GLY B 82 -18.19 18.85 16.40
CA GLY B 82 -17.73 20.22 16.53
C GLY B 82 -17.16 20.85 15.28
N SER B 83 -16.78 20.05 14.28
CA SER B 83 -16.19 20.58 13.05
C SER B 83 -17.25 20.58 11.96
N ALA B 84 -17.49 21.74 11.36
CA ALA B 84 -18.54 21.90 10.36
C ALA B 84 -17.93 22.30 9.03
N ILE B 85 -18.18 21.49 8.00
CA ILE B 85 -17.76 21.76 6.63
C ILE B 85 -18.98 22.18 5.85
N THR B 86 -18.97 23.40 5.31
CA THR B 86 -20.05 23.87 4.45
C THR B 86 -19.59 23.90 3.01
N GLN B 87 -20.46 23.42 2.11
CA GLN B 87 -20.18 23.38 0.68
C GLN B 87 -21.42 23.85 -0.07
N ALA B 88 -21.31 23.88 -1.40
CA ALA B 88 -22.49 24.04 -2.24
C ALA B 88 -23.32 22.77 -2.19
N CYS B 89 -24.63 22.93 -2.09
CA CYS B 89 -25.56 21.81 -1.93
C CYS B 89 -26.71 21.92 -2.92
N PRO B 90 -26.43 21.88 -4.22
CA PRO B 90 -27.51 22.01 -5.20
C PRO B 90 -28.43 20.80 -5.15
N LYS B 91 -29.68 21.03 -5.52
CA LYS B 91 -30.59 19.92 -5.74
C LYS B 91 -30.20 19.18 -7.01
N VAL B 92 -30.20 17.85 -6.93
CA VAL B 92 -29.73 17.00 -8.02
C VAL B 92 -30.84 16.04 -8.41
N SER B 93 -30.63 15.38 -9.56
CA SER B 93 -31.52 14.32 -10.00
C SER B 93 -30.92 12.99 -9.57
N PHE B 94 -31.73 12.17 -8.90
CA PHE B 94 -31.23 11.06 -8.09
C PHE B 94 -32.14 9.85 -8.30
N ASP B 95 -31.65 8.86 -9.03
CA ASP B 95 -32.39 7.62 -9.25
C ASP B 95 -31.40 6.48 -9.42
N PRO B 96 -31.30 5.58 -8.44
CA PRO B 96 -30.23 4.56 -8.47
C PRO B 96 -30.32 3.67 -9.70
N ILE B 97 -29.15 3.32 -10.22
CA ILE B 97 -29.03 2.44 -11.38
C ILE B 97 -28.33 1.18 -10.94
N PRO B 98 -28.52 0.07 -11.65
CA PRO B 98 -27.86 -1.18 -11.27
C PRO B 98 -26.35 -1.09 -11.44
N LEU B 99 -25.64 -1.78 -10.53
CA LEU B 99 -24.19 -1.90 -10.60
C LEU B 99 -23.84 -3.39 -10.57
N HIS B 100 -22.97 -3.80 -11.48
CA HIS B 100 -22.41 -5.14 -11.49
C HIS B 100 -20.99 -5.09 -10.94
N TYR B 101 -20.63 -6.08 -10.14
CA TYR B 101 -19.29 -6.16 -9.55
C TYR B 101 -18.54 -7.34 -10.16
N CYS B 102 -17.30 -7.08 -10.59
CA CYS B 102 -16.54 -7.95 -11.49
C CYS B 102 -15.10 -8.12 -10.99
N ALA B 103 -14.62 -9.34 -11.10
CA ALA B 103 -13.23 -9.67 -10.79
C ALA B 103 -12.33 -9.43 -11.99
N PRO B 104 -11.09 -9.03 -11.73
CA PRO B 104 -10.12 -8.85 -12.83
C PRO B 104 -9.61 -10.18 -13.36
N ALA B 105 -8.53 -10.12 -14.14
CA ALA B 105 -7.95 -11.33 -14.70
C ALA B 105 -7.30 -12.19 -13.62
N GLY B 106 -7.38 -13.50 -13.80
CA GLY B 106 -6.90 -14.43 -12.80
C GLY B 106 -7.85 -14.69 -11.66
N PHE B 107 -8.98 -13.98 -11.62
CA PHE B 107 -10.00 -14.17 -10.60
C PHE B 107 -11.35 -14.36 -11.27
N ALA B 108 -12.25 -15.06 -10.56
CA ALA B 108 -13.60 -15.28 -11.04
C ALA B 108 -14.57 -15.10 -9.89
N ILE B 109 -15.87 -15.04 -10.21
CA ILE B 109 -16.91 -14.90 -9.21
C ILE B 109 -17.73 -16.19 -9.22
N LEU B 110 -17.68 -16.94 -8.13
CA LEU B 110 -18.54 -18.09 -7.95
C LEU B 110 -19.91 -17.64 -7.49
N LYS B 111 -20.94 -18.10 -8.20
CA LYS B 111 -22.34 -17.79 -7.92
C LYS B 111 -23.05 -19.07 -7.52
N CYS B 112 -23.65 -19.07 -6.33
CA CYS B 112 -24.39 -20.21 -5.83
C CYS B 112 -25.83 -20.13 -6.34
N ASN B 113 -26.25 -21.12 -7.12
CA ASN B 113 -27.57 -21.12 -7.74
C ASN B 113 -28.53 -22.06 -7.04
N ASN B 114 -28.22 -22.44 -5.81
CA ASN B 114 -29.17 -23.13 -4.96
C ASN B 114 -30.24 -22.14 -4.52
N LYS B 115 -31.42 -22.23 -5.12
CA LYS B 115 -32.50 -21.30 -4.77
C LYS B 115 -32.95 -21.44 -3.32
N THR B 116 -32.50 -22.48 -2.61
CA THR B 116 -32.77 -22.65 -1.19
C THR B 116 -31.76 -21.92 -0.31
N PHE B 117 -30.62 -21.51 -0.85
CA PHE B 117 -29.46 -21.15 -0.06
C PHE B 117 -29.75 -19.97 0.87
N ASN B 118 -29.30 -20.09 2.12
CA ASN B 118 -29.55 -19.08 3.14
C ASN B 118 -28.40 -18.12 3.35
N GLY B 119 -27.27 -18.32 2.64
CA GLY B 119 -26.14 -17.43 2.71
C GLY B 119 -24.91 -18.02 3.37
N THR B 120 -25.06 -19.07 4.17
CA THR B 120 -23.95 -19.70 4.86
C THR B 120 -23.96 -21.20 4.61
N GLY B 121 -22.76 -21.76 4.46
CA GLY B 121 -22.61 -23.20 4.38
C GLY B 121 -22.28 -23.71 3.00
N PRO B 122 -22.48 -25.02 2.80
CA PRO B 122 -22.18 -25.64 1.50
C PRO B 122 -23.29 -25.37 0.49
N CYS B 123 -22.89 -24.95 -0.71
CA CYS B 123 -23.76 -24.86 -1.88
C CYS B 123 -23.24 -25.84 -2.91
N ARG B 124 -24.14 -26.68 -3.45
CA ARG B 124 -23.73 -27.78 -4.29
C ARG B 124 -23.99 -27.57 -5.78
N ASN B 125 -24.81 -26.59 -6.16
CA ASN B 125 -24.99 -26.21 -7.55
C ASN B 125 -24.40 -24.82 -7.73
N VAL B 126 -23.13 -24.77 -8.14
CA VAL B 126 -22.38 -23.53 -8.24
C VAL B 126 -22.12 -23.25 -9.72
N SER B 127 -21.74 -22.01 -10.01
CA SER B 127 -21.35 -21.65 -11.37
C SER B 127 -20.34 -20.51 -11.31
N THR B 128 -19.70 -20.26 -12.45
CA THR B 128 -18.62 -19.30 -12.56
C THR B 128 -19.03 -18.18 -13.52
N VAL B 129 -18.94 -16.94 -13.05
CA VAL B 129 -19.20 -15.76 -13.86
C VAL B 129 -18.03 -14.80 -13.68
N GLN B 130 -18.06 -13.73 -14.46
CA GLN B 130 -17.09 -12.65 -14.27
C GLN B 130 -17.68 -11.46 -13.52
N CYS B 131 -19.02 -11.30 -13.53
CA CYS B 131 -19.69 -10.16 -12.92
C CYS B 131 -20.99 -10.59 -12.24
N THR B 132 -21.36 -9.86 -11.20
CA THR B 132 -22.65 -10.05 -10.56
C THR B 132 -23.77 -9.54 -11.45
N HIS B 133 -24.99 -9.74 -10.98
CA HIS B 133 -26.15 -9.12 -11.59
C HIS B 133 -26.23 -7.65 -11.19
N GLY B 134 -27.02 -6.89 -11.95
CA GLY B 134 -27.21 -5.48 -11.65
C GLY B 134 -27.80 -5.25 -10.28
N ILE B 135 -27.10 -4.49 -9.44
CA ILE B 135 -27.51 -4.24 -8.07
C ILE B 135 -27.71 -2.74 -7.89
N LYS B 136 -28.95 -2.33 -7.67
CA LYS B 136 -29.21 -0.93 -7.34
C LYS B 136 -28.77 -0.66 -5.92
N PRO B 137 -27.91 0.34 -5.69
CA PRO B 137 -27.45 0.64 -4.32
C PRO B 137 -28.44 1.53 -3.56
N VAL B 138 -29.49 0.89 -3.02
CA VAL B 138 -30.58 1.61 -2.40
C VAL B 138 -30.31 1.71 -0.90
N VAL B 139 -30.28 2.95 -0.39
CA VAL B 139 -29.96 3.23 1.00
C VAL B 139 -31.27 3.29 1.77
N SER B 140 -31.48 2.33 2.66
CA SER B 140 -32.78 2.14 3.30
C SER B 140 -32.58 1.51 4.67
N THR B 141 -33.59 1.67 5.52
CA THR B 141 -33.70 0.93 6.76
C THR B 141 -35.04 0.18 6.78
N GLN B 142 -35.07 -0.89 7.58
CA GLN B 142 -36.26 -1.68 7.84
C GLN B 142 -36.73 -2.44 6.60
N LEU B 143 -37.05 -1.73 5.52
CA LEU B 143 -37.46 -2.35 4.27
C LEU B 143 -36.32 -2.31 3.28
N LEU B 144 -36.13 -3.41 2.55
CA LEU B 144 -35.21 -3.47 1.43
C LEU B 144 -36.02 -3.21 0.16
N LEU B 145 -35.66 -2.17 -0.57
CA LEU B 145 -36.42 -1.72 -1.73
C LEU B 145 -35.69 -2.06 -3.01
N ASN B 146 -36.45 -2.36 -4.06
CA ASN B 146 -35.95 -2.48 -5.42
C ASN B 146 -34.85 -3.53 -5.57
N GLY B 147 -34.79 -4.47 -4.63
CA GLY B 147 -33.88 -5.60 -4.75
C GLY B 147 -34.42 -6.65 -5.69
N SER B 148 -33.82 -7.83 -5.62
CA SER B 148 -34.18 -8.96 -6.47
C SER B 148 -34.75 -10.08 -5.62
N LEU B 149 -35.87 -10.65 -6.07
CA LEU B 149 -36.67 -11.54 -5.25
C LEU B 149 -36.09 -12.95 -5.20
N ALA B 150 -36.44 -13.67 -4.13
CA ALA B 150 -36.11 -15.08 -4.03
C ALA B 150 -36.93 -15.88 -5.04
N GLU B 151 -36.30 -16.91 -5.62
CA GLU B 151 -36.93 -17.62 -6.72
C GLU B 151 -38.04 -18.56 -6.25
N GLU B 152 -37.81 -19.30 -5.18
CA GLU B 152 -38.81 -20.26 -4.70
C GLU B 152 -39.52 -19.73 -3.46
N GLU B 153 -39.14 -20.19 -2.27
CA GLU B 153 -39.79 -19.71 -1.05
C GLU B 153 -38.95 -18.63 -0.37
N ILE B 154 -39.59 -17.94 0.58
CA ILE B 154 -38.93 -16.89 1.35
C ILE B 154 -37.74 -17.47 2.10
N ILE B 155 -36.64 -16.72 2.13
CA ILE B 155 -35.43 -17.16 2.81
C ILE B 155 -35.19 -16.29 4.04
N ILE B 156 -34.79 -16.94 5.13
CA ILE B 156 -34.41 -16.25 6.36
C ILE B 156 -32.91 -16.36 6.50
N ARG B 157 -32.22 -15.22 6.50
CA ARG B 157 -30.78 -15.18 6.63
C ARG B 157 -30.41 -14.49 7.94
N SER B 158 -29.39 -15.02 8.61
CA SER B 158 -28.83 -14.34 9.77
C SER B 158 -27.45 -14.91 10.02
N GLU B 159 -26.58 -14.05 10.54
CA GLU B 159 -25.28 -14.53 10.99
C GLU B 159 -25.44 -15.55 12.10
N ASN B 160 -26.40 -15.34 13.01
CA ASN B 160 -26.53 -16.22 14.17
C ASN B 160 -27.93 -16.00 14.76
N LEU B 161 -28.87 -16.86 14.35
CA LEU B 161 -30.26 -16.67 14.76
C LEU B 161 -30.42 -16.68 16.28
N THR B 162 -29.62 -17.50 16.97
CA THR B 162 -29.70 -17.55 18.42
C THR B 162 -29.19 -16.26 19.07
N ASN B 163 -28.48 -15.43 18.33
CA ASN B 163 -27.98 -14.15 18.84
C ASN B 163 -28.95 -13.05 18.39
N ASN B 164 -29.74 -12.54 19.34
CA ASN B 164 -30.75 -11.54 19.00
C ASN B 164 -30.14 -10.24 18.50
N ALA B 165 -28.88 -9.96 18.85
CA ALA B 165 -28.23 -8.76 18.37
C ALA B 165 -27.94 -8.80 16.87
N LYS B 166 -27.96 -9.99 16.27
CA LYS B 166 -27.61 -10.13 14.86
C LYS B 166 -28.82 -9.85 13.98
N THR B 167 -28.60 -9.05 12.94
CA THR B 167 -29.68 -8.63 12.06
C THR B 167 -30.18 -9.78 11.22
N ILE B 168 -31.51 -9.94 11.16
CA ILE B 168 -32.14 -10.93 10.31
C ILE B 168 -32.56 -10.28 9.00
N ILE B 169 -32.21 -10.91 7.89
CA ILE B 169 -32.62 -10.47 6.56
C ILE B 169 -33.68 -11.44 6.06
N VAL B 170 -34.86 -10.90 5.74
CA VAL B 170 -35.96 -11.69 5.20
C VAL B 170 -36.01 -11.42 3.70
N HIS B 171 -35.78 -12.45 2.89
CA HIS B 171 -35.76 -12.35 1.44
C HIS B 171 -37.08 -12.89 0.90
N LEU B 172 -37.91 -11.98 0.40
CA LEU B 172 -39.26 -12.29 -0.06
C LEU B 172 -39.23 -12.88 -1.46
N ASN B 173 -40.24 -13.71 -1.77
CA ASN B 173 -40.35 -14.30 -3.10
C ASN B 173 -41.31 -13.56 -4.02
N GLU B 174 -42.18 -12.71 -3.48
CA GLU B 174 -42.94 -11.76 -4.30
C GLU B 174 -42.95 -10.41 -3.59
N SER B 175 -42.92 -9.35 -4.40
CA SER B 175 -42.69 -8.00 -3.91
C SER B 175 -43.98 -7.32 -3.51
N VAL B 176 -43.90 -6.43 -2.52
CA VAL B 176 -45.03 -5.64 -2.05
C VAL B 176 -44.83 -4.20 -2.51
N ASN B 177 -45.79 -3.68 -3.26
CA ASN B 177 -45.66 -2.34 -3.83
C ASN B 177 -45.90 -1.29 -2.75
N ILE B 178 -44.94 -0.39 -2.57
CA ILE B 178 -45.08 0.75 -1.66
C ILE B 178 -44.91 2.03 -2.47
N VAL B 179 -45.90 2.93 -2.39
CA VAL B 179 -45.83 4.20 -3.10
C VAL B 179 -45.77 5.34 -2.08
N CYS B 180 -44.74 6.17 -2.18
CA CYS B 180 -44.42 7.20 -1.20
C CYS B 180 -44.36 8.59 -1.84
N THR B 181 -45.11 9.53 -1.27
CA THR B 181 -45.30 10.80 -1.92
C THR B 181 -45.41 11.94 -0.91
N ARG B 182 -44.65 13.00 -1.17
CA ARG B 182 -45.00 14.33 -0.71
C ARG B 182 -45.83 14.99 -1.81
N PRO B 183 -47.12 15.20 -1.60
CA PRO B 183 -47.97 15.74 -2.68
C PRO B 183 -47.73 17.23 -2.88
N ASN B 184 -48.20 17.72 -4.01
CA ASN B 184 -48.05 19.13 -4.39
C ASN B 184 -48.79 20.05 -3.42
N ASN B 193 -48.00 21.91 5.58
CA ASN B 193 -46.55 21.90 5.71
C ASN B 193 -45.90 21.13 4.57
N ILE B 194 -44.85 21.74 4.01
CA ILE B 194 -44.19 21.16 2.85
C ILE B 194 -43.31 19.97 3.18
N ARG B 195 -43.13 19.66 4.46
CA ARG B 195 -42.32 18.52 4.89
C ARG B 195 -43.16 17.29 5.22
N GLN B 196 -44.46 17.35 4.97
CA GLN B 196 -45.38 16.26 5.30
C GLN B 196 -45.58 15.37 4.07
N ALA B 197 -45.42 14.07 4.25
CA ALA B 197 -45.60 13.12 3.17
C ALA B 197 -46.28 11.87 3.71
N HIS B 198 -46.51 10.89 2.84
CA HIS B 198 -47.14 9.65 3.28
C HIS B 198 -46.91 8.56 2.26
N CYS B 199 -47.18 7.33 2.70
CA CYS B 199 -46.85 6.09 1.99
C CYS B 199 -48.01 5.10 2.01
N ASN B 200 -48.44 4.68 0.84
CA ASN B 200 -49.53 3.75 0.68
C ASN B 200 -49.01 2.35 0.36
N ILE B 201 -49.55 1.38 1.09
CA ILE B 201 -49.27 -0.05 0.91
C ILE B 201 -50.60 -0.79 0.90
N ASN B 202 -50.75 -1.74 -0.02
CA ASN B 202 -51.98 -2.52 -0.11
C ASN B 202 -52.01 -3.55 1.02
N GLU B 203 -53.02 -3.45 1.90
CA GLU B 203 -52.98 -4.21 3.15
C GLU B 203 -53.14 -5.71 2.96
N SER B 204 -53.77 -6.16 1.87
CA SER B 204 -53.91 -7.60 1.67
C SER B 204 -52.60 -8.23 1.23
N LYS B 205 -51.81 -7.51 0.42
CA LYS B 205 -50.49 -8.03 0.04
C LYS B 205 -49.56 -8.09 1.26
N TRP B 206 -49.54 -7.03 2.07
CA TRP B 206 -48.76 -7.08 3.31
C TRP B 206 -49.30 -8.17 4.25
N ASN B 207 -50.62 -8.37 4.24
CA ASN B 207 -51.25 -9.45 5.00
C ASN B 207 -50.62 -10.79 4.65
N ASN B 208 -50.70 -11.16 3.37
CA ASN B 208 -50.17 -12.46 2.94
C ASN B 208 -48.66 -12.55 3.17
N THR B 209 -47.94 -11.44 2.96
CA THR B 209 -46.48 -11.47 3.10
C THR B 209 -46.08 -11.74 4.54
N LEU B 210 -46.66 -11.00 5.49
CA LEU B 210 -46.33 -11.25 6.88
C LEU B 210 -46.87 -12.60 7.34
N GLN B 211 -47.95 -13.07 6.73
CA GLN B 211 -48.42 -14.44 6.93
C GLN B 211 -47.29 -15.44 6.71
N LYS B 212 -46.73 -15.43 5.51
CA LYS B 212 -45.76 -16.47 5.20
C LYS B 212 -44.38 -16.20 5.80
N VAL B 213 -44.05 -14.94 6.09
CA VAL B 213 -42.82 -14.66 6.81
C VAL B 213 -42.93 -15.18 8.25
N GLY B 214 -44.11 -15.04 8.87
CA GLY B 214 -44.34 -15.65 10.16
C GLY B 214 -44.25 -17.16 10.12
N GLU B 215 -44.79 -17.77 9.05
CA GLU B 215 -44.62 -19.21 8.86
C GLU B 215 -43.13 -19.59 8.87
N GLU B 216 -42.34 -18.91 8.03
CA GLU B 216 -40.94 -19.29 7.86
C GLU B 216 -40.13 -19.05 9.13
N LEU B 217 -40.44 -17.98 9.87
CA LEU B 217 -39.74 -17.76 11.13
C LEU B 217 -40.20 -18.76 12.19
N ALA B 218 -41.48 -19.14 12.17
CA ALA B 218 -41.97 -20.15 13.09
C ALA B 218 -41.21 -21.45 12.93
N LYS B 219 -40.87 -21.81 11.68
CA LYS B 219 -40.04 -22.99 11.46
C LYS B 219 -38.73 -22.89 12.25
N HIS B 220 -38.17 -21.69 12.37
CA HIS B 220 -36.92 -21.50 13.10
C HIS B 220 -37.12 -21.34 14.60
N PHE B 221 -38.34 -21.04 15.04
CA PHE B 221 -38.68 -20.96 16.46
C PHE B 221 -39.96 -21.77 16.67
N PRO B 222 -39.86 -23.10 16.69
CA PRO B 222 -41.06 -23.94 16.55
C PRO B 222 -41.90 -24.12 17.81
N SER B 223 -44.17 -23.90 20.47
CA SER B 223 -45.07 -22.76 20.40
C SER B 223 -44.30 -21.55 19.88
N LYS B 224 -43.91 -20.65 20.79
CA LYS B 224 -43.31 -19.39 20.39
C LYS B 224 -44.17 -18.74 19.33
N THR B 225 -45.26 -18.08 19.74
CA THR B 225 -46.05 -17.33 18.77
C THR B 225 -45.27 -16.10 18.34
N ILE B 226 -45.25 -15.87 17.02
CA ILE B 226 -44.40 -14.83 16.44
C ILE B 226 -45.10 -13.49 16.57
N LYS B 227 -44.36 -12.43 16.82
CA LYS B 227 -44.97 -11.12 16.96
C LYS B 227 -44.14 -10.05 16.25
N PHE B 228 -44.82 -9.25 15.44
CA PHE B 228 -44.23 -8.12 14.73
C PHE B 228 -44.65 -6.84 15.45
N GLU B 229 -43.67 -6.03 15.82
CA GLU B 229 -43.91 -4.82 16.59
C GLU B 229 -42.95 -3.74 16.11
N PRO B 230 -43.30 -2.47 16.33
CA PRO B 230 -42.44 -1.39 15.85
C PRO B 230 -41.10 -1.36 16.58
N SER B 231 -40.18 -0.57 16.03
CA SER B 231 -38.83 -0.49 16.55
C SER B 231 -38.84 0.00 18.00
N SER B 232 -38.03 -0.64 18.84
CA SER B 232 -37.98 -0.28 20.25
C SER B 232 -37.50 1.15 20.44
N GLY B 233 -36.33 1.47 19.92
CA GLY B 233 -35.81 2.82 20.09
C GLY B 233 -34.49 3.00 19.38
N GLY B 234 -34.00 4.24 19.42
CA GLY B 234 -32.77 4.64 18.79
C GLY B 234 -32.99 5.87 17.95
N ASP B 235 -32.05 6.11 17.04
CA ASP B 235 -32.12 7.29 16.17
C ASP B 235 -33.26 7.14 15.16
N LEU B 236 -33.77 8.29 14.72
CA LEU B 236 -34.95 8.31 13.85
C LEU B 236 -34.68 7.59 12.53
N GLU B 237 -33.43 7.57 12.07
CA GLU B 237 -33.13 6.90 10.81
C GLU B 237 -33.45 5.42 10.86
N ILE B 238 -33.37 4.79 12.03
CA ILE B 238 -33.60 3.35 12.12
C ILE B 238 -34.95 3.05 12.77
N THR B 239 -35.45 3.96 13.61
CA THR B 239 -36.78 3.74 14.18
C THR B 239 -37.90 3.95 13.18
N THR B 240 -37.57 4.43 11.98
CA THR B 240 -38.53 4.62 10.91
C THR B 240 -38.03 3.88 9.67
N HIS B 241 -38.92 3.73 8.70
CA HIS B 241 -38.47 3.36 7.36
C HIS B 241 -37.94 4.62 6.72
N SER B 242 -36.61 4.76 6.71
CA SER B 242 -35.95 5.92 6.12
C SER B 242 -35.35 5.52 4.79
N PHE B 243 -35.48 6.41 3.81
CA PHE B 243 -34.93 6.17 2.49
C PHE B 243 -34.70 7.51 1.81
N ASN B 244 -34.11 7.46 0.63
CA ASN B 244 -33.93 8.66 -0.19
C ASN B 244 -34.75 8.51 -1.46
N CYS B 245 -35.60 9.50 -1.71
CA CYS B 245 -36.43 9.54 -2.91
C CYS B 245 -36.21 10.88 -3.60
N ARG B 246 -35.79 10.84 -4.86
CA ARG B 246 -35.65 12.05 -5.67
C ARG B 246 -34.69 13.04 -5.02
N GLY B 247 -33.75 12.55 -4.22
CA GLY B 247 -32.81 13.38 -3.50
C GLY B 247 -33.24 13.77 -2.10
N GLU B 248 -34.54 13.75 -1.81
CA GLU B 248 -35.05 14.13 -0.50
C GLU B 248 -35.08 12.93 0.44
N PHE B 249 -34.81 13.20 1.72
CA PHE B 249 -34.70 12.15 2.73
C PHE B 249 -36.05 11.94 3.39
N PHE B 250 -36.68 10.80 3.14
CA PHE B 250 -37.97 10.46 3.71
C PHE B 250 -37.80 9.61 4.96
N TYR B 251 -38.52 9.98 6.02
CA TYR B 251 -38.62 9.17 7.24
C TYR B 251 -40.10 8.84 7.43
N CYS B 252 -40.44 7.56 7.36
CA CYS B 252 -41.84 7.15 7.36
C CYS B 252 -42.11 6.18 8.52
N ASN B 253 -43.04 6.57 9.38
CA ASN B 253 -43.41 5.79 10.56
C ASN B 253 -44.01 4.43 10.16
N THR B 254 -43.55 3.37 10.82
CA THR B 254 -43.97 2.01 10.46
C THR B 254 -44.71 1.30 11.59
N SER B 255 -45.20 2.05 12.59
CA SER B 255 -45.86 1.40 13.72
C SER B 255 -47.14 0.69 13.30
N ASP B 256 -47.80 1.17 12.24
CA ASP B 256 -48.94 0.45 11.70
C ASP B 256 -48.54 -0.66 10.75
N LEU B 257 -47.29 -0.68 10.29
CA LEU B 257 -46.84 -1.68 9.32
C LEU B 257 -46.22 -2.91 9.97
N PHE B 258 -45.50 -2.74 11.07
CA PHE B 258 -44.94 -3.85 11.83
C PHE B 258 -45.76 -3.99 13.11
N ASN B 259 -46.88 -4.71 13.01
CA ASN B 259 -47.92 -4.68 14.03
C ASN B 259 -48.80 -5.92 13.80
N GLY B 260 -48.41 -7.04 14.40
CA GLY B 260 -49.11 -8.29 14.18
C GLY B 260 -48.62 -9.39 15.10
N THR B 261 -49.36 -10.50 15.06
CA THR B 261 -49.18 -11.72 15.82
C THR B 261 -49.48 -12.91 14.92
N TYR B 262 -48.54 -13.84 14.82
CA TYR B 262 -48.74 -15.09 14.11
C TYR B 262 -48.84 -16.19 15.16
N ARG B 263 -49.99 -16.86 15.21
CA ARG B 263 -50.29 -17.83 16.26
C ARG B 263 -51.14 -18.95 15.71
N ASN B 264 -50.86 -20.18 16.16
CA ASN B 264 -51.56 -21.39 15.72
C ASN B 264 -51.62 -21.47 14.19
N GLY B 265 -50.46 -21.31 13.56
CA GLY B 265 -50.37 -21.35 12.12
C GLY B 265 -51.22 -20.34 11.40
N THR B 266 -51.71 -19.32 12.11
CA THR B 266 -52.61 -18.33 11.52
C THR B 266 -52.58 -17.03 12.32
N TYR B 267 -52.19 -15.49 9.75
CA TYR B 267 -51.41 -14.46 10.40
C TYR B 267 -52.37 -13.45 10.96
N ASN B 268 -51.90 -12.55 11.84
CA ASN B 268 -52.76 -11.69 12.65
C ASN B 268 -52.14 -10.28 12.53
N HIS B 269 -52.62 -9.42 11.60
CA HIS B 269 -52.13 -8.04 11.48
C HIS B 269 -52.95 -7.12 12.37
N THR B 270 -52.31 -6.42 13.31
CA THR B 270 -52.99 -5.56 14.29
C THR B 270 -52.75 -4.06 14.07
N GLY B 271 -52.24 -3.65 12.90
CA GLY B 271 -52.03 -2.24 12.66
C GLY B 271 -53.24 -1.57 12.04
N ARG B 272 -53.34 -0.25 12.23
CA ARG B 272 -54.50 0.46 11.71
C ARG B 272 -54.46 0.51 10.19
N SER B 273 -55.64 0.39 9.59
CA SER B 273 -55.79 0.44 8.15
C SER B 273 -57.08 1.17 7.83
N SER B 274 -57.20 1.61 6.58
CA SER B 274 -58.40 2.32 6.14
C SER B 274 -58.59 2.06 4.66
N ASN B 275 -59.79 1.57 4.31
CA ASN B 275 -60.13 1.26 2.92
C ASN B 275 -59.09 0.30 2.31
N GLY B 276 -58.63 -0.65 3.12
CA GLY B 276 -57.74 -1.70 2.67
C GLY B 276 -56.32 -1.28 2.35
N THR B 277 -55.90 -0.08 2.77
CA THR B 277 -54.55 0.39 2.51
C THR B 277 -53.93 0.96 3.79
N ILE B 278 -52.70 0.54 4.08
CA ILE B 278 -51.93 1.09 5.19
C ILE B 278 -51.23 2.36 4.72
N THR B 279 -51.38 3.43 5.49
CA THR B 279 -50.79 4.72 5.18
C THR B 279 -49.81 5.09 6.28
N LEU B 280 -48.55 5.29 5.91
CA LEU B 280 -47.50 5.73 6.82
C LEU B 280 -47.31 7.23 6.69
N GLN B 281 -47.34 7.93 7.83
CA GLN B 281 -47.02 9.35 7.87
C GLN B 281 -45.51 9.54 7.78
N CYS B 282 -45.09 10.52 6.98
CA CYS B 282 -43.69 10.73 6.67
C CYS B 282 -43.31 12.19 6.88
N LYS B 283 -42.05 12.38 7.24
CA LYS B 283 -41.43 13.69 7.29
C LYS B 283 -40.21 13.70 6.38
N ILE B 284 -40.08 14.78 5.60
CA ILE B 284 -38.84 15.07 4.89
C ILE B 284 -37.98 15.92 5.80
N LYS B 285 -36.83 15.39 6.22
CA LYS B 285 -35.98 16.08 7.16
C LYS B 285 -34.74 16.60 6.45
N GLN B 286 -34.26 17.76 6.90
CA GLN B 286 -33.03 18.33 6.36
C GLN B 286 -31.81 17.96 7.19
N ILE B 287 -31.99 17.70 8.48
CA ILE B 287 -30.92 17.21 9.34
C ILE B 287 -30.95 15.69 9.33
N ILE B 288 -29.81 15.08 9.04
CA ILE B 288 -29.69 13.66 8.79
C ILE B 288 -28.58 13.11 9.67
N ASN B 289 -28.78 11.92 10.22
CA ASN B 289 -27.68 11.15 10.76
C ASN B 289 -27.10 10.32 9.64
N MET B 290 -25.82 10.50 9.35
CA MET B 290 -25.21 9.86 8.20
C MET B 290 -25.00 8.38 8.46
N TRP B 291 -25.18 7.58 7.40
CA TRP B 291 -24.83 6.17 7.49
C TRP B 291 -23.37 5.93 7.16
N GLN B 292 -22.78 6.78 6.31
CA GLN B 292 -21.41 6.57 5.84
C GLN B 292 -20.42 6.65 6.99
N GLU B 293 -20.67 7.53 7.95
CA GLU B 293 -19.78 7.71 9.09
C GLU B 293 -20.60 8.31 10.23
N VAL B 294 -19.98 8.39 11.40
CA VAL B 294 -20.64 9.00 12.56
C VAL B 294 -20.59 10.51 12.41
N GLY B 295 -21.76 11.12 12.27
CA GLY B 295 -21.86 12.55 12.12
C GLY B 295 -23.22 12.93 11.58
N ARG B 296 -23.41 14.23 11.41
CA ARG B 296 -24.67 14.77 10.93
C ARG B 296 -24.46 15.50 9.61
N ALA B 297 -25.52 15.53 8.80
CA ALA B 297 -25.48 16.19 7.50
C ALA B 297 -26.76 17.00 7.32
N ILE B 298 -26.60 18.26 6.91
CA ILE B 298 -27.70 19.19 6.77
C ILE B 298 -27.84 19.54 5.29
N TYR B 299 -29.05 19.38 4.77
CA TYR B 299 -29.40 19.59 3.38
C TYR B 299 -30.40 20.73 3.26
N ALA B 300 -30.70 21.10 2.02
CA ALA B 300 -31.58 22.21 1.72
C ALA B 300 -33.04 21.80 1.81
N PRO B 301 -33.95 22.76 2.01
CA PRO B 301 -35.38 22.45 2.00
C PRO B 301 -35.78 21.72 0.73
N PRO B 302 -36.86 20.96 0.75
CA PRO B 302 -37.18 20.09 -0.38
C PRO B 302 -37.55 20.88 -1.63
N ILE B 303 -37.38 20.23 -2.78
CA ILE B 303 -37.74 20.84 -4.05
C ILE B 303 -39.25 21.03 -4.12
N GLU B 304 -39.68 21.92 -5.00
CA GLU B 304 -41.11 22.17 -5.14
C GLU B 304 -41.75 21.11 -6.04
N GLY B 305 -43.05 20.94 -5.88
CA GLY B 305 -43.79 19.98 -6.67
C GLY B 305 -44.08 18.69 -5.92
N GLU B 306 -44.45 17.69 -6.70
CA GLU B 306 -44.88 16.40 -6.16
C GLU B 306 -43.73 15.41 -6.22
N ILE B 307 -43.33 14.90 -5.06
CA ILE B 307 -42.19 13.98 -4.95
C ILE B 307 -42.73 12.59 -4.68
N THR B 308 -42.56 11.67 -5.62
CA THR B 308 -43.12 10.32 -5.51
C THR B 308 -42.06 9.30 -5.88
N CYS B 309 -41.96 8.24 -5.07
CA CYS B 309 -41.22 7.04 -5.42
C CYS B 309 -42.14 5.83 -5.32
N ASN B 310 -42.14 5.01 -6.36
CA ASN B 310 -42.92 3.78 -6.43
C ASN B 310 -41.95 2.61 -6.38
N SER B 311 -41.91 1.90 -5.25
CA SER B 311 -40.88 0.90 -5.02
C SER B 311 -41.50 -0.46 -4.75
N ASN B 312 -40.66 -1.49 -4.89
CA ASN B 312 -41.02 -2.87 -4.56
C ASN B 312 -40.27 -3.25 -3.28
N ILE B 313 -41.00 -3.38 -2.18
CA ILE B 313 -40.47 -4.04 -0.99
C ILE B 313 -40.14 -5.47 -1.39
N THR B 314 -38.84 -5.79 -1.41
CA THR B 314 -38.34 -7.11 -1.74
C THR B 314 -37.74 -7.83 -0.55
N GLY B 315 -37.55 -7.15 0.57
CA GLY B 315 -36.93 -7.77 1.73
C GLY B 315 -37.15 -6.96 2.98
N LEU B 316 -36.92 -7.60 4.12
CA LEU B 316 -37.10 -7.01 5.44
C LEU B 316 -35.81 -7.10 6.22
N LEU B 317 -35.57 -6.10 7.07
CA LEU B 317 -34.50 -6.13 8.05
C LEU B 317 -35.12 -6.14 9.44
N LEU B 318 -34.83 -7.18 10.21
CA LEU B 318 -35.51 -7.39 11.48
C LEU B 318 -34.51 -7.67 12.60
N LEU B 319 -34.99 -7.51 13.82
CA LEU B 319 -34.25 -7.79 15.03
C LEU B 319 -35.18 -8.48 16.02
N ARG B 320 -34.72 -9.59 16.58
CA ARG B 320 -35.47 -10.33 17.57
C ARG B 320 -35.12 -9.80 18.96
N ASP B 321 -36.13 -9.66 19.80
CA ASP B 321 -35.91 -9.14 21.15
C ASP B 321 -35.02 -10.08 21.95
N ASP B 328 -41.38 -18.22 25.68
CA ASP B 328 -42.83 -18.05 25.58
C ASP B 328 -43.24 -17.65 24.16
N THR B 329 -42.87 -16.44 23.76
CA THR B 329 -43.20 -15.90 22.45
C THR B 329 -42.02 -15.06 21.96
N GLU B 330 -41.86 -14.99 20.65
CA GLU B 330 -40.75 -14.26 20.04
C GLU B 330 -41.27 -13.06 19.26
N THR B 331 -40.64 -11.91 19.48
CA THR B 331 -41.06 -10.63 18.91
C THR B 331 -40.00 -10.12 17.95
N PHE B 332 -40.43 -9.66 16.78
CA PHE B 332 -39.53 -9.17 15.74
C PHE B 332 -39.87 -7.72 15.40
N ARG B 333 -38.84 -6.87 15.40
CA ARG B 333 -39.01 -5.44 15.16
C ARG B 333 -38.13 -4.98 14.00
N PRO B 334 -38.58 -4.00 13.21
CA PRO B 334 -37.78 -3.56 12.07
C PRO B 334 -36.47 -2.94 12.52
N GLY B 335 -35.40 -3.23 11.77
CA GLY B 335 -34.07 -2.79 12.12
C GLY B 335 -33.36 -2.15 10.93
N GLY B 336 -32.07 -2.46 10.82
CA GLY B 336 -31.24 -1.89 9.79
C GLY B 336 -30.35 -0.79 10.32
N GLY B 337 -29.68 -0.13 9.38
CA GLY B 337 -28.75 0.93 9.73
C GLY B 337 -27.39 0.73 9.11
N ASP B 338 -26.83 -0.47 9.27
CA ASP B 338 -25.57 -0.84 8.63
C ASP B 338 -25.85 -1.24 7.20
N MET B 339 -25.61 -0.32 6.26
CA MET B 339 -25.90 -0.54 4.85
C MET B 339 -25.14 -1.74 4.27
N ARG B 340 -24.12 -2.23 4.99
CA ARG B 340 -23.50 -3.50 4.63
C ARG B 340 -24.55 -4.60 4.50
N ASP B 341 -25.55 -4.60 5.40
CA ASP B 341 -26.61 -5.59 5.31
C ASP B 341 -27.43 -5.41 4.04
N ASN B 342 -27.64 -4.15 3.62
CA ASN B 342 -28.31 -3.91 2.34
C ASN B 342 -27.54 -4.56 1.20
N TRP B 343 -26.20 -4.40 1.19
CA TRP B 343 -25.44 -5.01 0.10
C TRP B 343 -25.44 -6.52 0.21
N ARG B 344 -25.36 -7.06 1.44
CA ARG B 344 -25.34 -8.50 1.62
C ARG B 344 -26.62 -9.14 1.11
N SER B 345 -27.76 -8.46 1.29
CA SER B 345 -29.01 -8.97 0.77
C SER B 345 -28.93 -9.31 -0.71
N GLU B 346 -28.00 -8.70 -1.45
CA GLU B 346 -27.84 -8.95 -2.88
C GLU B 346 -26.56 -9.70 -3.24
N LEU B 347 -25.52 -9.59 -2.42
CA LEU B 347 -24.23 -10.22 -2.68
C LEU B 347 -24.09 -11.58 -1.99
N TYR B 348 -25.18 -12.13 -1.46
CA TYR B 348 -25.08 -13.34 -0.64
C TYR B 348 -24.62 -14.54 -1.46
N LYS B 349 -25.04 -14.63 -2.72
CA LYS B 349 -24.79 -15.81 -3.53
C LYS B 349 -23.48 -15.73 -4.31
N TYR B 350 -22.60 -14.78 -4.00
CA TYR B 350 -21.36 -14.61 -4.73
C TYR B 350 -20.16 -14.78 -3.80
N LYS B 351 -19.02 -15.11 -4.42
CA LYS B 351 -17.76 -15.25 -3.69
C LYS B 351 -16.61 -15.15 -4.69
N VAL B 352 -15.66 -14.26 -4.46
CA VAL B 352 -14.59 -14.00 -5.41
C VAL B 352 -13.43 -14.94 -5.13
N VAL B 353 -13.11 -15.80 -6.10
CA VAL B 353 -12.07 -16.80 -5.95
C VAL B 353 -10.96 -16.52 -6.96
N GLU B 354 -9.74 -16.90 -6.60
CA GLU B 354 -8.61 -16.81 -7.52
C GLU B 354 -8.59 -18.01 -8.44
N LYS C 6 -1.25 -2.07 10.76
CA LYS C 6 -0.50 -2.82 9.75
C LYS C 6 0.91 -2.27 9.69
N THR C 7 1.89 -3.15 9.92
CA THR C 7 3.29 -2.78 10.04
C THR C 7 4.13 -3.99 9.64
N THR C 8 5.43 -3.81 9.52
CA THR C 8 6.36 -4.89 9.27
C THR C 8 7.14 -5.18 10.55
N LEU C 9 6.93 -6.36 11.12
CA LEU C 9 7.57 -6.74 12.36
C LEU C 9 9.02 -7.16 12.11
N PHE C 10 9.76 -7.36 13.20
CA PHE C 10 11.11 -7.91 13.10
C PHE C 10 11.28 -9.04 14.11
N CYS C 11 12.14 -9.98 13.77
CA CYS C 11 12.35 -11.12 14.64
C CYS C 11 13.47 -10.83 15.64
N ALA C 12 13.59 -11.73 16.61
CA ALA C 12 14.61 -11.61 17.65
C ALA C 12 14.83 -12.98 18.26
N SER C 13 16.06 -13.49 18.17
CA SER C 13 16.36 -14.84 18.61
C SER C 13 17.72 -14.88 19.31
N ASP C 14 17.86 -15.83 20.22
CA ASP C 14 19.14 -16.10 20.90
C ASP C 14 20.04 -16.97 20.07
N ALA C 15 20.01 -16.82 18.74
CA ALA C 15 20.80 -17.66 17.87
C ALA C 15 22.29 -17.34 18.01
N LYS C 16 23.12 -18.32 17.69
CA LYS C 16 24.57 -18.21 17.78
C LYS C 16 25.14 -18.14 16.38
N ALA C 17 25.99 -17.15 16.12
CA ALA C 17 26.62 -16.99 14.83
C ALA C 17 27.69 -18.03 14.55
N TYR C 18 27.96 -18.92 15.50
CA TYR C 18 28.94 -19.98 15.33
C TYR C 18 28.33 -21.37 15.23
N GLU C 19 27.08 -21.53 15.65
CA GLU C 19 26.39 -22.81 15.48
C GLU C 19 26.04 -23.01 14.01
N LYS C 20 26.33 -24.19 13.48
CA LYS C 20 25.97 -24.48 12.09
C LYS C 20 24.53 -24.94 11.94
N GLU C 21 23.81 -25.16 13.05
CA GLU C 21 22.41 -25.50 12.97
C GLU C 21 21.65 -24.44 12.17
N VAL C 22 20.76 -24.89 11.29
CA VAL C 22 20.26 -24.03 10.22
C VAL C 22 19.29 -22.97 10.75
N HIS C 23 18.54 -23.26 11.82
CA HIS C 23 17.71 -22.22 12.41
C HIS C 23 18.58 -21.09 12.95
N ASN C 24 19.69 -21.43 13.62
CA ASN C 24 20.63 -20.42 14.09
C ASN C 24 21.20 -19.62 12.93
N VAL C 25 21.60 -20.31 11.85
CA VAL C 25 22.25 -19.63 10.74
C VAL C 25 21.27 -18.71 10.02
N TRP C 26 19.99 -19.09 9.95
CA TRP C 26 19.00 -18.19 9.38
C TRP C 26 18.75 -16.99 10.29
N ALA C 27 18.68 -17.24 11.60
CA ALA C 27 18.33 -16.17 12.54
C ALA C 27 19.45 -15.17 12.76
N THR C 28 20.71 -15.56 12.55
CA THR C 28 21.77 -14.56 12.75
C THR C 28 21.81 -13.56 11.60
N HIS C 29 21.45 -13.97 10.39
CA HIS C 29 21.37 -13.03 9.27
C HIS C 29 19.98 -12.46 9.07
N ALA C 30 18.97 -12.98 9.77
CA ALA C 30 17.61 -12.47 9.64
C ALA C 30 17.09 -11.78 10.88
N CYS C 31 17.62 -12.09 12.06
CA CYS C 31 17.09 -11.58 13.32
C CYS C 31 18.10 -10.72 14.05
N VAL C 32 17.58 -9.91 14.97
CA VAL C 32 18.40 -9.14 15.90
C VAL C 32 18.46 -9.94 17.19
N PRO C 33 19.36 -9.63 18.12
CA PRO C 33 19.38 -10.34 19.40
C PRO C 33 18.13 -10.02 20.21
N THR C 34 17.65 -11.03 20.94
CA THR C 34 16.60 -10.77 21.91
C THR C 34 17.13 -9.85 23.00
N ASP C 35 16.26 -9.09 23.56
CA ASP C 35 16.84 -8.19 24.54
C ASP C 35 16.37 -8.56 25.93
N PRO C 36 17.26 -8.47 26.92
CA PRO C 36 16.78 -8.50 28.32
C PRO C 36 16.14 -7.16 28.67
N ASN C 37 15.34 -6.64 27.74
CA ASN C 37 14.56 -5.41 27.86
C ASN C 37 13.07 -5.73 27.97
N PRO C 38 12.63 -6.65 28.85
CA PRO C 38 11.22 -7.06 28.78
C PRO C 38 10.33 -6.21 29.68
N GLN C 39 10.01 -5.00 29.19
CA GLN C 39 9.10 -4.11 29.91
C GLN C 39 7.68 -4.50 29.55
N GLU C 40 7.00 -5.20 30.46
CA GLU C 40 5.60 -5.51 30.31
C GLU C 40 4.76 -4.42 30.97
N MET C 41 3.71 -4.00 30.28
CA MET C 41 2.85 -2.89 30.70
C MET C 41 1.44 -3.46 30.86
N VAL C 42 0.94 -3.56 32.08
CA VAL C 42 -0.34 -4.20 32.33
C VAL C 42 -1.41 -3.13 32.52
N LEU C 43 -2.57 -3.31 31.87
CA LEU C 43 -3.61 -2.29 31.84
C LEU C 43 -4.98 -2.98 31.99
N ALA C 44 -5.54 -2.91 33.20
CA ALA C 44 -6.78 -3.60 33.53
C ALA C 44 -8.02 -2.80 33.14
N ASN C 45 -8.02 -1.49 33.42
CA ASN C 45 -9.02 -0.58 32.86
C ASN C 45 -9.22 -0.84 31.38
N VAL C 46 -8.10 -0.91 30.65
CA VAL C 46 -8.10 -1.20 29.23
C VAL C 46 -8.69 -2.59 28.94
N THR C 47 -9.29 -2.74 27.77
CA THR C 47 -9.72 -4.06 27.27
C THR C 47 -9.96 -3.98 25.77
N GLU C 48 -9.51 -5.02 25.06
CA GLU C 48 -9.38 -4.96 23.61
C GLU C 48 -10.01 -6.17 22.93
N ASN C 49 -10.24 -6.05 21.62
CA ASN C 49 -10.81 -7.13 20.81
C ASN C 49 -9.72 -7.81 20.00
N PHE C 50 -9.65 -9.14 20.08
CA PHE C 50 -8.70 -9.94 19.33
C PHE C 50 -9.44 -10.91 18.41
N ASN C 51 -8.76 -11.28 17.32
CA ASN C 51 -9.26 -12.32 16.42
C ASN C 51 -8.05 -13.08 15.90
N MET C 52 -7.74 -14.22 16.52
CA MET C 52 -6.57 -15.01 16.15
C MET C 52 -6.63 -15.53 14.73
N TRP C 53 -7.79 -15.45 14.07
CA TRP C 53 -7.95 -15.98 12.72
C TRP C 53 -7.81 -14.93 11.64
N LYS C 54 -7.77 -13.64 12.01
CA LYS C 54 -7.45 -12.54 11.09
C LYS C 54 -6.36 -11.71 11.75
N ASN C 55 -5.12 -12.21 11.68
CA ASN C 55 -3.99 -11.62 12.39
C ASN C 55 -2.78 -11.63 11.45
N ASP C 56 -2.39 -10.45 10.99
CA ASP C 56 -1.29 -10.36 10.02
C ASP C 56 0.03 -10.87 10.57
N MET C 57 0.16 -10.96 11.90
CA MET C 57 1.36 -11.56 12.47
C MET C 57 1.51 -13.02 12.02
N VAL C 58 0.39 -13.73 11.89
CA VAL C 58 0.42 -15.11 11.42
C VAL C 58 1.04 -15.18 10.02
N GLU C 59 0.58 -14.32 9.11
CA GLU C 59 1.10 -14.35 7.75
C GLU C 59 2.54 -13.89 7.68
N GLN C 60 2.94 -12.91 8.50
CA GLN C 60 4.33 -12.48 8.47
C GLN C 60 5.26 -13.58 8.97
N MET C 61 4.89 -14.25 10.07
CA MET C 61 5.68 -15.40 10.52
C MET C 61 5.64 -16.53 9.49
N HIS C 62 4.52 -16.69 8.79
CA HIS C 62 4.43 -17.73 7.76
C HIS C 62 5.44 -17.49 6.66
N GLU C 63 5.51 -16.27 6.14
CA GLU C 63 6.48 -15.96 5.10
C GLU C 63 7.90 -16.07 5.62
N ASP C 64 8.14 -15.68 6.88
CA ASP C 64 9.47 -15.83 7.45
C ASP C 64 9.89 -17.30 7.51
N ILE C 65 8.99 -18.18 7.93
CA ILE C 65 9.34 -19.60 8.04
C ILE C 65 9.50 -20.22 6.66
N ILE C 66 8.69 -19.77 5.69
CA ILE C 66 8.90 -20.20 4.30
C ILE C 66 10.30 -19.83 3.84
N SER C 67 10.72 -18.60 4.13
CA SER C 67 12.06 -18.15 3.78
C SER C 67 13.12 -19.02 4.44
N LEU C 68 12.97 -19.27 5.75
CA LEU C 68 13.94 -20.09 6.47
C LEU C 68 14.07 -21.46 5.83
N TRP C 69 12.94 -22.12 5.58
CA TRP C 69 12.99 -23.47 5.02
C TRP C 69 13.60 -23.46 3.62
N ASP C 70 13.25 -22.46 2.81
CA ASP C 70 13.82 -22.38 1.47
C ASP C 70 15.33 -22.16 1.50
N GLU C 71 15.83 -21.50 2.56
CA GLU C 71 17.27 -21.28 2.67
C GLU C 71 18.00 -22.33 3.49
N SER C 72 17.29 -23.24 4.16
CA SER C 72 17.89 -24.16 5.09
C SER C 72 17.68 -25.64 4.74
N LEU C 73 16.54 -26.00 4.18
CA LEU C 73 16.27 -27.38 3.77
C LEU C 73 16.05 -27.39 2.26
N LYS C 74 17.11 -27.09 1.52
CA LYS C 74 17.03 -27.12 0.07
C LYS C 74 16.77 -28.55 -0.40
N PRO C 75 15.74 -28.79 -1.21
CA PRO C 75 15.56 -30.11 -1.79
C PRO C 75 16.44 -30.29 -3.02
N CYS C 76 16.78 -31.55 -3.28
CA CYS C 76 17.48 -31.87 -4.53
C CYS C 76 16.63 -31.47 -5.72
N VAL C 77 15.33 -31.80 -5.69
CA VAL C 77 14.44 -31.44 -6.79
C VAL C 77 13.23 -30.72 -6.23
N LYS C 78 12.78 -29.70 -6.96
CA LYS C 78 11.59 -28.92 -6.60
C LYS C 78 10.72 -28.84 -7.84
N LEU C 79 9.55 -29.47 -7.81
CA LEU C 79 8.61 -29.48 -8.93
C LEU C 79 7.43 -28.59 -8.58
N THR C 80 7.29 -27.49 -9.33
CA THR C 80 6.18 -26.55 -9.17
C THR C 80 5.77 -26.03 -10.54
N GLY C 81 4.49 -26.16 -10.86
CA GLY C 81 3.94 -25.62 -12.09
C GLY C 81 4.74 -25.91 -13.33
N GLY C 82 4.93 -27.19 -13.63
CA GLY C 82 5.65 -27.60 -14.82
C GLY C 82 7.14 -27.30 -14.80
N SER C 83 7.62 -26.65 -13.75
CA SER C 83 9.02 -26.27 -13.64
C SER C 83 9.73 -27.15 -12.61
N ALA C 84 10.97 -27.53 -12.93
CA ALA C 84 11.78 -28.39 -12.09
C ALA C 84 13.09 -27.69 -11.78
N ILE C 85 13.39 -27.52 -10.50
CA ILE C 85 14.56 -26.78 -10.04
C ILE C 85 15.41 -27.73 -9.20
N THR C 86 16.66 -27.92 -9.60
CA THR C 86 17.58 -28.75 -8.83
C THR C 86 18.65 -27.89 -8.18
N GLN C 87 19.04 -28.28 -6.97
CA GLN C 87 20.12 -27.62 -6.25
C GLN C 87 20.75 -28.63 -5.30
N ALA C 88 21.90 -28.26 -4.76
CA ALA C 88 22.56 -29.07 -3.74
C ALA C 88 21.63 -29.30 -2.56
N CYS C 89 21.58 -30.53 -2.09
CA CYS C 89 20.71 -30.94 -0.98
C CYS C 89 21.54 -31.62 0.09
N PRO C 90 22.36 -30.86 0.82
CA PRO C 90 23.16 -31.45 1.89
C PRO C 90 22.30 -31.75 3.10
N LYS C 91 22.68 -32.80 3.83
CA LYS C 91 22.07 -33.08 5.12
C LYS C 91 22.59 -32.09 6.15
N VAL C 92 21.67 -31.41 6.83
CA VAL C 92 22.01 -30.31 7.72
C VAL C 92 21.64 -30.68 9.15
N SER C 93 22.10 -29.86 10.09
CA SER C 93 21.72 -29.97 11.49
C SER C 93 20.47 -29.13 11.71
N PHE C 94 19.37 -29.79 12.08
CA PHE C 94 18.04 -29.19 12.07
C PHE C 94 17.42 -29.35 13.45
N ASP C 95 17.26 -28.24 14.17
CA ASP C 95 16.58 -28.24 15.46
C ASP C 95 16.02 -26.86 15.73
N PRO C 96 14.69 -26.70 15.68
CA PRO C 96 14.10 -25.35 15.74
C PRO C 96 14.40 -24.66 17.06
N ILE C 97 14.54 -23.33 16.97
CA ILE C 97 14.84 -22.50 18.13
C ILE C 97 13.71 -21.50 18.30
N PRO C 98 13.59 -20.88 19.47
CA PRO C 98 12.51 -19.91 19.66
C PRO C 98 12.76 -18.63 18.88
N LEU C 99 11.67 -18.03 18.40
CA LEU C 99 11.72 -16.76 17.69
C LEU C 99 10.72 -15.80 18.33
N HIS C 100 11.18 -14.57 18.60
CA HIS C 100 10.33 -13.51 19.11
C HIS C 100 9.97 -12.57 17.97
N TYR C 101 8.71 -12.13 17.95
CA TYR C 101 8.24 -11.20 16.93
C TYR C 101 7.92 -9.85 17.56
N CYS C 102 8.31 -8.78 16.84
CA CYS C 102 8.55 -7.48 17.46
C CYS C 102 7.99 -6.32 16.63
N ALA C 103 7.24 -5.47 17.29
CA ALA C 103 6.76 -4.26 16.65
C ALA C 103 7.87 -3.21 16.64
N PRO C 104 8.11 -2.54 15.51
CA PRO C 104 9.15 -1.51 15.48
C PRO C 104 8.75 -0.24 16.23
N ALA C 105 9.57 0.81 16.13
CA ALA C 105 9.32 2.03 16.88
C ALA C 105 8.02 2.69 16.42
N GLY C 106 7.25 3.21 17.37
CA GLY C 106 5.94 3.76 17.09
C GLY C 106 4.83 2.75 17.05
N PHE C 107 5.13 1.47 17.32
CA PHE C 107 4.14 0.41 17.40
C PHE C 107 4.39 -0.39 18.67
N ALA C 108 3.35 -1.11 19.10
CA ALA C 108 3.44 -1.98 20.26
C ALA C 108 2.67 -3.26 19.99
N ILE C 109 2.84 -4.25 20.85
CA ILE C 109 2.12 -5.51 20.74
C ILE C 109 1.32 -5.70 22.01
N LEU C 110 0.00 -5.72 21.89
CA LEU C 110 -0.84 -6.02 23.03
C LEU C 110 -1.10 -7.52 23.11
N LYS C 111 -1.09 -8.02 24.34
CA LYS C 111 -1.15 -9.43 24.69
C LYS C 111 -2.26 -9.59 25.71
N CYS C 112 -3.20 -10.48 25.43
CA CYS C 112 -4.33 -10.68 26.33
C CYS C 112 -3.95 -11.68 27.43
N ASN C 113 -4.03 -11.24 28.67
CA ASN C 113 -3.62 -12.04 29.81
C ASN C 113 -4.73 -12.91 30.37
N ASN C 114 -5.88 -12.97 29.71
CA ASN C 114 -6.93 -13.90 30.11
C ASN C 114 -6.48 -15.32 29.78
N LYS C 115 -6.18 -16.11 30.81
CA LYS C 115 -5.70 -17.46 30.59
C LYS C 115 -6.79 -18.40 30.08
N THR C 116 -8.05 -17.96 30.09
CA THR C 116 -9.16 -18.73 29.53
C THR C 116 -9.57 -18.23 28.15
N PHE C 117 -8.79 -17.32 27.56
CA PHE C 117 -9.17 -16.68 26.31
C PHE C 117 -9.20 -17.70 25.17
N ASN C 118 -10.32 -17.78 24.46
CA ASN C 118 -10.43 -18.72 23.36
C ASN C 118 -9.82 -18.19 22.07
N GLY C 119 -9.37 -16.93 22.05
CA GLY C 119 -8.73 -16.36 20.89
C GLY C 119 -9.59 -15.45 20.04
N THR C 120 -10.86 -15.28 20.40
CA THR C 120 -11.79 -14.49 19.60
C THR C 120 -12.69 -13.69 20.52
N GLY C 121 -12.74 -12.38 20.34
CA GLY C 121 -13.62 -11.53 21.09
C GLY C 121 -12.88 -10.55 21.99
N PRO C 122 -13.58 -10.01 22.98
CA PRO C 122 -12.94 -9.07 23.90
C PRO C 122 -12.17 -9.78 25.01
N CYS C 123 -11.13 -9.09 25.46
CA CYS C 123 -10.29 -9.52 26.57
C CYS C 123 -10.11 -8.33 27.49
N ARG C 124 -10.42 -8.53 28.78
CA ARG C 124 -10.45 -7.41 29.70
C ARG C 124 -9.10 -7.11 30.33
N ASN C 125 -8.25 -8.11 30.53
CA ASN C 125 -6.90 -7.87 31.03
C ASN C 125 -5.95 -7.93 29.85
N VAL C 126 -5.48 -6.76 29.43
CA VAL C 126 -4.56 -6.64 28.30
C VAL C 126 -3.26 -6.01 28.81
N SER C 127 -2.17 -6.31 28.13
CA SER C 127 -0.87 -5.76 28.43
C SER C 127 -0.18 -5.41 27.13
N THR C 128 0.74 -4.46 27.15
CA THR C 128 1.55 -4.15 25.99
C THR C 128 3.00 -4.48 26.27
N VAL C 129 3.63 -5.14 25.31
CA VAL C 129 5.05 -5.40 25.28
C VAL C 129 5.55 -5.02 23.90
N GLN C 130 6.86 -5.18 23.68
CA GLN C 130 7.39 -4.91 22.36
C GLN C 130 7.55 -6.16 21.51
N CYS C 131 7.59 -7.36 22.14
CA CYS C 131 7.81 -8.59 21.40
C CYS C 131 7.10 -9.76 22.07
N THR C 132 6.67 -10.72 21.24
CA THR C 132 6.04 -11.95 21.70
C THR C 132 7.05 -12.83 22.44
N HIS C 133 6.53 -13.89 23.04
CA HIS C 133 7.36 -14.91 23.67
C HIS C 133 8.07 -15.75 22.60
N GLY C 134 9.04 -16.53 23.04
CA GLY C 134 9.81 -17.35 22.12
C GLY C 134 8.96 -18.47 21.54
N ILE C 135 8.85 -18.52 20.22
CA ILE C 135 7.99 -19.48 19.53
C ILE C 135 8.86 -20.31 18.60
N LYS C 136 8.88 -21.62 18.84
CA LYS C 136 9.57 -22.54 17.94
C LYS C 136 8.72 -22.77 16.70
N PRO C 137 9.22 -22.49 15.50
CA PRO C 137 8.44 -22.71 14.27
C PRO C 137 8.42 -24.18 13.83
N VAL C 138 7.67 -24.99 14.55
CA VAL C 138 7.65 -26.44 14.30
C VAL C 138 6.54 -26.76 13.30
N VAL C 139 6.93 -27.29 12.15
CA VAL C 139 6.01 -27.65 11.08
C VAL C 139 5.55 -29.09 11.30
N SER C 140 4.25 -29.28 11.47
CA SER C 140 3.69 -30.61 11.66
C SER C 140 2.18 -30.56 11.40
N THR C 141 1.59 -31.75 11.34
CA THR C 141 0.15 -31.89 11.16
C THR C 141 -0.43 -32.70 12.32
N GLN C 142 -1.75 -32.61 12.46
CA GLN C 142 -2.52 -33.38 13.45
C GLN C 142 -2.18 -33.00 14.88
N LEU C 143 -0.90 -33.13 15.27
CA LEU C 143 -0.48 -32.85 16.63
C LEU C 143 0.48 -31.67 16.64
N LEU C 144 0.16 -30.63 17.42
CA LEU C 144 1.05 -29.52 17.62
C LEU C 144 2.12 -29.90 18.65
N LEU C 145 3.38 -29.64 18.31
CA LEU C 145 4.51 -30.13 19.08
C LEU C 145 5.33 -28.98 19.64
N ASN C 146 5.85 -29.18 20.85
CA ASN C 146 6.87 -28.31 21.44
C ASN C 146 6.41 -26.86 21.55
N GLY C 147 5.11 -26.66 21.79
CA GLY C 147 4.55 -25.34 21.94
C GLY C 147 4.34 -24.96 23.40
N SER C 148 3.61 -23.86 23.59
CA SER C 148 3.26 -23.40 24.92
C SER C 148 1.96 -24.06 25.38
N LEU C 149 1.86 -24.27 26.69
CA LEU C 149 0.72 -24.95 27.28
C LEU C 149 -0.22 -23.93 27.92
N ALA C 150 -1.52 -24.22 27.85
CA ALA C 150 -2.50 -23.39 28.55
C ALA C 150 -2.24 -23.45 30.05
N GLU C 151 -2.47 -22.33 30.73
CA GLU C 151 -2.11 -22.22 32.13
C GLU C 151 -3.21 -22.73 33.07
N GLU C 152 -4.47 -22.78 32.61
CA GLU C 152 -5.53 -23.32 33.42
C GLU C 152 -6.22 -24.43 32.62
N GLU C 153 -7.46 -24.24 32.20
CA GLU C 153 -8.23 -25.28 31.52
C GLU C 153 -7.69 -25.51 30.11
N ILE C 154 -8.10 -26.64 29.51
CA ILE C 154 -7.86 -26.87 28.10
C ILE C 154 -8.78 -25.97 27.29
N ILE C 155 -8.23 -25.35 26.23
CA ILE C 155 -8.94 -24.34 25.46
C ILE C 155 -9.31 -24.89 24.10
N ILE C 156 -10.51 -24.58 23.64
CA ILE C 156 -10.97 -24.90 22.30
C ILE C 156 -10.98 -23.62 21.48
N ARG C 157 -10.34 -23.66 20.31
CA ARG C 157 -10.23 -22.50 19.44
C ARG C 157 -10.76 -22.85 18.07
N SER C 158 -11.56 -21.94 17.52
CA SER C 158 -12.13 -22.11 16.19
C SER C 158 -12.72 -20.79 15.73
N GLU C 159 -12.48 -20.39 14.49
CA GLU C 159 -13.12 -19.18 14.02
C GLU C 159 -14.61 -19.40 13.77
N ASN C 160 -15.05 -20.65 13.68
CA ASN C 160 -16.47 -20.95 13.65
C ASN C 160 -16.68 -22.43 13.97
N LEU C 161 -17.25 -22.72 15.14
CA LEU C 161 -17.44 -24.09 15.57
C LEU C 161 -18.59 -24.78 14.84
N THR C 162 -19.56 -24.02 14.32
CA THR C 162 -20.66 -24.63 13.59
C THR C 162 -20.27 -24.99 12.16
N ASN C 163 -19.30 -24.27 11.59
CA ASN C 163 -18.77 -24.61 10.27
C ASN C 163 -17.81 -25.78 10.43
N ASN C 164 -18.19 -26.94 9.88
CA ASN C 164 -17.35 -28.12 10.01
C ASN C 164 -16.04 -27.99 9.25
N ALA C 165 -15.93 -26.99 8.36
CA ALA C 165 -14.73 -26.85 7.54
C ALA C 165 -13.62 -26.06 8.23
N LYS C 166 -13.94 -25.30 9.28
CA LYS C 166 -12.94 -24.50 9.96
C LYS C 166 -12.13 -25.37 10.92
N THR C 167 -10.81 -25.23 10.86
CA THR C 167 -9.92 -26.01 11.71
C THR C 167 -10.18 -25.70 13.19
N ILE C 168 -10.22 -26.74 14.01
CA ILE C 168 -10.28 -26.60 15.46
C ILE C 168 -8.89 -26.80 16.03
N ILE C 169 -8.48 -25.89 16.91
CA ILE C 169 -7.23 -25.99 17.65
C ILE C 169 -7.57 -26.35 19.09
N VAL C 170 -6.94 -27.41 19.59
CA VAL C 170 -7.14 -27.86 20.97
C VAL C 170 -5.86 -27.54 21.72
N HIS C 171 -5.91 -26.54 22.59
CA HIS C 171 -4.76 -26.13 23.39
C HIS C 171 -4.79 -26.87 24.72
N LEU C 172 -3.83 -27.78 24.90
CA LEU C 172 -3.75 -28.62 26.08
C LEU C 172 -3.02 -27.91 27.20
N ASN C 173 -3.41 -28.23 28.44
CA ASN C 173 -2.73 -27.67 29.60
C ASN C 173 -1.70 -28.62 30.21
N GLU C 174 -1.73 -29.90 29.84
CA GLU C 174 -0.70 -30.86 30.22
C GLU C 174 -0.20 -31.54 28.96
N SER C 175 1.12 -31.54 28.77
CA SER C 175 1.71 -32.04 27.53
C SER C 175 1.83 -33.56 27.56
N VAL C 176 1.69 -34.16 26.38
CA VAL C 176 1.73 -35.62 26.22
C VAL C 176 2.99 -35.98 25.47
N ASN C 177 3.85 -36.80 26.09
CA ASN C 177 5.14 -37.10 25.49
C ASN C 177 5.01 -38.06 24.32
N ILE C 178 5.73 -37.77 23.25
CA ILE C 178 5.80 -38.67 22.09
C ILE C 178 7.27 -38.80 21.68
N VAL C 179 7.75 -40.03 21.59
CA VAL C 179 9.13 -40.29 21.19
C VAL C 179 9.11 -41.04 19.85
N CYS C 180 9.66 -40.41 18.80
CA CYS C 180 9.65 -40.98 17.46
C CYS C 180 11.08 -41.27 17.01
N THR C 181 11.28 -42.44 16.39
CA THR C 181 12.64 -42.95 16.18
C THR C 181 12.67 -43.88 14.97
N ARG C 182 13.63 -43.65 14.09
CA ARG C 182 14.12 -44.70 13.21
C ARG C 182 15.42 -45.22 13.81
N PRO C 183 15.47 -46.46 14.28
CA PRO C 183 16.61 -46.94 15.06
C PRO C 183 17.80 -47.28 14.17
N ASN C 184 18.88 -47.72 14.81
CA ASN C 184 20.06 -48.18 14.11
C ASN C 184 19.89 -49.64 13.69
N ASN C 193 14.72 -52.25 6.82
CA ASN C 193 14.27 -51.08 6.07
C ASN C 193 14.73 -49.78 6.74
N ILE C 194 15.41 -48.94 5.97
CA ILE C 194 16.05 -47.74 6.50
C ILE C 194 15.10 -46.56 6.52
N ARG C 195 13.84 -46.80 6.19
CA ARG C 195 12.81 -45.76 6.26
C ARG C 195 11.66 -46.15 7.18
N GLN C 196 11.81 -47.21 7.95
CA GLN C 196 10.80 -47.64 8.90
C GLN C 196 11.13 -47.09 10.28
N ALA C 197 10.16 -46.40 10.87
CA ALA C 197 10.34 -45.79 12.19
C ALA C 197 9.09 -46.06 13.02
N HIS C 198 9.13 -45.61 14.27
CA HIS C 198 7.96 -45.76 15.13
C HIS C 198 7.96 -44.69 16.21
N CYS C 199 6.76 -44.39 16.70
CA CYS C 199 6.52 -43.44 17.79
C CYS C 199 5.87 -44.16 18.96
N ASN C 200 6.35 -43.86 20.15
CA ASN C 200 5.78 -44.36 21.38
C ASN C 200 5.09 -43.22 22.12
N ILE C 201 3.87 -43.50 22.57
CA ILE C 201 3.05 -42.58 23.36
C ILE C 201 2.48 -43.36 24.53
N ASN C 202 2.73 -42.88 25.75
CA ASN C 202 2.20 -43.54 26.94
C ASN C 202 0.67 -43.52 26.91
N GLU C 203 0.06 -44.70 26.92
CA GLU C 203 -1.36 -44.82 26.62
C GLU C 203 -2.25 -44.18 27.67
N SER C 204 -1.79 -44.14 28.93
CA SER C 204 -2.65 -43.64 30.01
C SER C 204 -2.75 -42.11 29.99
N LYS C 205 -1.64 -41.42 29.73
CA LYS C 205 -1.71 -39.97 29.60
C LYS C 205 -2.54 -39.58 28.39
N TRP C 206 -2.46 -40.34 27.30
CA TRP C 206 -3.35 -40.12 26.18
C TRP C 206 -4.81 -40.36 26.57
N ASN C 207 -5.05 -41.37 27.40
CA ASN C 207 -6.41 -41.65 27.89
C ASN C 207 -6.98 -40.44 28.62
N ASN C 208 -6.22 -39.91 29.58
CA ASN C 208 -6.70 -38.75 30.34
C ASN C 208 -6.84 -37.51 29.46
N THR C 209 -5.87 -37.28 28.57
CA THR C 209 -5.91 -36.14 27.67
C THR C 209 -7.17 -36.16 26.82
N LEU C 210 -7.49 -37.33 26.25
CA LEU C 210 -8.66 -37.40 25.40
C LEU C 210 -9.96 -37.34 26.20
N GLN C 211 -9.96 -37.82 27.45
CA GLN C 211 -11.16 -37.67 28.27
C GLN C 211 -11.45 -36.19 28.54
N LYS C 212 -10.44 -35.42 28.92
CA LYS C 212 -10.70 -34.01 29.21
C LYS C 212 -10.96 -33.20 27.93
N VAL C 213 -10.34 -33.58 26.81
CA VAL C 213 -10.67 -32.97 25.53
C VAL C 213 -12.14 -33.24 25.19
N GLY C 214 -12.59 -34.48 25.42
CA GLY C 214 -13.99 -34.80 25.20
C GLY C 214 -14.91 -33.99 26.11
N GLU C 215 -14.47 -33.74 27.33
CA GLU C 215 -15.24 -32.88 28.24
C GLU C 215 -15.46 -31.49 27.64
N GLU C 216 -14.37 -30.85 27.20
CA GLU C 216 -14.51 -29.50 26.66
C GLU C 216 -15.34 -29.49 25.37
N LEU C 217 -15.06 -30.44 24.47
CA LEU C 217 -15.83 -30.52 23.23
C LEU C 217 -17.30 -30.78 23.51
N ALA C 218 -17.62 -31.55 24.57
CA ALA C 218 -19.01 -31.76 24.95
C ALA C 218 -19.62 -30.49 25.51
N LYS C 219 -18.83 -29.67 26.20
CA LYS C 219 -19.33 -28.36 26.60
C LYS C 219 -19.77 -27.55 25.38
N HIS C 220 -19.00 -27.62 24.29
CA HIS C 220 -19.41 -26.88 23.10
C HIS C 220 -20.37 -27.63 22.21
N PHE C 221 -20.60 -28.93 22.45
CA PHE C 221 -21.64 -29.71 21.78
C PHE C 221 -22.41 -30.42 22.88
N PRO C 222 -23.33 -29.70 23.57
CA PRO C 222 -23.83 -30.17 24.88
C PRO C 222 -24.80 -31.34 24.84
N SER C 223 -26.55 -34.56 23.68
CA SER C 223 -26.32 -35.77 22.86
C SER C 223 -24.85 -35.80 22.44
N LYS C 224 -24.58 -36.06 21.16
CA LYS C 224 -23.32 -35.73 20.53
C LYS C 224 -22.19 -36.44 21.27
N THR C 225 -22.34 -37.76 21.33
CA THR C 225 -21.25 -38.64 21.66
C THR C 225 -20.02 -38.14 20.93
N ILE C 226 -18.95 -37.90 21.66
CA ILE C 226 -17.76 -37.36 21.04
C ILE C 226 -16.94 -38.54 20.56
N LYS C 227 -16.60 -38.55 19.28
CA LYS C 227 -15.91 -39.69 18.69
C LYS C 227 -14.65 -39.20 18.01
N PHE C 228 -13.52 -39.78 18.37
CA PHE C 228 -12.25 -39.52 17.71
C PHE C 228 -11.96 -40.67 16.75
N GLU C 229 -11.89 -40.35 15.47
CA GLU C 229 -11.61 -41.31 14.41
C GLU C 229 -10.41 -40.81 13.62
N PRO C 230 -9.73 -41.70 12.90
CA PRO C 230 -8.56 -41.26 12.12
C PRO C 230 -8.99 -40.38 10.94
N SER C 231 -7.99 -39.72 10.36
CA SER C 231 -8.25 -38.82 9.24
C SER C 231 -8.86 -39.59 8.07
N SER C 232 -9.83 -38.96 7.42
CA SER C 232 -10.56 -39.60 6.32
C SER C 232 -9.64 -39.89 5.13
N GLY C 233 -9.26 -38.85 4.40
CA GLY C 233 -8.41 -39.04 3.24
C GLY C 233 -7.67 -37.76 2.88
N GLY C 234 -6.86 -37.85 1.84
CA GLY C 234 -6.07 -36.74 1.35
C GLY C 234 -4.61 -37.12 1.20
N ASP C 235 -3.78 -36.10 1.03
CA ASP C 235 -2.34 -36.32 0.96
C ASP C 235 -1.84 -37.00 2.22
N LEU C 236 -0.77 -37.81 2.06
CA LEU C 236 -0.18 -38.47 3.21
C LEU C 236 0.24 -37.48 4.28
N GLU C 237 0.60 -36.25 3.88
CA GLU C 237 1.06 -35.25 4.84
C GLU C 237 0.00 -34.96 5.89
N ILE C 238 -1.28 -34.95 5.49
CA ILE C 238 -2.35 -34.62 6.43
C ILE C 238 -3.10 -35.87 6.92
N THR C 239 -3.07 -36.98 6.19
CA THR C 239 -3.68 -38.21 6.68
C THR C 239 -2.83 -38.91 7.72
N THR C 240 -1.62 -38.43 7.97
CA THR C 240 -0.78 -38.92 9.05
C THR C 240 -0.27 -37.74 9.86
N HIS C 241 0.25 -38.05 11.05
CA HIS C 241 1.06 -37.09 11.79
C HIS C 241 2.41 -36.99 11.08
N SER C 242 2.57 -35.92 10.29
CA SER C 242 3.81 -35.71 9.55
C SER C 242 4.57 -34.55 10.18
N PHE C 243 5.89 -34.65 10.17
CA PHE C 243 6.73 -33.62 10.80
C PHE C 243 8.16 -33.84 10.32
N ASN C 244 9.05 -32.94 10.74
CA ASN C 244 10.46 -33.04 10.40
C ASN C 244 11.27 -33.19 11.67
N CYS C 245 12.17 -34.18 11.66
CA CYS C 245 13.01 -34.55 12.80
C CYS C 245 14.44 -34.66 12.32
N ARG C 246 15.30 -33.77 12.81
CA ARG C 246 16.72 -33.77 12.45
C ARG C 246 16.93 -33.77 10.94
N GLY C 247 16.03 -33.11 10.21
CA GLY C 247 16.12 -33.00 8.77
C GLY C 247 15.30 -34.01 7.99
N GLU C 248 14.86 -35.09 8.63
CA GLU C 248 14.15 -36.16 7.95
C GLU C 248 12.65 -35.98 8.07
N PHE C 249 11.92 -36.35 7.01
CA PHE C 249 10.47 -36.13 6.94
C PHE C 249 9.76 -37.41 7.38
N PHE C 250 9.22 -37.37 8.60
CA PHE C 250 8.50 -38.50 9.19
C PHE C 250 7.01 -38.40 8.88
N TYR C 251 6.42 -39.53 8.49
CA TYR C 251 4.98 -39.68 8.31
C TYR C 251 4.54 -40.84 9.20
N CYS C 252 3.80 -40.53 10.27
CA CYS C 252 3.47 -41.51 11.29
C CYS C 252 1.96 -41.73 11.36
N ASN C 253 1.57 -43.00 11.41
CA ASN C 253 0.17 -43.41 11.31
C ASN C 253 -0.52 -43.26 12.67
N THR C 254 -1.64 -42.53 12.68
CA THR C 254 -2.33 -42.20 13.92
C THR C 254 -3.66 -42.95 14.10
N SER C 255 -3.88 -44.02 13.33
CA SER C 255 -5.16 -44.72 13.41
C SER C 255 -5.37 -45.37 14.77
N ASP C 256 -4.29 -45.70 15.49
CA ASP C 256 -4.39 -46.17 16.86
C ASP C 256 -4.36 -45.04 17.87
N LEU C 257 -4.29 -43.78 17.42
CA LEU C 257 -4.23 -42.63 18.29
C LEU C 257 -5.57 -41.90 18.36
N PHE C 258 -6.08 -41.45 17.22
CA PHE C 258 -7.40 -40.82 17.14
C PHE C 258 -8.42 -41.93 16.88
N ASN C 259 -8.82 -42.59 17.96
CA ASN C 259 -9.63 -43.80 17.87
C ASN C 259 -10.28 -44.11 19.22
N GLY C 260 -11.27 -43.32 19.60
CA GLY C 260 -11.92 -43.53 20.89
C GLY C 260 -13.30 -42.88 20.92
N THR C 261 -13.99 -43.11 22.04
CA THR C 261 -15.35 -42.63 22.21
C THR C 261 -15.54 -42.07 23.60
N TYR C 262 -16.05 -40.84 23.67
CA TYR C 262 -16.41 -40.17 24.92
C TYR C 262 -17.93 -40.14 24.99
N ARG C 263 -18.48 -40.93 25.92
CA ARG C 263 -19.92 -41.06 26.08
C ARG C 263 -20.27 -41.05 27.57
N ASN C 264 -21.43 -40.46 27.88
CA ASN C 264 -21.92 -40.23 29.23
C ASN C 264 -20.80 -39.88 30.21
N GLY C 265 -19.92 -38.98 29.80
CA GLY C 265 -18.93 -38.43 30.70
C GLY C 265 -17.68 -39.26 30.91
N THR C 266 -17.49 -40.35 30.17
CA THR C 266 -16.25 -41.10 30.27
C THR C 266 -15.76 -41.49 28.89
N TYR C 267 -14.43 -41.55 28.76
CA TYR C 267 -13.78 -41.87 27.50
C TYR C 267 -13.29 -43.30 27.51
N ASN C 268 -13.46 -43.98 26.39
CA ASN C 268 -13.01 -45.34 26.18
C ASN C 268 -12.15 -45.34 24.91
N HIS C 269 -10.88 -45.69 25.07
CA HIS C 269 -9.97 -45.74 23.94
C HIS C 269 -10.17 -47.04 23.19
N THR C 270 -10.55 -46.95 21.92
CA THR C 270 -10.72 -48.11 21.06
C THR C 270 -9.52 -48.35 20.16
N GLY C 271 -8.43 -47.60 20.38
CA GLY C 271 -7.22 -47.83 19.60
C GLY C 271 -6.41 -48.98 20.14
N ARG C 272 -5.69 -49.65 19.24
CA ARG C 272 -4.90 -50.81 19.62
C ARG C 272 -3.74 -50.38 20.53
N SER C 273 -3.64 -51.04 21.68
CA SER C 273 -2.64 -50.74 22.69
C SER C 273 -1.81 -51.98 22.98
N SER C 274 -0.54 -51.78 23.28
CA SER C 274 0.37 -52.86 23.64
C SER C 274 1.22 -52.43 24.81
N ASN C 275 1.07 -53.14 25.94
CA ASN C 275 1.89 -52.92 27.14
C ASN C 275 1.73 -51.50 27.68
N GLY C 276 0.57 -50.88 27.45
CA GLY C 276 0.32 -49.56 27.97
C GLY C 276 0.93 -48.42 27.18
N THR C 277 1.41 -48.68 25.96
CA THR C 277 1.92 -47.63 25.08
C THR C 277 1.38 -47.86 23.67
N ILE C 278 0.94 -46.78 23.04
CA ILE C 278 0.53 -46.81 21.64
C ILE C 278 1.78 -46.59 20.78
N THR C 279 1.94 -47.44 19.78
CA THR C 279 3.05 -47.35 18.84
C THR C 279 2.49 -46.98 17.46
N LEU C 280 2.90 -45.83 16.95
CA LEU C 280 2.57 -45.40 15.59
C LEU C 280 3.69 -45.84 14.65
N GLN C 281 3.33 -46.43 13.53
CA GLN C 281 4.30 -46.82 12.51
C GLN C 281 4.58 -45.63 11.60
N CYS C 282 5.86 -45.42 11.28
CA CYS C 282 6.28 -44.26 10.51
C CYS C 282 7.10 -44.68 9.30
N LYS C 283 6.99 -43.88 8.26
CA LYS C 283 7.86 -43.95 7.10
C LYS C 283 8.60 -42.62 6.96
N ILE C 284 9.89 -42.69 6.63
CA ILE C 284 10.66 -41.49 6.32
C ILE C 284 10.61 -41.32 4.80
N LYS C 285 9.99 -40.25 4.34
CA LYS C 285 9.74 -40.07 2.92
C LYS C 285 10.70 -39.05 2.30
N GLN C 286 11.01 -39.25 1.03
CA GLN C 286 11.86 -38.35 0.26
C GLN C 286 11.10 -37.49 -0.73
N ILE C 287 9.93 -37.93 -1.17
CA ILE C 287 9.05 -37.11 -1.99
C ILE C 287 7.99 -36.51 -1.08
N ILE C 288 7.99 -35.18 -0.96
CA ILE C 288 7.15 -34.46 -0.02
C ILE C 288 6.22 -33.53 -0.79
N ASN C 289 4.93 -33.53 -0.42
CA ASN C 289 4.05 -32.46 -0.83
C ASN C 289 4.33 -31.25 0.06
N MET C 290 4.85 -30.18 -0.54
CA MET C 290 5.27 -29.02 0.21
C MET C 290 4.08 -28.36 0.89
N TRP C 291 4.34 -27.75 2.04
CA TRP C 291 3.35 -26.91 2.70
C TRP C 291 3.50 -25.44 2.31
N GLN C 292 4.70 -25.03 1.92
CA GLN C 292 4.98 -23.63 1.61
C GLN C 292 4.19 -23.18 0.39
N GLU C 293 4.28 -23.94 -0.70
CA GLU C 293 3.51 -23.70 -1.92
C GLU C 293 2.95 -25.04 -2.37
N VAL C 294 2.20 -25.05 -3.46
CA VAL C 294 1.68 -26.29 -4.01
C VAL C 294 2.70 -26.85 -4.98
N GLY C 295 3.18 -28.05 -4.70
CA GLY C 295 4.24 -28.66 -5.46
C GLY C 295 4.96 -29.70 -4.64
N ARG C 296 5.86 -30.43 -5.30
CA ARG C 296 6.58 -31.51 -4.65
C ARG C 296 8.06 -31.17 -4.48
N ALA C 297 8.66 -31.77 -3.46
CA ALA C 297 10.06 -31.55 -3.13
C ALA C 297 10.70 -32.90 -2.82
N ILE C 298 11.84 -33.17 -3.46
CA ILE C 298 12.52 -34.44 -3.34
C ILE C 298 13.88 -34.23 -2.69
N TYR C 299 14.10 -34.95 -1.58
CA TYR C 299 15.27 -34.89 -0.74
C TYR C 299 16.06 -36.19 -0.86
N ALA C 300 17.25 -36.20 -0.25
CA ALA C 300 18.13 -37.34 -0.30
C ALA C 300 17.74 -38.39 0.74
N PRO C 301 18.17 -39.63 0.57
CA PRO C 301 17.84 -40.69 1.54
C PRO C 301 18.26 -40.30 2.95
N PRO C 302 17.68 -40.92 3.97
CA PRO C 302 18.00 -40.53 5.36
C PRO C 302 19.46 -40.73 5.68
N ILE C 303 19.91 -40.04 6.73
CA ILE C 303 21.24 -40.20 7.27
C ILE C 303 21.35 -41.56 7.93
N GLU C 304 22.55 -41.92 8.37
CA GLU C 304 22.77 -43.17 9.07
C GLU C 304 22.74 -42.96 10.56
N GLY C 305 22.52 -44.04 11.29
CA GLY C 305 22.45 -43.99 12.73
C GLY C 305 21.02 -43.91 13.22
N GLU C 306 20.91 -43.50 14.46
CA GLU C 306 19.65 -43.55 15.18
C GLU C 306 19.04 -42.14 15.17
N ILE C 307 17.87 -41.99 14.55
CA ILE C 307 17.23 -40.69 14.32
C ILE C 307 16.00 -40.60 15.21
N THR C 308 16.07 -39.80 16.28
CA THR C 308 15.03 -39.77 17.29
C THR C 308 14.71 -38.33 17.70
N CYS C 309 13.42 -38.02 17.77
CA CYS C 309 12.93 -36.80 18.40
C CYS C 309 12.06 -37.16 19.60
N ASN C 310 12.35 -36.53 20.74
CA ASN C 310 11.53 -36.65 21.94
C ASN C 310 10.78 -35.33 22.10
N SER C 311 9.48 -35.34 21.78
CA SER C 311 8.71 -34.11 21.67
C SER C 311 7.54 -34.12 22.64
N ASN C 312 7.05 -32.92 22.94
CA ASN C 312 5.88 -32.70 23.78
C ASN C 312 4.70 -32.33 22.90
N ILE C 313 3.65 -33.16 22.90
CA ILE C 313 2.39 -32.79 22.30
C ILE C 313 1.72 -31.75 23.19
N THR C 314 1.51 -30.55 22.64
CA THR C 314 0.89 -29.46 23.38
C THR C 314 -0.47 -29.07 22.84
N GLY C 315 -0.83 -29.53 21.64
CA GLY C 315 -2.11 -29.17 21.06
C GLY C 315 -2.50 -30.14 19.96
N LEU C 316 -3.74 -30.00 19.52
CA LEU C 316 -4.31 -30.83 18.47
C LEU C 316 -4.90 -29.95 17.38
N LEU C 317 -4.92 -30.47 16.15
CA LEU C 317 -5.59 -29.86 15.02
C LEU C 317 -6.66 -30.83 14.55
N LEU C 318 -7.93 -30.48 14.79
CA LEU C 318 -9.04 -31.37 14.54
C LEU C 318 -10.00 -30.76 13.53
N LEU C 319 -10.82 -31.64 12.93
CA LEU C 319 -11.87 -31.22 12.02
C LEU C 319 -13.10 -32.10 12.24
N ARG C 320 -14.26 -31.46 12.27
CA ARG C 320 -15.52 -32.11 12.61
C ARG C 320 -16.22 -32.62 11.35
N ASP C 321 -16.69 -33.86 11.39
CA ASP C 321 -17.47 -34.40 10.28
C ASP C 321 -18.86 -33.78 10.28
N ASP C 328 -27.11 -38.10 15.64
CA ASP C 328 -26.82 -38.87 16.84
C ASP C 328 -25.51 -38.45 17.49
N THR C 329 -24.53 -38.03 16.68
CA THR C 329 -23.20 -37.85 17.23
C THR C 329 -22.39 -36.85 16.41
N GLU C 330 -21.20 -36.53 16.93
CA GLU C 330 -20.22 -35.66 16.29
C GLU C 330 -18.88 -36.36 16.27
N THR C 331 -18.27 -36.46 15.10
CA THR C 331 -17.00 -37.15 14.91
C THR C 331 -15.89 -36.14 14.67
N PHE C 332 -14.75 -36.35 15.33
CA PHE C 332 -13.60 -35.45 15.24
C PHE C 332 -12.40 -36.21 14.72
N ARG C 333 -11.80 -35.71 13.64
CA ARG C 333 -10.65 -36.38 13.07
C ARG C 333 -9.43 -35.46 13.10
N PRO C 334 -8.21 -36.01 13.13
CA PRO C 334 -7.04 -35.15 13.07
C PRO C 334 -6.98 -34.42 11.73
N GLY C 335 -6.47 -33.19 11.77
CA GLY C 335 -6.39 -32.39 10.58
C GLY C 335 -5.11 -31.58 10.51
N GLY C 336 -5.15 -30.47 9.80
CA GLY C 336 -3.98 -29.63 9.63
C GLY C 336 -3.51 -29.63 8.18
N GLY C 337 -2.33 -29.07 7.98
CA GLY C 337 -1.75 -28.89 6.68
C GLY C 337 -1.61 -27.44 6.27
N ASP C 338 -2.31 -26.54 6.94
CA ASP C 338 -2.08 -25.10 6.82
C ASP C 338 -1.28 -24.69 8.05
N MET C 339 0.04 -24.53 7.88
CA MET C 339 0.93 -24.23 8.99
C MET C 339 0.63 -22.87 9.63
N ARG C 340 -0.17 -22.04 8.99
CA ARG C 340 -0.63 -20.81 9.63
C ARG C 340 -1.44 -21.13 10.88
N ASP C 341 -2.14 -22.27 10.91
CA ASP C 341 -2.82 -22.67 12.14
C ASP C 341 -1.82 -23.02 13.24
N ASN C 342 -0.71 -23.67 12.86
CA ASN C 342 0.38 -23.87 13.81
C ASN C 342 0.84 -22.54 14.39
N TRP C 343 1.01 -21.52 13.53
CA TRP C 343 1.42 -20.23 14.06
C TRP C 343 0.33 -19.59 14.92
N ARG C 344 -0.93 -19.81 14.57
CA ARG C 344 -2.04 -19.24 15.33
C ARG C 344 -2.11 -19.82 16.73
N SER C 345 -1.71 -21.08 16.90
CA SER C 345 -1.74 -21.68 18.22
C SER C 345 -0.87 -20.94 19.22
N GLU C 346 0.16 -20.22 18.74
CA GLU C 346 1.01 -19.42 19.60
C GLU C 346 0.77 -17.92 19.50
N LEU C 347 0.28 -17.43 18.36
CA LEU C 347 0.08 -16.01 18.13
C LEU C 347 -1.35 -15.56 18.42
N TYR C 348 -2.11 -16.34 19.20
CA TYR C 348 -3.48 -15.95 19.51
C TYR C 348 -3.51 -14.84 20.56
N LYS C 349 -2.54 -14.83 21.48
CA LYS C 349 -2.55 -13.83 22.55
C LYS C 349 -2.29 -12.42 22.05
N TYR C 350 -1.69 -12.27 20.88
CA TYR C 350 -1.09 -11.00 20.47
C TYR C 350 -1.90 -10.30 19.39
N LYS C 351 -1.70 -8.99 19.34
CA LYS C 351 -2.25 -8.10 18.32
C LYS C 351 -1.34 -6.89 18.23
N VAL C 352 -1.08 -6.42 17.01
CA VAL C 352 -0.16 -5.32 16.79
C VAL C 352 -0.95 -4.01 16.71
N VAL C 353 -0.48 -2.98 17.42
CA VAL C 353 -1.17 -1.71 17.53
C VAL C 353 -0.20 -0.58 17.22
N GLU C 354 -0.77 0.54 16.76
CA GLU C 354 -0.03 1.77 16.57
C GLU C 354 -0.07 2.58 17.85
N LYS D 6 14.54 5.13 -0.90
CA LYS D 6 13.33 5.64 -0.26
C LYS D 6 12.88 4.72 0.88
N THR D 7 12.25 5.32 1.88
CA THR D 7 11.69 4.61 3.02
C THR D 7 10.68 5.53 3.69
N THR D 8 10.35 5.26 4.95
CA THR D 8 9.53 6.16 5.76
C THR D 8 10.24 6.38 7.08
N LEU D 9 10.79 7.57 7.27
CA LEU D 9 11.52 7.88 8.48
C LEU D 9 10.57 8.07 9.66
N PHE D 10 11.10 7.91 10.86
CA PHE D 10 10.36 8.20 12.07
C PHE D 10 11.10 9.28 12.85
N CYS D 11 10.38 9.98 13.70
CA CYS D 11 10.95 11.11 14.41
C CYS D 11 11.17 10.77 15.88
N ALA D 12 12.17 11.42 16.46
CA ALA D 12 12.50 11.30 17.86
C ALA D 12 12.62 12.70 18.45
N SER D 13 12.12 12.87 19.67
CA SER D 13 12.14 14.19 20.28
C SER D 13 12.27 14.06 21.78
N ASP D 14 12.68 15.15 22.41
CA ASP D 14 12.69 15.26 23.86
C ASP D 14 11.40 15.89 24.38
N ALA D 15 10.28 15.56 23.74
CA ALA D 15 8.99 16.08 24.16
C ALA D 15 8.54 15.42 25.45
N LYS D 16 7.83 16.19 26.27
CA LYS D 16 7.37 15.75 27.57
C LYS D 16 5.85 15.63 27.55
N ALA D 17 5.33 14.51 28.04
CA ALA D 17 3.90 14.28 28.02
C ALA D 17 3.15 15.18 28.99
N TYR D 18 3.82 15.68 30.03
CA TYR D 18 3.14 16.55 30.98
C TYR D 18 2.94 17.96 30.42
N GLU D 19 3.79 18.37 29.49
CA GLU D 19 3.68 19.72 28.94
C GLU D 19 2.48 19.84 28.00
N LYS D 20 1.80 20.99 28.08
CA LYS D 20 0.67 21.28 27.22
C LYS D 20 1.04 22.17 26.05
N GLU D 21 2.34 22.41 25.85
CA GLU D 21 2.79 23.09 24.64
C GLU D 21 2.54 22.18 23.44
N VAL D 22 2.07 22.76 22.35
CA VAL D 22 1.47 21.97 21.28
C VAL D 22 2.52 21.18 20.50
N HIS D 23 3.75 21.69 20.42
CA HIS D 23 4.81 20.87 19.82
C HIS D 23 5.08 19.64 20.66
N ASN D 24 5.17 19.79 21.99
CA ASN D 24 5.32 18.66 22.89
C ASN D 24 4.16 17.68 22.74
N VAL D 25 2.93 18.19 22.76
CA VAL D 25 1.76 17.32 22.72
C VAL D 25 1.69 16.57 21.40
N TRP D 26 2.08 17.23 20.31
CA TRP D 26 2.15 16.55 19.02
C TRP D 26 3.21 15.44 19.06
N ALA D 27 4.42 15.79 19.48
CA ALA D 27 5.53 14.85 19.38
C ALA D 27 5.39 13.67 20.34
N THR D 28 4.65 13.83 21.44
CA THR D 28 4.48 12.72 22.36
C THR D 28 3.67 11.59 21.74
N HIS D 29 2.68 11.93 20.91
CA HIS D 29 1.89 10.90 20.23
C HIS D 29 2.39 10.59 18.82
N ALA D 30 3.25 11.43 18.24
CA ALA D 30 3.71 11.22 16.88
C ALA D 30 5.14 10.72 16.78
N CYS D 31 5.99 10.98 17.78
CA CYS D 31 7.40 10.66 17.70
C CYS D 31 7.83 9.88 18.94
N VAL D 32 8.95 9.17 18.82
CA VAL D 32 9.44 8.19 19.79
C VAL D 32 10.52 8.87 20.64
N PRO D 33 10.78 8.44 21.88
CA PRO D 33 11.86 9.05 22.68
C PRO D 33 13.19 9.10 21.93
N THR D 34 13.96 10.15 22.19
CA THR D 34 15.24 10.32 21.51
C THR D 34 16.29 9.41 22.13
N ASP D 35 17.41 9.28 21.42
CA ASP D 35 18.47 8.36 21.78
C ASP D 35 19.58 9.10 22.50
N PRO D 36 19.83 8.80 23.78
CA PRO D 36 21.03 9.34 24.44
C PRO D 36 22.32 8.71 23.94
N ASN D 37 22.23 7.70 23.07
CA ASN D 37 23.38 6.94 22.61
C ASN D 37 23.62 7.20 21.13
N PRO D 38 24.21 8.32 20.80
CA PRO D 38 24.37 8.70 19.40
C PRO D 38 25.61 8.07 18.81
N GLN D 39 25.42 7.09 17.93
CA GLN D 39 26.52 6.43 17.25
C GLN D 39 26.71 7.06 15.87
N GLU D 40 27.95 7.43 15.56
CA GLU D 40 28.29 8.07 14.30
C GLU D 40 29.58 7.48 13.79
N MET D 41 29.58 7.02 12.54
CA MET D 41 30.76 6.38 11.95
C MET D 41 31.35 7.28 10.88
N VAL D 42 32.59 7.72 11.08
CA VAL D 42 33.33 8.55 10.13
C VAL D 42 33.88 7.66 9.03
N LEU D 43 33.92 8.17 7.80
CA LEU D 43 34.65 7.49 6.74
C LEU D 43 35.23 8.53 5.79
N ALA D 44 36.56 8.67 5.80
CA ALA D 44 37.23 9.75 5.08
C ALA D 44 37.47 9.45 3.61
N ASN D 45 37.52 8.18 3.22
CA ASN D 45 37.79 7.84 1.83
C ASN D 45 36.52 7.77 0.98
N VAL D 46 35.39 7.39 1.58
CA VAL D 46 34.14 7.32 0.83
C VAL D 46 33.73 8.72 0.38
N THR D 47 33.15 8.81 -0.82
CA THR D 47 32.59 10.04 -1.34
C THR D 47 31.20 9.74 -1.87
N GLU D 48 30.24 10.60 -1.55
CA GLU D 48 28.87 10.41 -2.00
C GLU D 48 28.33 11.72 -2.54
N ASN D 49 27.25 11.62 -3.31
CA ASN D 49 26.62 12.78 -3.92
C ASN D 49 25.33 13.13 -3.19
N PHE D 50 25.10 14.41 -2.98
CA PHE D 50 23.89 14.91 -2.35
C PHE D 50 23.22 15.93 -3.26
N ASN D 51 21.91 16.05 -3.11
CA ASN D 51 21.14 17.12 -3.74
C ASN D 51 20.07 17.55 -2.75
N MET D 52 20.36 18.63 -2.00
CA MET D 52 19.45 19.10 -0.97
C MET D 52 18.10 19.51 -1.56
N TRP D 53 18.08 19.89 -2.84
CA TRP D 53 16.85 20.30 -3.50
C TRP D 53 16.05 19.11 -4.02
N LYS D 54 16.62 17.92 -4.04
CA LYS D 54 15.93 16.69 -4.42
C LYS D 54 15.95 15.69 -3.27
N ASN D 55 15.68 16.17 -2.05
CA ASN D 55 15.77 15.38 -0.84
C ASN D 55 14.36 15.06 -0.36
N ASP D 56 14.05 13.76 -0.21
CA ASP D 56 12.71 13.37 0.21
C ASP D 56 12.52 13.45 1.72
N MET D 57 13.61 13.48 2.49
CA MET D 57 13.51 13.84 3.90
C MET D 57 12.77 15.16 4.06
N VAL D 58 12.98 16.09 3.12
CA VAL D 58 12.31 17.38 3.16
C VAL D 58 10.81 17.19 2.99
N GLU D 59 10.40 16.33 2.04
CA GLU D 59 8.98 16.11 1.82
C GLU D 59 8.33 15.46 3.03
N GLN D 60 9.02 14.50 3.64
CA GLN D 60 8.46 13.82 4.81
C GLN D 60 8.32 14.78 6.00
N MET D 61 9.36 15.59 6.26
CA MET D 61 9.24 16.58 7.33
C MET D 61 8.17 17.60 7.02
N HIS D 62 8.03 18.00 5.75
CA HIS D 62 7.00 18.94 5.35
C HIS D 62 5.62 18.41 5.71
N GLU D 63 5.35 17.16 5.33
CA GLU D 63 4.05 16.56 5.67
C GLU D 63 3.87 16.45 7.18
N ASP D 64 4.92 16.08 7.90
CA ASP D 64 4.83 16.01 9.36
C ASP D 64 4.47 17.36 9.97
N ILE D 65 5.08 18.43 9.47
CA ILE D 65 4.85 19.75 10.06
C ILE D 65 3.47 20.29 9.68
N ILE D 66 3.00 19.96 8.47
CA ILE D 66 1.61 20.27 8.12
C ILE D 66 0.66 19.60 9.10
N SER D 67 0.92 18.32 9.41
CA SER D 67 0.11 17.62 10.39
C SER D 67 0.18 18.30 11.76
N LEU D 68 1.39 18.67 12.18
CA LEU D 68 1.58 19.37 13.45
C LEU D 68 0.71 20.61 13.53
N TRP D 69 0.74 21.45 12.48
CA TRP D 69 -0.01 22.69 12.52
C TRP D 69 -1.51 22.45 12.44
N ASP D 70 -1.94 21.49 11.62
CA ASP D 70 -3.37 21.21 11.50
C ASP D 70 -3.94 20.67 12.80
N GLU D 71 -3.13 19.94 13.58
CA GLU D 71 -3.61 19.43 14.87
C GLU D 71 -3.40 20.40 16.02
N SER D 72 -2.52 21.39 15.86
CA SER D 72 -2.18 22.32 16.93
C SER D 72 -2.77 23.71 16.70
N LEU D 73 -2.47 24.34 15.57
CA LEU D 73 -3.03 25.66 15.26
C LEU D 73 -4.30 25.49 14.42
N LYS D 74 -5.36 25.06 15.09
CA LYS D 74 -6.65 24.97 14.44
C LYS D 74 -7.24 26.37 14.32
N PRO D 75 -7.61 26.81 13.12
CA PRO D 75 -8.25 28.13 12.98
C PRO D 75 -9.73 28.07 13.29
N CYS D 76 -10.28 29.24 13.62
CA CYS D 76 -11.73 29.36 13.73
C CYS D 76 -12.39 29.02 12.41
N VAL D 77 -11.80 29.47 11.30
CA VAL D 77 -12.31 29.15 9.97
C VAL D 77 -11.14 28.75 9.10
N LYS D 78 -11.35 27.77 8.24
CA LYS D 78 -10.37 27.37 7.24
C LYS D 78 -11.10 27.31 5.90
N LEU D 79 -10.76 28.23 5.01
CA LEU D 79 -11.41 28.42 3.72
C LEU D 79 -10.55 27.78 2.64
N THR D 80 -11.08 26.75 1.98
CA THR D 80 -10.31 26.02 0.99
C THR D 80 -11.25 25.39 -0.02
N GLY D 81 -11.02 25.67 -1.31
CA GLY D 81 -11.78 25.10 -2.40
C GLY D 81 -13.27 25.35 -2.32
N GLY D 82 -13.66 26.60 -2.05
CA GLY D 82 -15.05 26.93 -1.81
C GLY D 82 -15.63 26.38 -0.53
N SER D 83 -14.95 25.43 0.12
CA SER D 83 -15.39 24.90 1.40
C SER D 83 -14.95 25.83 2.53
N ALA D 84 -15.73 25.80 3.61
CA ALA D 84 -15.42 26.54 4.83
C ALA D 84 -15.56 25.60 6.01
N ILE D 85 -14.49 25.43 6.77
CA ILE D 85 -14.47 24.50 7.90
C ILE D 85 -14.32 25.29 9.18
N THR D 86 -15.30 25.15 10.08
CA THR D 86 -15.27 25.78 11.39
C THR D 86 -14.86 24.75 12.45
N GLN D 87 -14.26 25.24 13.53
CA GLN D 87 -13.91 24.43 14.69
C GLN D 87 -13.39 25.36 15.78
N ALA D 88 -13.19 24.79 16.97
CA ALA D 88 -12.70 25.56 18.10
C ALA D 88 -11.27 26.02 17.86
N CYS D 89 -11.02 27.29 18.15
CA CYS D 89 -9.72 27.92 17.90
C CYS D 89 -9.20 28.56 19.18
N PRO D 90 -8.94 27.76 20.21
CA PRO D 90 -8.47 28.35 21.48
C PRO D 90 -7.03 28.82 21.36
N LYS D 91 -6.69 29.80 22.19
CA LYS D 91 -5.30 30.18 22.32
C LYS D 91 -4.53 29.06 22.99
N VAL D 92 -3.31 28.80 22.52
CA VAL D 92 -2.50 27.70 22.98
C VAL D 92 -1.11 28.22 23.31
N SER D 93 -0.33 27.38 23.98
CA SER D 93 1.07 27.69 24.25
C SER D 93 1.90 27.06 23.13
N PHE D 94 2.64 27.90 22.41
CA PHE D 94 3.27 27.56 21.13
C PHE D 94 4.73 28.00 21.17
N ASP D 95 5.64 27.04 21.26
CA ASP D 95 7.06 27.33 21.16
C ASP D 95 7.78 26.10 20.58
N PRO D 96 8.31 26.19 19.36
CA PRO D 96 8.81 24.99 18.68
C PRO D 96 9.89 24.28 19.46
N ILE D 97 9.92 22.96 19.30
CA ILE D 97 10.90 22.10 19.97
C ILE D 97 11.67 21.36 18.89
N PRO D 98 12.88 20.89 19.20
CA PRO D 98 13.67 20.19 18.17
C PRO D 98 13.09 18.83 17.85
N LEU D 99 13.16 18.48 16.57
CA LEU D 99 12.70 17.18 16.07
C LEU D 99 13.84 16.51 15.32
N HIS D 100 14.16 15.29 15.72
CA HIS D 100 15.15 14.47 15.03
C HIS D 100 14.43 13.54 14.06
N TYR D 101 15.01 13.36 12.88
CA TYR D 101 14.46 12.46 11.88
C TYR D 101 15.39 11.26 11.71
N CYS D 102 14.80 10.07 11.59
CA CYS D 102 15.48 8.82 11.88
C CYS D 102 15.16 7.79 10.83
N ALA D 103 16.16 7.05 10.42
CA ALA D 103 16.00 5.95 9.49
C ALA D 103 15.63 4.68 10.24
N PRO D 104 14.73 3.87 9.69
CA PRO D 104 14.36 2.61 10.34
C PRO D 104 15.41 1.53 10.06
N ALA D 105 15.16 0.35 10.61
CA ALA D 105 16.08 -0.77 10.44
C ALA D 105 16.25 -1.11 8.96
N GLY D 106 17.48 -1.39 8.56
CA GLY D 106 17.84 -1.62 7.18
C GLY D 106 18.28 -0.39 6.43
N PHE D 107 18.14 0.80 7.03
CA PHE D 107 18.51 2.05 6.39
C PHE D 107 19.40 2.85 7.33
N ALA D 108 20.23 3.71 6.75
CA ALA D 108 21.07 4.63 7.51
C ALA D 108 20.90 6.02 6.93
N ILE D 109 21.43 7.02 7.62
CA ILE D 109 21.45 8.39 7.13
C ILE D 109 22.90 8.80 7.01
N LEU D 110 23.31 9.17 5.79
CA LEU D 110 24.64 9.69 5.56
C LEU D 110 24.61 11.21 5.74
N LYS D 111 25.60 11.70 6.49
CA LYS D 111 25.72 13.10 6.86
C LYS D 111 27.04 13.63 6.31
N CYS D 112 26.96 14.74 5.59
CA CYS D 112 28.16 15.35 5.00
C CYS D 112 28.90 16.13 6.08
N ASN D 113 30.20 15.88 6.20
CA ASN D 113 31.04 16.51 7.20
C ASN D 113 31.82 17.71 6.66
N ASN D 114 31.72 17.99 5.36
CA ASN D 114 32.34 19.17 4.79
C ASN D 114 31.65 20.42 5.35
N LYS D 115 32.42 21.28 6.01
CA LYS D 115 31.86 22.50 6.58
C LYS D 115 31.60 23.58 5.53
N THR D 116 32.15 23.44 4.33
CA THR D 116 31.92 24.39 3.24
C THR D 116 30.94 23.85 2.20
N PHE D 117 30.33 22.69 2.44
CA PHE D 117 29.45 22.05 1.47
C PHE D 117 28.24 22.93 1.17
N ASN D 118 27.99 23.20 -0.11
CA ASN D 118 26.86 24.03 -0.50
C ASN D 118 25.56 23.25 -0.63
N GLY D 119 25.55 21.97 -0.27
CA GLY D 119 24.36 21.16 -0.34
C GLY D 119 24.12 20.46 -1.65
N THR D 120 25.07 20.51 -2.58
CA THR D 120 24.87 19.94 -3.90
C THR D 120 26.20 19.41 -4.42
N GLY D 121 26.18 18.18 -4.93
CA GLY D 121 27.35 17.60 -5.53
C GLY D 121 28.02 16.59 -4.63
N PRO D 122 29.32 16.34 -4.86
CA PRO D 122 30.02 15.31 -4.08
C PRO D 122 30.66 15.84 -2.80
N CYS D 123 30.41 15.12 -1.71
CA CYS D 123 31.01 15.34 -0.41
C CYS D 123 31.83 14.10 -0.07
N ARG D 124 33.09 14.30 0.33
CA ARG D 124 34.00 13.17 0.46
C ARG D 124 34.47 12.92 1.89
N ASN D 125 34.07 13.73 2.85
CA ASN D 125 34.06 13.35 4.26
C ASN D 125 32.61 13.19 4.65
N VAL D 126 32.19 11.95 4.90
CA VAL D 126 30.82 11.65 5.25
C VAL D 126 30.80 10.62 6.37
N SER D 127 29.78 10.73 7.21
CA SER D 127 29.57 9.82 8.32
C SER D 127 28.20 9.17 8.17
N THR D 128 28.00 8.08 8.88
CA THR D 128 26.69 7.44 8.96
C THR D 128 26.15 7.58 10.37
N VAL D 129 24.85 7.89 10.44
CA VAL D 129 24.14 8.12 11.69
C VAL D 129 22.75 7.51 11.56
N GLN D 130 22.05 7.47 12.70
CA GLN D 130 20.68 6.96 12.75
C GLN D 130 19.63 8.06 12.71
N CYS D 131 19.92 9.21 13.30
CA CYS D 131 18.98 10.33 13.25
C CYS D 131 19.72 11.63 12.97
N THR D 132 19.02 12.56 12.34
CA THR D 132 19.51 13.91 12.18
C THR D 132 19.64 14.60 13.54
N HIS D 133 20.25 15.79 13.53
CA HIS D 133 20.26 16.61 14.72
C HIS D 133 18.88 17.21 14.97
N GLY D 134 18.72 17.83 16.14
CA GLY D 134 17.46 18.45 16.50
C GLY D 134 17.07 19.58 15.56
N ILE D 135 15.87 19.51 15.00
CA ILE D 135 15.37 20.50 14.06
C ILE D 135 14.09 21.10 14.62
N LYS D 136 14.07 22.41 14.81
CA LYS D 136 12.84 23.09 15.18
C LYS D 136 12.08 23.47 13.91
N PRO D 137 10.83 23.03 13.76
CA PRO D 137 10.06 23.39 12.55
C PRO D 137 9.57 24.82 12.57
N VAL D 138 10.45 25.78 12.32
CA VAL D 138 10.13 27.19 12.45
C VAL D 138 9.60 27.69 11.11
N VAL D 139 8.30 27.96 11.06
CA VAL D 139 7.66 28.49 9.85
C VAL D 139 7.90 29.99 9.80
N SER D 140 8.51 30.45 8.70
CA SER D 140 8.77 31.87 8.50
C SER D 140 9.19 32.07 7.04
N THR D 141 9.27 33.33 6.63
CA THR D 141 9.75 33.70 5.32
C THR D 141 10.72 34.86 5.43
N GLN D 142 11.47 35.09 4.35
CA GLN D 142 12.51 36.11 4.26
C GLN D 142 13.68 35.81 5.20
N LEU D 143 13.43 35.70 6.50
CA LEU D 143 14.45 35.39 7.47
C LEU D 143 14.25 33.97 8.01
N LEU D 144 15.35 33.23 8.13
CA LEU D 144 15.36 31.93 8.79
C LEU D 144 15.78 32.12 10.23
N LEU D 145 14.94 31.64 11.16
CA LEU D 145 15.14 31.88 12.58
C LEU D 145 15.45 30.59 13.32
N ASN D 146 16.25 30.74 14.38
CA ASN D 146 16.49 29.67 15.35
C ASN D 146 17.01 28.40 14.70
N GLY D 147 17.75 28.55 13.60
CA GLY D 147 18.33 27.43 12.90
C GLY D 147 19.72 27.10 13.41
N SER D 148 20.46 26.35 12.61
CA SER D 148 21.84 26.02 12.88
C SER D 148 22.75 26.91 12.07
N LEU D 149 23.79 27.46 12.70
CA LEU D 149 24.73 28.31 12.01
C LEU D 149 25.76 27.48 11.25
N ALA D 150 26.31 28.09 10.19
CA ALA D 150 27.43 27.46 9.49
C ALA D 150 28.69 27.57 10.32
N GLU D 151 29.48 26.50 10.33
CA GLU D 151 30.63 26.43 11.21
C GLU D 151 31.83 27.23 10.71
N GLU D 152 31.94 27.42 9.40
CA GLU D 152 33.07 28.15 8.83
C GLU D 152 32.62 29.48 8.22
N GLU D 153 32.66 29.56 6.90
CA GLU D 153 32.26 30.76 6.19
C GLU D 153 30.78 30.71 5.85
N ILE D 154 30.20 31.89 5.59
CA ILE D 154 28.84 31.98 5.09
C ILE D 154 28.73 31.17 3.80
N ILE D 155 27.60 30.49 3.61
CA ILE D 155 27.42 29.59 2.47
C ILE D 155 26.22 30.03 1.66
N ILE D 156 26.39 30.14 0.36
CA ILE D 156 25.30 30.42 -0.57
C ILE D 156 24.85 29.11 -1.18
N ARG D 157 23.58 28.75 -0.98
CA ARG D 157 22.99 27.55 -1.55
C ARG D 157 21.89 27.93 -2.51
N SER D 158 21.77 27.18 -3.60
CA SER D 158 20.70 27.34 -4.57
C SER D 158 20.78 26.19 -5.56
N GLU D 159 19.62 25.77 -6.06
CA GLU D 159 19.61 24.72 -7.07
C GLU D 159 20.16 25.21 -8.39
N ASN D 160 20.01 26.50 -8.70
CA ASN D 160 20.64 27.02 -9.92
C ASN D 160 20.78 28.54 -9.75
N LEU D 161 21.96 28.96 -9.28
CA LEU D 161 22.26 30.38 -9.16
C LEU D 161 22.03 31.12 -10.48
N THR D 162 22.23 30.44 -11.60
CA THR D 162 21.91 31.03 -12.90
C THR D 162 20.42 31.35 -13.00
N ASN D 163 19.58 30.48 -12.46
CA ASN D 163 18.13 30.59 -12.59
C ASN D 163 17.60 31.57 -11.55
N ASN D 164 17.16 32.75 -11.99
CA ASN D 164 16.65 33.76 -11.06
C ASN D 164 15.34 33.35 -10.42
N ALA D 165 14.70 32.27 -10.86
CA ALA D 165 13.45 31.83 -10.28
C ALA D 165 13.63 30.94 -9.05
N LYS D 166 14.78 30.29 -8.89
CA LYS D 166 14.99 29.39 -7.78
C LYS D 166 15.48 30.14 -6.54
N THR D 167 14.94 29.76 -5.39
CA THR D 167 15.24 30.45 -4.15
C THR D 167 16.71 30.27 -3.75
N ILE D 168 17.31 31.33 -3.21
CA ILE D 168 18.66 31.30 -2.69
C ILE D 168 18.59 31.24 -1.17
N ILE D 169 19.28 30.28 -0.57
CA ILE D 169 19.39 30.17 0.88
C ILE D 169 20.79 30.66 1.29
N VAL D 170 20.82 31.71 2.08
CA VAL D 170 22.06 32.24 2.63
C VAL D 170 22.20 31.67 4.04
N HIS D 171 23.20 30.82 4.24
CA HIS D 171 23.47 30.19 5.52
C HIS D 171 24.55 31.00 6.25
N LEU D 172 24.13 31.71 7.28
CA LEU D 172 25.03 32.57 8.04
C LEU D 172 25.88 31.75 9.00
N ASN D 173 27.05 32.30 9.33
CA ASN D 173 27.95 31.68 10.30
C ASN D 173 27.98 32.41 11.63
N GLU D 174 27.39 33.60 11.72
CA GLU D 174 27.23 34.32 12.97
C GLU D 174 25.79 34.77 13.08
N SER D 175 25.16 34.48 14.22
CA SER D 175 23.74 34.79 14.38
C SER D 175 23.53 36.29 14.52
N VAL D 176 22.37 36.76 14.07
CA VAL D 176 21.96 38.15 14.23
C VAL D 176 20.68 38.17 15.04
N ASN D 177 20.73 38.74 16.24
CA ASN D 177 19.57 38.70 17.12
C ASN D 177 18.45 39.61 16.61
N ILE D 178 17.21 39.14 16.73
CA ILE D 178 16.04 39.94 16.38
C ILE D 178 14.99 39.77 17.46
N VAL D 179 14.47 40.87 17.97
CA VAL D 179 13.48 40.85 19.05
C VAL D 179 12.19 41.47 18.53
N CYS D 180 11.14 40.66 18.40
CA CYS D 180 9.85 41.17 17.96
C CYS D 180 8.89 41.18 19.14
N THR D 181 8.07 42.22 19.22
CA THR D 181 7.27 42.48 20.41
C THR D 181 6.00 43.23 20.02
N ARG D 182 4.85 42.70 20.44
CA ARG D 182 3.68 43.54 20.62
C ARG D 182 3.57 43.87 22.09
N PRO D 183 3.76 45.11 22.49
CA PRO D 183 3.86 45.45 23.91
C PRO D 183 2.49 45.47 24.57
N ASN D 184 2.52 45.61 25.90
CA ASN D 184 1.31 45.68 26.70
C ASN D 184 0.63 47.04 26.54
N ASN D 193 -3.65 50.24 19.79
CA ASN D 193 -3.90 49.20 18.79
C ASN D 193 -3.29 47.88 19.23
N ILE D 194 -4.16 46.87 19.45
CA ILE D 194 -3.73 45.57 19.94
C ILE D 194 -3.12 44.70 18.85
N ARG D 195 -2.93 45.21 17.64
CA ARG D 195 -2.36 44.44 16.55
C ARG D 195 -1.06 45.01 16.03
N GLN D 196 -0.58 46.11 16.60
CA GLN D 196 0.64 46.77 16.15
C GLN D 196 1.82 46.30 17.00
N ALA D 197 2.91 45.93 16.33
CA ALA D 197 4.09 45.37 16.98
C ALA D 197 5.33 45.91 16.27
N HIS D 198 6.50 45.53 16.79
CA HIS D 198 7.74 46.00 16.19
C HIS D 198 8.88 45.04 16.52
N CYS D 199 9.83 44.95 15.59
CA CYS D 199 11.05 44.20 15.81
C CYS D 199 12.24 45.13 15.89
N ASN D 200 13.22 44.75 16.69
CA ASN D 200 14.44 45.49 16.91
C ASN D 200 15.62 44.61 16.50
N ILE D 201 16.54 45.19 15.73
CA ILE D 201 17.74 44.52 15.25
C ILE D 201 18.91 45.49 15.34
N ASN D 202 20.06 45.01 15.83
CA ASN D 202 21.24 45.84 15.96
C ASN D 202 21.79 46.19 14.59
N GLU D 203 21.93 47.49 14.30
CA GLU D 203 22.34 47.91 12.95
C GLU D 203 23.77 47.50 12.63
N SER D 204 24.66 47.46 13.63
CA SER D 204 26.06 47.15 13.36
C SER D 204 26.23 45.70 12.92
N LYS D 205 25.61 44.77 13.65
CA LYS D 205 25.72 43.37 13.30
C LYS D 205 25.08 43.08 11.95
N TRP D 206 23.92 43.69 11.70
CA TRP D 206 23.29 43.56 10.38
C TRP D 206 24.19 44.14 9.29
N ASN D 207 24.86 45.26 9.57
CA ASN D 207 25.77 45.86 8.60
C ASN D 207 26.88 44.91 8.22
N ASN D 208 27.59 44.36 9.23
CA ASN D 208 28.75 43.55 8.89
C ASN D 208 28.34 42.19 8.31
N THR D 209 27.22 41.62 8.75
CA THR D 209 26.81 40.36 8.15
C THR D 209 26.28 40.57 6.74
N LEU D 210 25.62 41.69 6.45
CA LEU D 210 25.23 41.94 5.06
C LEU D 210 26.43 42.30 4.20
N GLN D 211 27.48 42.90 4.79
CA GLN D 211 28.71 43.11 4.05
C GLN D 211 29.35 41.79 3.64
N LYS D 212 29.46 40.86 4.58
CA LYS D 212 30.11 39.60 4.24
C LYS D 212 29.21 38.71 3.38
N VAL D 213 27.88 38.85 3.52
CA VAL D 213 26.97 38.21 2.57
C VAL D 213 27.17 38.80 1.17
N GLY D 214 27.36 40.12 1.08
CA GLY D 214 27.66 40.72 -0.19
C GLY D 214 28.96 40.22 -0.78
N GLU D 215 29.96 39.96 0.07
CA GLU D 215 31.21 39.37 -0.40
C GLU D 215 30.97 37.98 -1.00
N GLU D 216 30.27 37.12 -0.25
CA GLU D 216 30.02 35.76 -0.73
C GLU D 216 29.19 35.76 -2.01
N LEU D 217 28.21 36.67 -2.10
CA LEU D 217 27.41 36.79 -3.31
C LEU D 217 28.22 37.38 -4.45
N ALA D 218 29.18 38.25 -4.13
CA ALA D 218 30.03 38.83 -5.16
C ALA D 218 30.94 37.80 -5.76
N LYS D 219 31.33 36.78 -5.00
CA LYS D 219 32.18 35.75 -5.58
C LYS D 219 31.45 34.97 -6.67
N HIS D 220 30.14 34.80 -6.55
CA HIS D 220 29.34 34.18 -7.61
C HIS D 220 28.89 35.18 -8.67
N PHE D 221 29.10 36.47 -8.43
CA PHE D 221 28.86 37.52 -9.43
C PHE D 221 30.04 38.48 -9.37
N PRO D 222 31.23 38.02 -9.83
CA PRO D 222 32.48 38.72 -9.49
C PRO D 222 32.61 40.15 -9.99
N SER D 223 31.98 43.70 -12.56
CA SER D 223 31.02 44.53 -13.29
C SER D 223 29.58 44.26 -12.88
N LYS D 224 29.38 43.82 -11.63
CA LYS D 224 28.03 43.67 -11.08
C LYS D 224 28.03 44.16 -9.65
N THR D 225 27.26 45.23 -9.40
CA THR D 225 27.04 45.74 -8.05
C THR D 225 25.92 44.95 -7.38
N ILE D 226 26.11 44.63 -6.10
CA ILE D 226 25.18 43.77 -5.37
C ILE D 226 24.23 44.66 -4.57
N LYS D 227 22.95 44.67 -4.92
CA LYS D 227 21.96 45.51 -4.25
C LYS D 227 20.98 44.65 -3.47
N PHE D 228 20.58 45.15 -2.29
CA PHE D 228 19.56 44.53 -1.46
C PHE D 228 18.36 45.46 -1.38
N GLU D 229 17.22 45.01 -1.89
CA GLU D 229 16.00 45.79 -1.95
C GLU D 229 14.83 44.96 -1.44
N PRO D 230 13.76 45.60 -1.00
CA PRO D 230 12.63 44.85 -0.43
C PRO D 230 11.89 44.03 -1.48
N SER D 231 11.06 43.11 -0.97
CA SER D 231 10.17 42.33 -1.82
C SER D 231 9.28 43.26 -2.63
N SER D 232 9.16 42.98 -3.93
CA SER D 232 8.36 43.88 -4.76
C SER D 232 6.87 43.52 -4.71
N GLY D 233 6.51 42.25 -4.66
CA GLY D 233 5.11 41.91 -4.71
C GLY D 233 4.83 40.48 -4.30
N GLY D 234 3.54 40.21 -4.09
CA GLY D 234 3.00 38.94 -3.67
C GLY D 234 2.03 39.14 -2.53
N ASP D 235 1.58 38.02 -1.97
CA ASP D 235 0.77 38.08 -0.77
C ASP D 235 1.61 38.56 0.41
N LEU D 236 0.94 39.15 1.40
CA LEU D 236 1.64 39.76 2.53
C LEU D 236 2.53 38.77 3.27
N GLU D 237 2.26 37.47 3.16
CA GLU D 237 3.08 36.48 3.86
C GLU D 237 4.51 36.46 3.34
N ILE D 238 4.71 36.81 2.07
CA ILE D 238 6.04 36.79 1.47
C ILE D 238 6.63 38.19 1.28
N THR D 239 5.80 39.22 1.13
CA THR D 239 6.31 40.57 1.02
C THR D 239 6.76 41.15 2.36
N THR D 240 6.45 40.47 3.45
CA THR D 240 6.94 40.84 4.77
C THR D 240 7.62 39.62 5.40
N HIS D 241 8.39 39.88 6.44
CA HIS D 241 8.87 38.82 7.32
C HIS D 241 7.67 38.34 8.14
N SER D 242 7.04 37.27 7.70
CA SER D 242 5.91 36.70 8.40
C SER D 242 6.37 35.48 9.18
N PHE D 243 5.85 35.33 10.39
CA PHE D 243 6.21 34.21 11.25
C PHE D 243 5.15 34.07 12.33
N ASN D 244 5.33 33.09 13.20
CA ASN D 244 4.39 32.83 14.28
C ASN D 244 5.10 32.96 15.62
N CYS D 245 4.53 33.76 16.51
CA CYS D 245 5.13 34.06 17.80
C CYS D 245 4.09 33.81 18.88
N ARG D 246 4.34 32.81 19.73
CA ARG D 246 3.46 32.48 20.85
C ARG D 246 2.01 32.25 20.37
N GLY D 247 1.85 31.82 19.12
CA GLY D 247 0.56 31.55 18.54
C GLY D 247 0.04 32.62 17.60
N GLU D 248 0.53 33.85 17.71
CA GLU D 248 0.02 34.95 16.90
C GLU D 248 0.85 35.14 15.63
N PHE D 249 0.17 35.54 14.55
CA PHE D 249 0.79 35.61 13.23
C PHE D 249 1.33 37.01 12.99
N PHE D 250 2.65 37.16 13.12
CA PHE D 250 3.33 38.43 12.95
C PHE D 250 3.68 38.64 11.48
N TYR D 251 3.37 39.84 10.97
CA TYR D 251 3.76 40.27 9.63
C TYR D 251 4.57 41.54 9.80
N CYS D 252 5.87 41.48 9.50
CA CYS D 252 6.81 42.55 9.82
C CYS D 252 7.43 43.11 8.54
N ASN D 253 7.24 44.41 8.33
CA ASN D 253 7.75 45.11 7.16
C ASN D 253 9.29 45.14 7.17
N THR D 254 9.90 44.67 6.07
CA THR D 254 11.36 44.63 5.94
C THR D 254 11.89 45.64 4.92
N SER D 255 11.19 46.77 4.74
CA SER D 255 11.70 47.79 3.81
C SER D 255 13.00 48.39 4.31
N ASP D 256 13.15 48.56 5.61
CA ASP D 256 14.34 49.13 6.20
C ASP D 256 15.41 48.10 6.52
N LEU D 257 15.21 46.84 6.12
CA LEU D 257 16.18 45.79 6.40
C LEU D 257 16.90 45.29 5.15
N PHE D 258 16.17 44.93 4.10
CA PHE D 258 16.78 44.58 2.82
C PHE D 258 16.82 45.85 1.98
N ASN D 259 17.92 46.59 2.12
CA ASN D 259 18.01 47.96 1.64
C ASN D 259 19.45 48.43 1.77
N GLY D 260 20.26 48.19 0.75
CA GLY D 260 21.67 48.54 0.83
C GLY D 260 22.40 48.17 -0.45
N THR D 261 23.69 48.50 -0.49
CA THR D 261 24.50 48.30 -1.68
C THR D 261 25.90 47.86 -1.29
N TYR D 262 26.39 46.83 -1.99
CA TYR D 262 27.77 46.36 -1.90
C TYR D 262 28.41 46.60 -3.26
N ARG D 263 29.33 47.56 -3.31
CA ARG D 263 30.03 47.93 -4.53
C ARG D 263 31.50 48.19 -4.20
N ASN D 264 32.40 47.67 -5.03
CA ASN D 264 33.83 47.84 -4.86
C ASN D 264 34.31 47.30 -3.51
N GLY D 265 33.79 46.14 -3.11
CA GLY D 265 34.18 45.52 -1.86
C GLY D 265 33.69 46.20 -0.61
N THR D 266 33.27 47.46 -0.69
CA THR D 266 32.51 48.15 0.37
C THR D 266 32.20 49.58 -0.08
N TYR D 267 30.09 47.40 2.29
CA TYR D 267 28.65 47.51 2.19
C TYR D 267 28.15 48.81 2.80
N ASN D 268 27.14 49.40 2.16
CA ASN D 268 26.51 50.62 2.63
C ASN D 268 25.02 50.36 2.82
N HIS D 269 24.52 50.64 4.02
CA HIS D 269 23.13 50.37 4.34
C HIS D 269 22.26 51.58 4.03
N THR D 270 21.22 51.37 3.22
CA THR D 270 20.32 52.43 2.81
C THR D 270 19.00 52.44 3.58
N GLY D 271 18.72 51.38 4.35
CA GLY D 271 17.58 51.37 5.24
C GLY D 271 17.87 52.12 6.53
N ARG D 272 16.83 52.23 7.38
CA ARG D 272 16.88 53.27 8.39
C ARG D 272 16.80 52.84 9.84
N SER D 273 17.67 53.48 10.63
CA SER D 273 17.97 53.16 12.01
C SER D 273 17.72 54.37 12.89
N SER D 274 17.81 54.13 14.20
CA SER D 274 17.73 55.20 15.20
C SER D 274 18.51 54.70 16.41
N ASN D 275 19.51 55.47 16.84
CA ASN D 275 20.36 55.08 17.96
C ASN D 275 21.00 53.71 17.72
N GLY D 276 21.20 53.36 16.46
CA GLY D 276 21.91 52.15 16.10
C GLY D 276 21.07 50.90 15.93
N THR D 277 19.74 51.03 15.87
CA THR D 277 18.86 49.88 15.75
C THR D 277 17.84 50.09 14.62
N ILE D 278 17.63 49.04 13.84
CA ILE D 278 16.54 49.01 12.86
C ILE D 278 15.31 48.44 13.54
N THR D 279 14.17 49.11 13.38
CA THR D 279 12.90 48.66 13.93
C THR D 279 11.91 48.43 12.80
N LEU D 280 11.44 47.20 12.68
CA LEU D 280 10.45 46.81 11.69
C LEU D 280 9.06 46.99 12.30
N GLN D 281 8.15 47.62 11.56
CA GLN D 281 6.76 47.73 11.99
C GLN D 281 5.99 46.47 11.58
N CYS D 282 5.12 45.99 12.48
CA CYS D 282 4.47 44.70 12.31
C CYS D 282 2.99 44.80 12.64
N LYS D 283 2.21 43.94 12.00
CA LYS D 283 0.81 43.74 12.31
C LYS D 283 0.57 42.27 12.67
N ILE D 284 -0.20 42.04 13.72
CA ILE D 284 -0.64 40.70 14.09
C ILE D 284 -1.94 40.43 13.33
N LYS D 285 -1.88 39.54 12.36
CA LYS D 285 -3.01 39.34 11.45
C LYS D 285 -3.87 38.15 11.87
N GLN D 286 -5.13 38.20 11.47
CA GLN D 286 -6.09 37.14 11.76
C GLN D 286 -6.49 36.36 10.52
N ILE D 287 -6.46 36.97 9.34
CA ILE D 287 -6.64 36.28 8.08
C ILE D 287 -5.25 35.95 7.53
N ILE D 288 -4.98 34.66 7.37
CA ILE D 288 -3.67 34.17 6.98
C ILE D 288 -3.82 33.42 5.66
N ASN D 289 -2.90 33.66 4.73
CA ASN D 289 -2.76 32.79 3.58
C ASN D 289 -1.90 31.60 4.00
N MET D 290 -2.47 30.41 3.94
CA MET D 290 -1.80 29.23 4.49
C MET D 290 -0.58 28.85 3.65
N TRP D 291 0.38 28.19 4.29
CA TRP D 291 1.51 27.60 3.59
C TRP D 291 1.33 26.10 3.34
N GLN D 292 0.48 25.45 4.12
CA GLN D 292 0.29 24.00 3.97
C GLN D 292 -0.39 23.67 2.66
N GLU D 293 -1.32 24.52 2.22
CA GLU D 293 -2.06 24.32 0.98
C GLU D 293 -2.55 25.68 0.50
N VAL D 294 -3.25 25.68 -0.63
CA VAL D 294 -3.81 26.90 -1.18
C VAL D 294 -5.13 27.17 -0.48
N GLY D 295 -5.14 28.16 0.40
CA GLY D 295 -6.35 28.49 1.14
C GLY D 295 -6.05 29.55 2.18
N ARG D 296 -7.10 29.92 2.91
CA ARG D 296 -7.02 30.96 3.92
C ARG D 296 -7.45 30.41 5.27
N ALA D 297 -6.94 31.01 6.34
CA ALA D 297 -7.25 30.56 7.69
C ALA D 297 -7.50 31.77 8.58
N ILE D 298 -8.60 31.74 9.32
CA ILE D 298 -9.05 32.83 10.16
C ILE D 298 -8.96 32.39 11.61
N TYR D 299 -8.19 33.15 12.39
CA TYR D 299 -7.90 32.91 13.79
C TYR D 299 -8.52 34.00 14.66
N ALA D 300 -8.48 33.78 15.97
CA ALA D 300 -9.04 34.71 16.94
C ALA D 300 -8.10 35.91 17.15
N PRO D 301 -8.63 37.03 17.64
CA PRO D 301 -7.77 38.21 17.88
C PRO D 301 -6.65 37.89 18.86
N PRO D 302 -5.63 38.73 18.94
CA PRO D 302 -4.48 38.40 19.78
C PRO D 302 -4.83 38.35 21.26
N ILE D 303 -3.96 37.67 22.01
CA ILE D 303 -4.11 37.52 23.45
C ILE D 303 -3.74 38.82 24.14
N GLU D 304 -3.84 38.85 25.46
CA GLU D 304 -3.51 40.01 26.25
C GLU D 304 -2.05 39.99 26.68
N GLY D 305 -1.49 41.17 26.87
CA GLY D 305 -0.17 41.29 27.46
C GLY D 305 0.96 41.33 26.46
N GLU D 306 2.17 41.29 27.01
CA GLU D 306 3.40 41.44 26.24
C GLU D 306 3.68 40.16 25.45
N ILE D 307 3.61 40.25 24.12
CA ILE D 307 3.89 39.12 23.24
C ILE D 307 5.25 39.36 22.59
N THR D 308 6.27 38.64 23.05
CA THR D 308 7.63 38.86 22.54
C THR D 308 8.29 37.55 22.14
N CYS D 309 8.96 37.57 20.99
CA CYS D 309 9.84 36.49 20.54
C CYS D 309 11.25 37.04 20.41
N ASN D 310 12.19 36.32 21.02
CA ASN D 310 13.61 36.66 20.98
C ASN D 310 14.30 35.59 20.13
N SER D 311 14.49 35.90 18.85
CA SER D 311 14.97 34.90 17.90
C SER D 311 16.37 35.24 17.41
N ASN D 312 17.00 34.25 16.79
CA ASN D 312 18.29 34.40 16.13
C ASN D 312 18.08 34.22 14.63
N ILE D 313 18.38 35.27 13.87
CA ILE D 313 18.51 35.14 12.42
C ILE D 313 19.75 34.29 12.14
N THR D 314 19.54 33.15 11.49
CA THR D 314 20.60 32.23 11.11
C THR D 314 20.68 32.01 9.61
N GLY D 315 19.77 32.60 8.83
CA GLY D 315 19.77 32.40 7.40
C GLY D 315 18.81 33.36 6.72
N LEU D 316 18.98 33.46 5.40
CA LEU D 316 18.21 34.37 4.57
C LEU D 316 17.64 33.64 3.38
N LEU D 317 16.46 34.07 2.93
CA LEU D 317 15.81 33.55 1.74
C LEU D 317 15.72 34.68 0.71
N LEU D 318 16.51 34.60 -0.34
CA LEU D 318 16.57 35.65 -1.34
C LEU D 318 16.14 35.14 -2.70
N LEU D 319 15.82 36.10 -3.57
CA LEU D 319 15.49 35.87 -4.97
C LEU D 319 16.16 36.98 -5.77
N ARG D 320 16.87 36.59 -6.82
CA ARG D 320 17.53 37.52 -7.72
C ARG D 320 16.57 37.91 -8.84
N ASP D 321 16.74 39.13 -9.34
CA ASP D 321 15.80 39.69 -10.30
C ASP D 321 16.00 39.12 -11.71
N ASP D 328 24.83 44.86 -15.87
CA ASP D 328 25.13 46.05 -15.10
C ASP D 328 25.25 45.74 -13.61
N THR D 329 24.16 45.23 -13.03
CA THR D 329 24.15 44.91 -11.62
C THR D 329 23.07 43.86 -11.36
N GLU D 330 23.18 43.19 -10.22
CA GLU D 330 22.22 42.18 -9.81
C GLU D 330 21.60 42.57 -8.46
N THR D 331 20.29 42.40 -8.36
CA THR D 331 19.51 42.83 -7.20
C THR D 331 18.91 41.63 -6.51
N PHE D 332 19.01 41.59 -5.18
CA PHE D 332 18.53 40.48 -4.38
C PHE D 332 17.47 40.97 -3.41
N ARG D 333 16.30 40.32 -3.43
CA ARG D 333 15.19 40.68 -2.57
C ARG D 333 14.84 39.50 -1.67
N PRO D 334 14.19 39.75 -0.53
CA PRO D 334 13.79 38.63 0.34
C PRO D 334 12.67 37.82 -0.29
N GLY D 335 12.65 36.54 0.03
CA GLY D 335 11.67 35.63 -0.54
C GLY D 335 11.08 34.64 0.45
N GLY D 336 10.88 33.41 0.02
CA GLY D 336 10.28 32.39 0.86
C GLY D 336 8.84 32.10 0.49
N GLY D 337 8.18 31.37 1.38
CA GLY D 337 6.81 30.96 1.16
C GLY D 337 6.65 29.45 1.11
N ASP D 338 7.60 28.80 0.45
CA ASP D 338 7.65 27.33 0.39
C ASP D 338 8.49 26.85 1.57
N MET D 339 7.82 26.46 2.66
CA MET D 339 8.51 26.04 3.88
C MET D 339 9.42 24.84 3.67
N ARG D 340 9.31 24.16 2.54
CA ARG D 340 10.29 23.15 2.18
C ARG D 340 11.69 23.73 2.15
N ASP D 341 11.82 24.98 1.70
CA ASP D 341 13.13 25.63 1.72
C ASP D 341 13.63 25.82 3.15
N ASN D 342 12.72 26.11 4.08
CA ASN D 342 13.09 26.16 5.49
C ASN D 342 13.65 24.82 5.94
N TRP D 343 12.97 23.72 5.60
CA TRP D 343 13.47 22.42 6.03
C TRP D 343 14.77 22.05 5.32
N ARG D 344 14.96 22.51 4.08
CA ARG D 344 16.20 22.22 3.35
C ARG D 344 17.38 22.96 3.95
N SER D 345 17.16 24.16 4.50
CA SER D 345 18.22 24.90 5.17
C SER D 345 18.89 24.06 6.24
N GLU D 346 18.20 23.06 6.77
CA GLU D 346 18.70 22.25 7.87
C GLU D 346 18.95 20.80 7.51
N LEU D 347 18.33 20.28 6.44
CA LEU D 347 18.48 18.90 6.03
C LEU D 347 19.46 18.73 4.87
N TYR D 348 20.22 19.77 4.53
CA TYR D 348 21.16 19.68 3.41
C TYR D 348 22.23 18.63 3.67
N LYS D 349 22.68 18.50 4.92
CA LYS D 349 23.75 17.56 5.24
C LYS D 349 23.32 16.11 5.07
N TYR D 350 22.02 15.83 5.04
CA TYR D 350 21.53 14.48 5.24
C TYR D 350 21.00 13.86 3.96
N LYS D 351 21.16 12.54 3.87
CA LYS D 351 20.57 11.76 2.77
C LYS D 351 20.39 10.32 3.26
N VAL D 352 19.21 9.76 3.04
CA VAL D 352 18.87 8.45 3.58
C VAL D 352 19.21 7.39 2.55
N VAL D 353 20.04 6.43 2.94
CA VAL D 353 20.50 5.37 2.06
C VAL D 353 20.12 4.02 2.67
N GLU D 354 20.10 2.99 1.81
CA GLU D 354 19.74 1.65 2.23
C GLU D 354 21.00 0.86 2.56
C1 NAG E . 14.21 20.49 -19.40
C2 NAG E . 15.51 20.88 -18.70
C3 NAG E . 15.21 21.45 -17.31
C4 NAG E . 14.17 22.55 -17.39
C5 NAG E . 12.94 22.07 -18.16
C6 NAG E . 11.92 23.15 -18.38
C7 NAG E . 16.94 19.12 -19.66
C8 NAG E . 17.82 17.95 -19.35
N2 NAG E . 16.40 19.73 -18.60
O3 NAG E . 16.41 21.94 -16.74
O4 NAG E . 13.78 22.95 -16.08
O5 NAG E . 13.34 21.60 -19.46
O6 NAG E . 10.76 22.65 -19.02
O7 NAG E . 16.73 19.49 -20.81
C1 NAG F . 14.10 -5.40 -34.51
C2 NAG F . 14.61 -6.66 -33.86
C3 NAG F . 14.88 -7.70 -34.92
C4 NAG F . 13.62 -7.92 -35.77
C5 NAG F . 13.00 -6.61 -36.24
C6 NAG F . 11.61 -6.79 -36.77
C7 NAG F . 15.84 -6.65 -31.75
C8 NAG F . 17.14 -6.34 -31.07
N2 NAG F . 15.80 -6.41 -33.06
O3 NAG F . 15.26 -8.92 -34.30
O4 NAG F . 13.95 -8.71 -36.91
O5 NAG F . 12.90 -5.66 -35.16
O6 NAG F . 10.69 -7.02 -35.71
O7 NAG F . 14.89 -7.10 -31.13
C1 NAG G . 16.75 16.15 -37.54
C2 NAG G . 15.61 16.59 -38.44
C3 NAG G . 16.06 17.73 -39.35
C4 NAG G . 16.65 18.86 -38.51
C5 NAG G . 17.72 18.34 -37.56
C6 NAG G . 18.20 19.38 -36.58
C7 NAG G . 13.80 15.18 -39.33
C8 NAG G . 12.85 16.07 -38.59
N2 NAG G . 15.10 15.48 -39.23
O3 NAG G . 14.97 18.19 -40.13
O4 NAG G . 17.22 19.85 -39.36
O5 NAG G . 17.20 17.25 -36.77
O6 NAG G . 18.97 18.80 -35.54
O7 NAG G . 13.41 14.22 -40.00
C1 NAG H . 37.62 -2.59 -27.40
C2 NAG H . 38.14 -3.37 -26.22
C3 NAG H . 39.57 -2.95 -25.91
C4 NAG H . 40.43 -3.04 -27.17
C5 NAG H . 39.77 -2.36 -28.36
C6 NAG H . 40.48 -2.63 -29.67
C7 NAG H . 36.26 -3.98 -24.75
C8 NAG H . 35.47 -3.62 -23.52
N2 NAG H . 37.28 -3.17 -25.05
O3 NAG H . 40.10 -3.81 -24.91
O4 NAG H . 41.68 -2.39 -26.92
O5 NAG H . 38.43 -2.83 -28.52
O6 NAG H . 39.68 -3.42 -30.53
O7 NAG H . 35.99 -4.97 -25.43
C1 NAG I . 40.01 5.85 -31.47
C2 NAG I . 40.39 5.12 -30.20
C3 NAG I . 41.74 4.46 -30.38
C4 NAG I . 41.72 3.54 -31.59
C5 NAG I . 41.21 4.27 -32.83
C6 NAG I . 40.96 3.34 -33.99
C7 NAG I . 39.81 5.69 -27.89
C8 NAG I . 39.19 4.32 -27.81
N2 NAG I . 40.38 6.02 -29.06
O3 NAG I . 42.07 3.73 -29.20
O4 NAG I . 43.03 3.05 -31.85
O5 NAG I . 39.96 4.94 -32.56
O6 NAG I . 39.95 3.85 -34.86
O7 NAG I . 39.82 6.46 -26.93
C10 7IT J . 25.59 -0.33 -13.83
C13 7IT J . 23.99 -3.95 -13.70
C15 7IT J . 23.63 -5.39 -15.79
C17 7IT J . 22.97 -5.62 -17.21
C20 7IT J . 22.67 -7.26 -19.22
C21 7IT J . 22.54 -6.30 -20.24
C22 7IT J . 21.98 -6.70 -21.44
C24 7IT J . 21.57 -7.99 -21.62
C26 7IT J . 21.67 -8.95 -20.61
N 7IT J . 25.38 2.52 -14.05
C 7IT J . 26.20 3.65 -13.73
C00 7IT J . 24.76 1.87 -12.83
C02 7IT J . 24.46 -7.06 -11.57
C04 7IT J . 23.21 -4.89 -11.46
C05 7IT J . 22.81 -4.20 -12.79
C06 7IT J . 22.26 -2.84 -12.41
C07 7IT J . 23.30 -1.78 -12.81
C08 7IT J . 23.42 -0.38 -12.56
C09 7IT J . 24.58 0.36 -13.08
C11 7IT J . 25.46 -1.75 -14.08
C12 7IT J . 24.34 -2.47 -13.56
C27 7IT J . 22.24 -8.55 -19.38
C31 7IT J . 20.74 -2.57 -12.51
C32 7IT J . 19.96 -3.14 -11.31
C33 7IT J . 18.38 -3.12 -11.48
C34 7IT J . 17.66 -3.86 -10.34
F23 7IT J . 21.87 -5.78 -22.44
N01 7IT J . 25.51 -6.40 -11.52
N03 7IT J . 23.13 -6.32 -11.55
N14 7IT J . 23.40 -4.15 -15.06
N19 7IT J . 23.24 -6.89 -17.87
N28 7IT J . 24.53 -8.34 -11.64
O16 7IT J . 24.33 -6.20 -15.29
O18 7IT J . 22.30 -4.80 -17.70
O31 7IT J . 17.91 -1.84 -11.55
O32 7IT J . 16.30 -4.14 -10.76
CL25 7IT J . 20.84 -8.47 -23.21
C1 NAG K . -28.06 -21.69 7.11
C2 NAG K . -28.55 -21.86 8.55
C3 NAG K . -27.47 -22.48 9.43
C4 NAG K . -26.94 -23.76 8.80
C5 NAG K . -26.50 -23.49 7.36
C6 NAG K . -26.04 -24.73 6.63
C7 NAG K . -30.24 -20.11 8.98
C8 NAG K . -30.50 -18.78 9.60
N2 NAG K . -28.99 -20.58 9.10
O3 NAG K . -28.00 -22.75 10.72
O4 NAG K . -25.84 -24.26 9.55
O5 NAG K . -27.60 -22.95 6.61
O6 NAG K . -26.61 -25.91 7.19
O7 NAG K . -31.11 -20.75 8.40
C1 NAG L . -37.34 2.00 -7.04
C2 NAG L . -37.03 3.44 -6.61
C3 NAG L . -38.10 4.39 -7.12
C4 NAG L . -38.25 4.25 -8.63
C5 NAG L . -38.51 2.79 -9.01
C6 NAG L . -38.50 2.57 -10.50
C7 NAG L . -35.81 4.01 -4.56
C8 NAG L . -35.85 4.05 -3.06
N2 NAG L . -36.91 3.54 -5.15
O3 NAG L . -37.77 5.73 -6.78
O4 NAG L . -39.33 5.06 -9.09
O5 NAG L . -37.49 1.96 -8.47
O6 NAG L . -37.19 2.31 -10.98
O7 NAG L . -34.82 4.37 -5.19
C1 NAG M . -43.50 -17.77 -1.27
C2 NAG M . -44.48 -18.59 -2.13
C3 NAG M . -45.55 -19.22 -1.25
C4 NAG M . -44.91 -20.04 -0.13
C5 NAG M . -43.96 -19.15 0.66
C6 NAG M . -43.22 -19.89 1.75
C7 NAG M . -44.83 -17.93 -4.46
C8 NAG M . -43.87 -19.01 -4.83
N2 NAG M . -45.09 -17.77 -3.16
O3 NAG M . -46.39 -20.06 -2.04
O4 NAG M . -45.91 -20.57 0.74
O5 NAG M . -42.97 -18.60 -0.22
O6 NAG M . -42.46 -19.00 2.55
O7 NAG M . -45.37 -17.22 -5.32
C1 NAG N . -45.08 6.57 15.09
C2 NAG N . -44.16 7.15 16.16
C3 NAG N . -44.65 6.72 17.54
C4 NAG N . -46.10 7.11 17.74
C5 NAG N . -46.96 6.55 16.60
C6 NAG N . -48.39 7.04 16.66
C7 NAG N . -41.85 7.56 15.42
C8 NAG N . -40.47 6.98 15.28
N2 NAG N . -42.78 6.75 15.95
O3 NAG N . -43.83 7.31 18.55
O4 NAG N . -46.58 6.59 18.97
O5 NAG N . -46.44 6.99 15.34
O6 NAG N . -48.82 7.56 15.41
O7 NAG N . -42.12 8.70 15.06
C1 NAG O . -50.50 -1.07 16.44
C2 NAG O . -49.68 -0.63 17.67
C3 NAG O . -50.62 0.00 18.70
C4 NAG O . -51.38 1.16 18.08
C5 NAG O . -52.14 0.66 16.83
C6 NAG O . -52.82 1.78 16.09
C7 NAG O . -47.74 -1.63 18.81
C8 NAG O . -47.13 -0.26 18.79
N2 NAG O . -48.95 -1.74 18.25
O3 NAG O . -49.89 0.47 19.83
O4 NAG O . -52.32 1.69 19.00
O5 NAG O . -51.23 0.05 15.91
O6 NAG O . -53.69 1.28 15.10
O7 NAG O . -47.16 -2.59 19.30
C10 7IT P . -27.46 1.35 14.31
C13 7IT P . -26.06 4.39 12.17
C15 7IT P . -27.45 5.57 10.37
C17 7IT P . -28.26 5.55 9.01
C20 7IT P . -29.59 6.96 7.26
C21 7IT P . -30.50 5.95 6.86
C22 7IT P . -31.16 6.14 5.65
C24 7IT P . -30.93 7.25 4.87
C26 7IT P . -30.03 8.23 5.27
N 7IT P . -27.87 -1.45 14.75
C 7IT P . -28.18 -2.29 15.88
C00 7IT P . -26.44 -0.95 14.75
C02 7IT P . -24.16 7.59 12.90
C04 7IT P . -23.67 5.16 12.52
C05 7IT P . -24.65 4.33 11.66
C06 7IT P . -24.20 2.89 11.78
C07 7IT P . -25.21 2.15 12.66
C08 7IT P . -25.24 0.85 13.25
C09 7IT P . -26.37 0.45 14.08
C11 7IT P . -27.43 2.67 13.71
C12 7IT P . -26.31 3.07 12.91
C27 7IT P . -29.35 8.05 6.50
C31 7IT P . -23.50 2.20 10.58
C32 7IT P . -22.01 2.58 10.46
C33 7IT P . -21.32 2.10 9.11
C34 7IT P . -19.90 2.66 8.96
F23 7IT P . -32.05 5.19 5.25
N01 7IT P . -24.75 7.25 13.94
N03 7IT P . -23.52 6.50 12.03
N14 7IT P . -26.87 4.34 10.91
N19 7IT P . -28.82 6.81 8.55
N28 7IT P . -24.11 8.83 12.59
O16 7IT P . -27.31 6.57 11.00
O18 7IT P . -28.42 4.56 8.41
O31 7IT P . -21.28 0.75 9.02
O32 7IT P . -19.49 2.53 7.58
CL25 7IT P . -31.82 7.44 3.31
C1 NAG Q . -15.04 -17.23 22.33
C2 NAG Q . -16.17 -17.98 21.61
C3 NAG Q . -17.15 -16.97 21.01
C4 NAG Q . -17.63 -16.00 22.07
C5 NAG Q . -16.45 -15.35 22.77
C6 NAG Q . -16.85 -14.45 23.92
C7 NAG Q . -15.29 -20.13 20.84
C8 NAG Q . -14.76 -20.90 19.67
N2 NAG Q . -15.65 -18.86 20.59
O3 NAG Q . -18.25 -17.68 20.45
O4 NAG Q . -18.42 -14.97 21.45
O5 NAG Q . -15.59 -16.37 23.32
O6 NAG Q . -15.84 -13.50 24.21
O7 NAG Q . -15.39 -20.62 21.96
C1 NAG R . 11.10 -30.78 20.59
C2 NAG R . 11.75 -31.19 19.26
C3 NAG R . 12.92 -32.16 19.51
C4 NAG R . 13.89 -31.59 20.54
C5 NAG R . 13.13 -31.20 21.81
C6 NAG R . 14.01 -30.50 22.81
C7 NAG R . 10.60 -31.44 17.11
C8 NAG R . 9.55 -32.19 16.35
N2 NAG R . 10.77 -31.82 18.38
O3 NAG R . 13.61 -32.37 18.28
O4 NAG R . 14.87 -32.57 20.87
O5 NAG R . 12.09 -30.27 21.47
O6 NAG R . 14.64 -29.36 22.26
O7 NAG R . 11.25 -30.53 16.59
C1 NAG S . -6.43 -29.12 32.62
C2 NAG S . -6.35 -29.17 34.14
C3 NAG S . -7.34 -30.20 34.68
C4 NAG S . -8.75 -29.88 34.18
C5 NAG S . -8.75 -29.79 32.65
C6 NAG S . -10.08 -29.35 32.10
C7 NAG S . -4.24 -28.62 35.28
C8 NAG S . -4.87 -27.29 35.58
N2 NAG S . -5.00 -29.48 34.58
O3 NAG S . -7.31 -30.17 36.11
O4 NAG S . -9.65 -30.89 34.60
O5 NAG S . -7.78 -28.83 32.22
O6 NAG S . -9.95 -28.86 30.77
O7 NAG S . -3.11 -28.90 35.64
C1 NAG T . -2.73 -46.38 8.89
C2 NAG T . -3.03 -46.22 7.40
C3 NAG T . -4.32 -46.96 7.04
C4 NAG T . -4.26 -48.41 7.50
C5 NAG T . -3.92 -48.47 8.98
C6 NAG T . -3.74 -49.89 9.49
C7 NAG T . -2.39 -44.27 6.06
C8 NAG T . -2.63 -42.80 5.81
N2 NAG T . -3.12 -44.82 7.03
O3 NAG T . -4.52 -46.91 5.64
O4 NAG T . -5.51 -49.04 7.27
O5 NAG T . -2.70 -47.78 9.24
O6 NAG T . -2.45 -50.07 10.06
O7 NAG T . -1.57 -44.90 5.42
C1 NAG U . -9.48 -48.33 15.80
C2 NAG U . -10.06 -48.25 14.38
C3 NAG U . -10.53 -49.64 13.93
C4 NAG U . -9.39 -50.63 14.02
C5 NAG U . -8.87 -50.67 15.45
C6 NAG U . -7.66 -51.58 15.61
C7 NAG U . -11.36 -46.50 13.24
C8 NAG U . -10.40 -46.64 12.09
N2 NAG U . -11.14 -47.29 14.30
O3 NAG U . -11.05 -49.59 12.61
O4 NAG U . -9.81 -51.92 13.61
O5 NAG U . -8.45 -49.36 15.86
O6 NAG U . -6.45 -50.86 15.39
O7 NAG U . -12.29 -45.70 13.21
C1 NAG V . -6.05 -45.89 29.91
C2 NAG V . -7.35 -46.66 30.24
C3 NAG V . -7.12 -47.69 31.35
C4 NAG V . -5.95 -48.60 31.01
C5 NAG V . -4.71 -47.75 30.84
C6 NAG V . -3.48 -48.56 30.49
C7 NAG V . -9.36 -45.33 29.79
C8 NAG V . -10.37 -44.40 30.37
N2 NAG V . -8.41 -45.75 30.63
O3 NAG V . -8.29 -48.48 31.52
O4 NAG V . -5.75 -49.57 32.04
O5 NAG V . -4.92 -46.82 29.77
O6 NAG V . -2.30 -47.76 30.55
O7 NAG V . -9.40 -45.69 28.62
C10 7IT W . -5.03 -29.23 3.18
C13 7IT W . -1.35 -28.64 1.78
C15 7IT W . 0.71 -29.71 2.84
C17 7IT W . 1.68 -29.92 4.07
C20 7IT W . 3.88 -31.05 4.92
C21 7IT W . 3.48 -31.25 6.26
C22 7IT W . 4.48 -31.48 7.20
C24 7IT W . 5.80 -31.50 6.83
C26 7IT W . 6.19 -31.29 5.51
N 7IT W . -7.23 -28.54 4.87
C 7IT W . -8.64 -28.82 4.91
C00 7IT W . -6.85 -27.54 3.80
C02 7IT W . 0.28 -28.64 -1.64
C04 7IT W . -1.03 -27.07 -0.19
C05 7IT W . -0.96 -27.25 1.35
C06 7IT W . -2.00 -26.30 1.93
C07 7IT W . -3.18 -27.13 2.43
C08 7IT W . -4.49 -26.81 2.90
C09 7IT W . -5.42 -27.86 3.28
C11 7IT W . -3.70 -29.57 2.70
C12 7IT W . -2.80 -28.53 2.31
C27 7IT W . 5.18 -31.05 4.55
C31 7IT W . -1.53 -25.01 2.66
C32 7IT W . -1.13 -23.88 1.70
C33 7IT W . -0.41 -22.65 2.40
C34 7IT W . 0.11 -21.65 1.36
F23 7IT W . 4.11 -31.69 8.49
N01 7IT W . -0.74 -29.34 -1.70
N03 7IT W . 0.23 -27.35 -0.81
N14 7IT W . -0.48 -28.87 2.97
N19 7IT W . 2.84 -30.77 3.86
N28 7IT W . 1.34 -29.01 -2.24
O16 7IT W . 0.92 -30.22 1.78
O18 7IT W . 1.47 -29.43 5.11
O31 7IT W . -1.25 -22.00 3.25
O32 7IT W . 1.08 -20.78 2.02
CL25 7IT W . 7.06 -31.81 8.09
C1 NAG X . 20.90 18.89 -8.24
C2 NAG X . 19.78 19.97 -8.11
C3 NAG X . 19.98 21.18 -9.05
C4 NAG X . 21.42 21.63 -9.07
C5 NAG X . 22.30 20.45 -9.42
C6 NAG X . 23.76 20.81 -9.58
C7 NAG X . 17.84 18.84 -9.29
C8 NAG X . 18.59 18.85 -10.59
N2 NAG X . 18.44 19.40 -8.21
O3 NAG X . 19.14 22.24 -8.62
O4 NAG X . 21.61 22.65 -10.05
O5 NAG X . 22.20 19.52 -8.34
O6 NAG X . 24.60 19.68 -9.43
O7 NAG X . 16.71 18.36 -9.22
C1 NAG Y . 27.91 23.69 -5.36
C2 NAG Y . 27.73 24.58 -6.58
C3 NAG Y . 27.67 23.73 -7.85
C4 NAG Y . 28.92 22.84 -7.93
C5 NAG Y . 29.11 22.04 -6.64
C6 NAG Y . 30.42 21.29 -6.61
C7 NAG Y . 26.54 26.64 -5.97
C8 NAG Y . 25.22 27.34 -5.93
N2 NAG Y . 26.53 25.40 -6.47
O3 NAG Y . 27.60 24.57 -8.99
O4 NAG Y . 28.78 21.93 -9.02
O5 NAG Y . 29.11 22.92 -5.50
O6 NAG Y . 30.58 20.57 -5.40
O7 NAG Y . 27.58 27.17 -5.56
C1 NAG Z . 13.55 31.18 19.02
C2 NAG Z . 12.06 31.50 19.15
C3 NAG Z . 11.82 32.37 20.38
C4 NAG Z . 12.32 31.64 21.62
C5 NAG Z . 13.80 31.28 21.45
C6 NAG Z . 14.30 30.40 22.57
C7 NAG Z . 10.60 31.60 17.18
C8 NAG Z . 10.18 32.41 15.99
N2 NAG Z . 11.55 32.15 17.95
O3 NAG Z . 10.44 32.66 20.50
O4 NAG Z . 12.15 32.46 22.77
O5 NAG Z . 14.01 30.55 20.23
O6 NAG Z . 13.94 29.04 22.34
O7 NAG Z . 10.11 30.51 17.44
C1 NAG AA . 20.86 26.64 -14.80
C2 NAG AA . 21.24 25.36 -15.56
C3 NAG AA . 22.10 25.69 -16.78
C4 NAG AA . 21.41 26.74 -17.65
C5 NAG AA . 20.98 27.95 -16.83
C6 NAG AA . 20.14 28.92 -17.61
C7 NAG AA . 22.99 24.34 -14.03
C8 NAG AA . 23.83 25.59 -14.10
N2 NAG AA . 21.83 24.32 -14.72
O3 NAG AA . 22.35 24.51 -17.52
O4 NAG AA . 22.30 27.17 -18.67
O5 NAG AA . 20.18 27.54 -15.70
O6 NAG AA . 18.91 29.21 -16.96
O7 NAG AA . 23.35 23.37 -13.37
C1 NAG BA . 31.95 34.16 8.67
C2 NAG BA . 33.24 34.35 9.47
C3 NAG BA . 33.96 35.60 8.99
C4 NAG BA . 34.23 35.50 7.49
C5 NAG BA . 32.91 35.28 6.74
C6 NAG BA . 33.11 35.04 5.26
C7 NAG BA . 33.51 33.57 11.77
C8 NAG BA . 34.39 32.50 11.21
N2 NAG BA . 32.98 34.42 10.89
O3 NAG BA . 35.19 35.73 9.69
O4 NAG BA . 34.86 36.68 7.01
O5 NAG BA . 32.25 34.12 7.26
O6 NAG BA . 31.89 35.10 4.55
O7 NAG BA . 33.28 33.65 12.98
C1 NAG CA . 6.63 48.92 4.33
C2 NAG CA . 5.42 48.76 3.41
C3 NAG CA . 5.55 49.70 2.23
C4 NAG CA . 5.71 51.14 2.71
C5 NAG CA . 6.90 51.23 3.68
C6 NAG CA . 7.01 52.60 4.32
C7 NAG CA . 4.33 46.56 3.45
C8 NAG CA . 4.31 45.18 2.88
N2 NAG CA . 5.27 47.38 2.98
O3 NAG CA . 4.39 49.58 1.40
O4 NAG CA . 5.94 52.00 1.61
O5 NAG CA . 6.73 50.29 4.75
O6 NAG CA . 6.64 52.55 5.69
O7 NAG CA . 3.52 46.92 4.31
C1 NAG DA . 15.09 52.07 1.80
C2 NAG DA . 14.10 52.07 0.64
C3 NAG DA . 13.69 53.51 0.31
C4 NAG DA . 13.10 54.17 1.55
C5 NAG DA . 14.11 54.12 2.70
C6 NAG DA . 13.54 54.65 3.99
C7 NAG DA . 13.95 50.66 -1.38
C8 NAG DA . 12.49 50.49 -1.05
N2 NAG DA . 14.66 51.43 -0.54
O3 NAG DA . 12.74 53.53 -0.75
O4 NAG DA . 12.77 55.52 1.27
O5 NAG DA . 14.51 52.76 2.95
O6 NAG DA . 14.19 54.07 5.12
O7 NAG DA . 14.45 50.14 -2.37
C10 7IT EA . 5.01 31.81 -3.19
C13 7IT EA . 2.31 30.34 -0.67
C15 7IT EA . 2.21 31.02 1.79
C17 7IT EA . 2.87 31.13 3.24
C20 7IT EA . 2.53 31.82 5.72
C21 7IT EA . 3.86 32.19 6.00
C22 7IT EA . 4.24 32.27 7.35
C24 7IT EA . 3.35 31.99 8.34
C26 7IT EA . 2.04 31.61 8.06
N 7IT EA . 7.57 31.72 -4.49
C 7IT EA . 8.16 32.28 -5.66
C00 7IT EA . 6.60 30.58 -4.79
C02 7IT EA . -1.43 29.77 -0.74
C04 7IT EA . 0.66 28.60 -1.50
C05 7IT EA . 1.97 28.89 -0.73
C06 7IT EA . 3.08 28.22 -1.54
C07 7IT EA . 3.89 29.31 -2.23
C08 7IT EA . 4.92 29.30 -3.23
C09 7IT EA . 5.49 30.56 -3.71
C11 7IT EA . 3.98 31.82 -2.18
C12 7IT EA . 3.41 30.58 -1.72
C27 7IT EA . 1.64 31.52 6.71
C31 7IT EA . 3.73 26.92 -1.00
C32 7IT EA . 2.87 25.67 -1.26
C33 7IT EA . 3.39 24.36 -0.51
C34 7IT EA . 2.40 23.20 -0.67
F23 7IT EA . 5.52 32.64 7.63
N01 7IT EA . -1.17 30.67 -1.56
N03 7IT EA . -0.48 28.59 -0.63
N14 7IT EA . 2.96 30.47 0.67
N19 7IT EA . 2.05 31.69 4.30
N28 7IT EA . -2.48 29.87 -0.02
O16 7IT EA . 1.10 31.41 1.59
O18 7IT EA . 3.96 30.76 3.43
O31 7IT EA . 4.61 23.96 -0.97
O32 7IT EA . 2.72 22.19 0.33
CL25 7IT EA . 3.90 32.11 10.06
C1 NAG FA . -24.12 -17.81 18.14
C2 NAG FA . -22.65 -17.98 18.48
C3 NAG FA . -22.45 -19.09 19.50
C4 NAG FA . -23.34 -18.84 20.71
C5 NAG FA . -24.78 -18.52 20.32
C6 NAG FA . -25.61 -18.01 21.48
C7 NAG FA . -21.77 -19.06 16.35
C8 NAG FA . -22.78 -20.17 16.45
N2 NAG FA . -21.77 -18.11 17.32
O3 NAG FA . -21.09 -19.15 19.89
O4 NAG FA . -23.35 -19.99 21.56
O5 NAG FA . -24.85 -17.50 19.31
O6 NAG FA . -26.18 -16.74 21.18
O7 NAG FA . -20.97 -19.02 15.42
C1 NAG GA . -20.59 -19.85 11.43
C2 NAG GA . -20.97 -18.40 11.25
C3 NAG GA . -22.48 -18.20 11.45
C4 NAG GA . -23.24 -19.15 10.54
C5 NAG GA . -22.77 -20.59 10.74
C6 NAG GA . -23.42 -21.56 9.77
C7 NAG GA . -20.07 -17.35 13.39
C8 NAG GA . -20.86 -18.31 14.25
N2 NAG GA . -20.19 -17.46 12.04
O3 NAG GA . -22.82 -16.86 11.17
O4 NAG GA . -24.64 -19.07 10.84
O5 NAG GA . -21.36 -20.68 10.53
O6 NAG GA . -22.46 -22.09 8.86
O7 NAG GA . -19.35 -16.49 13.89
#